data_4LSX
#
_entry.id   4LSX
#
_cell.length_a   69.896
_cell.length_b   69.896
_cell.length_c   873.547
_cell.angle_alpha   90.00
_cell.angle_beta   90.00
_cell.angle_gamma   120.00
#
_symmetry.space_group_name_H-M   'P 65'
#
loop_
_entity.id
_entity.type
_entity.pdbx_description
1 polymer 'Protein BRASSINOSTEROID INSENSITIVE 1'
2 polymer 'Somatic embryogenesis receptor kinase 1'
3 branched alpha-D-mannopyranose-(1-3)-beta-D-mannopyranose-(1-4)-2-acetamido-2-deoxy-beta-D-glucopyranose-(1-4)-2-acetamido-2-deoxy-beta-D-glucopyranose
4 branched 2-acetamido-2-deoxy-beta-D-glucopyranose-(1-4)-2-acetamido-2-deoxy-beta-D-glucopyranose
5 branched alpha-D-mannopyranose-(1-3)-[alpha-D-mannopyranose-(1-4)]beta-D-mannopyranose-(1-4)-2-acetamido-2-deoxy-beta-D-glucopyranose-(1-4)-2-acetamido-2-deoxy-beta-D-glucopyranose
6 branched beta-D-mannopyranose-(1-4)-2-acetamido-2-deoxy-beta-D-glucopyranose-(1-4)-2-acetamido-2-deoxy-beta-D-glucopyranose
7 non-polymer Brassinolide
8 non-polymer 2-acetamido-2-deoxy-beta-D-glucopyranose
#
loop_
_entity_poly.entity_id
_entity_poly.type
_entity_poly.pdbx_seq_one_letter_code
_entity_poly.pdbx_strand_id
1 'polypeptide(L)'
;GSSMGSQSLYREIHQLISFKDVLPDKNLLPDWSSNKNPCTFDGVTCRDDKVTSIDLSSKPLNVGFSAVSSSLLSLTGLES
LFLSNSHINGSVSGFKCSASLTSLDLSRNSLSGPVTTLTSLGSCSGLKFLNVSSNTLDFPGKVSGGLKLNSLEVLDLSAN
SISGANVVGWVLSDGCGELKHLAISGNKISGDVDVSRCVNLEFLDVSSNNFSTGIPFLGDCSALQHLDISGNKLSGDFSR
AISTCTELKLLNISSNQFVGPIPPLPLKSLQYLSLAENKFTGEIPDFLSGACDTLTGLDLSGNHFYGAVPPFFGSCSLLE
SLALSSNNFSGELPMDTLLKMRGLKVLDLSFNEFSGELPESLTNLSASLLTLDLSSNNFSGPILPNLCQNPKNTLQELYL
QNNGFTGKIPPTLSNCSELVSLHLSFNYLSGTIPSSLGSLSKLRDLKLWLNMLEGEIPQELMYVKTLETLILDFNDLTGE
IPSGLSNCTNLNWISLSNNRLTGEIPKWIGRLENLAILKLSNNSFSGNIPAELGDCRSLIWLDLNTNLFNGTIPAAMFKQ
SGKIAANFIAGKRYVYIKNDGMKKECHGAGNLLEFQGIRSEQLNRLSTRNPCNITSRVYEGHTSPTFDNNGSMMFLDMSY
NMLSGYIPKEIGSMPYLFILNLGHNDISGSIPDEVGDLRGLNILDLSSNKLDGRIPQAMSALTMLTEIDLSNNNLSGPIP
EMGQFETFPPAKFLNNPGLCGYPLPRCDPSNADGYAHHQRSHGRRLENLYFQGA
;
A,B
2 'polypeptide(L)'
;GSSMASANLEGDALHTLRVTLVDPNNVLQSWDPTLVNPCTWFHVTCNNENSVIRVDLGNAELSGHLVPELGVLKNLQYLE
LYSNNITGPIPSNLGNLTNLVSLDLYLNSFSGPIPESLGKLSKLRFLRLNNNSLTGSIPMSLTNITTLQVLDLSNNRLSG
SVPDNGSFSLFTPISFANNLDLCGPVTSHPCPGSLENLYFQGA
;
C,D
#
loop_
_chem_comp.id
_chem_comp.type
_chem_comp.name
_chem_comp.formula
BLD non-polymer Brassinolide 'C28 H48 O6'
BMA D-saccharide, beta linking beta-D-mannopyranose 'C6 H12 O6'
MAN D-saccharide, alpha linking alpha-D-mannopyranose 'C6 H12 O6'
NAG D-saccharide, beta linking 2-acetamido-2-deoxy-beta-D-glucopyranose 'C8 H15 N O6'
#
# COMPACT_ATOMS: atom_id res chain seq x y z
N SER A 8 13.71 -14.47 -27.89
CA SER A 8 13.30 -13.51 -26.85
C SER A 8 14.16 -13.61 -25.61
N LEU A 9 14.09 -14.75 -24.91
CA LEU A 9 14.83 -14.94 -23.65
C LEU A 9 16.33 -14.69 -23.77
N TYR A 10 16.94 -15.14 -24.86
CA TYR A 10 18.36 -14.91 -25.10
C TYR A 10 18.71 -13.42 -25.16
N ARG A 11 18.04 -12.67 -26.03
CA ARG A 11 18.26 -11.23 -26.13
C ARG A 11 17.74 -10.49 -24.89
N GLU A 12 16.80 -11.12 -24.20
CA GLU A 12 16.27 -10.60 -22.95
C GLU A 12 17.39 -10.50 -21.94
N ILE A 13 17.92 -11.66 -21.56
CA ILE A 13 19.01 -11.71 -20.59
C ILE A 13 20.23 -10.96 -21.11
N HIS A 14 20.47 -11.02 -22.42
CA HIS A 14 21.62 -10.31 -22.98
C HIS A 14 21.46 -8.79 -22.89
N GLN A 15 20.24 -8.30 -23.05
CA GLN A 15 19.94 -6.88 -22.91
C GLN A 15 20.03 -6.47 -21.45
N LEU A 16 19.59 -7.35 -20.56
CA LEU A 16 19.65 -7.08 -19.13
C LEU A 16 21.10 -6.94 -18.70
N ILE A 17 21.94 -7.88 -19.13
CA ILE A 17 23.36 -7.83 -18.81
C ILE A 17 24.06 -6.65 -19.50
N SER A 18 23.65 -6.35 -20.72
CA SER A 18 24.21 -5.23 -21.47
C SER A 18 23.88 -3.92 -20.79
N PHE A 19 22.78 -3.91 -20.04
CA PHE A 19 22.44 -2.77 -19.21
C PHE A 19 23.25 -2.79 -17.91
N LYS A 20 23.43 -4.00 -17.37
CA LYS A 20 24.20 -4.19 -16.14
C LYS A 20 25.64 -3.72 -16.30
N ASP A 21 26.13 -3.73 -17.55
CA ASP A 21 27.50 -3.32 -17.84
C ASP A 21 27.73 -1.81 -17.74
N VAL A 22 26.64 -1.04 -17.74
CA VAL A 22 26.75 0.42 -17.79
C VAL A 22 26.73 1.05 -16.40
N LEU A 23 26.59 0.22 -15.37
CA LEU A 23 26.47 0.70 -14.01
C LEU A 23 27.84 0.92 -13.35
N PRO A 24 28.11 2.16 -12.92
CA PRO A 24 29.36 2.55 -12.25
C PRO A 24 29.70 1.69 -11.03
N ASP A 25 28.67 1.09 -10.42
CA ASP A 25 28.90 0.17 -9.32
C ASP A 25 28.83 -1.25 -9.86
N LYS A 26 29.98 -1.92 -9.90
CA LYS A 26 30.10 -3.22 -10.55
C LYS A 26 29.20 -4.26 -9.89
N ASN A 27 29.06 -4.18 -8.58
CA ASN A 27 28.09 -5.00 -7.90
C ASN A 27 26.85 -4.16 -7.61
N LEU A 28 25.81 -4.41 -8.39
CA LEU A 28 24.56 -3.68 -8.28
C LEU A 28 23.40 -4.65 -8.25
N LEU A 29 23.22 -5.36 -9.36
CA LEU A 29 22.23 -6.41 -9.45
C LEU A 29 22.83 -7.74 -8.99
N PRO A 30 22.40 -8.21 -7.81
CA PRO A 30 22.98 -9.40 -7.15
C PRO A 30 22.71 -10.71 -7.89
N ASP A 31 21.48 -10.91 -8.36
CA ASP A 31 21.11 -12.17 -8.98
C ASP A 31 21.23 -12.14 -10.50
N TRP A 32 21.61 -10.98 -11.04
CA TRP A 32 21.75 -10.86 -12.48
C TRP A 32 23.07 -11.42 -12.96
N SER A 33 22.98 -12.47 -13.78
CA SER A 33 24.13 -13.02 -14.47
C SER A 33 23.65 -13.85 -15.65
N SER A 34 24.54 -14.09 -16.60
CA SER A 34 24.26 -15.07 -17.64
C SER A 34 24.26 -16.44 -16.98
N ASN A 35 23.69 -17.43 -17.68
CA ASN A 35 23.50 -18.78 -17.15
C ASN A 35 22.49 -18.87 -16.01
N LYS A 36 21.55 -17.94 -15.99
CA LYS A 36 20.47 -17.96 -15.01
C LYS A 36 19.17 -17.53 -15.65
N ASN A 37 18.06 -18.14 -15.20
CA ASN A 37 16.74 -17.74 -15.66
C ASN A 37 16.48 -16.31 -15.24
N PRO A 38 16.27 -15.41 -16.23
CA PRO A 38 15.98 -14.01 -15.96
C PRO A 38 14.79 -13.85 -15.02
N CYS A 39 13.81 -14.75 -15.14
CA CYS A 39 12.61 -14.72 -14.32
C CYS A 39 12.88 -14.96 -12.84
N THR A 40 14.10 -15.38 -12.53
CA THR A 40 14.49 -15.60 -11.14
C THR A 40 15.16 -14.36 -10.53
N PHE A 41 15.21 -13.28 -11.31
CA PHE A 41 15.94 -12.09 -10.88
C PHE A 41 15.15 -11.26 -9.88
N ASP A 42 15.86 -10.52 -9.03
CA ASP A 42 15.24 -9.60 -8.09
C ASP A 42 14.71 -8.38 -8.81
N GLY A 43 13.53 -7.93 -8.41
CA GLY A 43 12.89 -6.77 -9.02
C GLY A 43 12.36 -7.07 -10.41
N VAL A 44 12.49 -8.32 -10.84
CA VAL A 44 11.99 -8.73 -12.14
C VAL A 44 10.89 -9.77 -11.99
N THR A 45 9.72 -9.46 -12.51
CA THR A 45 8.58 -10.38 -12.49
C THR A 45 8.32 -10.91 -13.89
N CYS A 46 8.52 -12.21 -14.07
CA CYS A 46 8.36 -12.83 -15.38
C CYS A 46 7.16 -13.77 -15.43
N ARG A 47 6.44 -13.74 -16.54
CA ARG A 47 5.26 -14.57 -16.71
C ARG A 47 5.43 -15.52 -17.91
N ASP A 48 5.31 -16.81 -17.65
CA ASP A 48 5.43 -17.84 -18.68
C ASP A 48 6.73 -17.73 -19.46
N ASP A 49 7.85 -17.55 -18.74
CA ASP A 49 9.17 -17.38 -19.33
C ASP A 49 9.21 -16.25 -20.35
N LYS A 50 8.39 -15.23 -20.13
CA LYS A 50 8.40 -14.00 -20.91
C LYS A 50 8.31 -12.85 -19.93
N VAL A 51 9.18 -11.85 -20.08
CA VAL A 51 9.24 -10.78 -19.08
C VAL A 51 8.15 -9.75 -19.28
N THR A 52 7.23 -9.67 -18.32
CA THR A 52 6.19 -8.66 -18.34
C THR A 52 6.44 -7.51 -17.38
N SER A 53 7.46 -7.62 -16.53
CA SER A 53 7.69 -6.60 -15.51
C SER A 53 9.12 -6.50 -15.00
N ILE A 54 9.54 -5.28 -14.68
CA ILE A 54 10.82 -5.03 -13.99
C ILE A 54 10.64 -3.91 -12.96
N ASP A 55 11.02 -4.15 -11.71
CA ASP A 55 10.97 -3.09 -10.71
C ASP A 55 12.35 -2.80 -10.12
N LEU A 56 12.92 -1.67 -10.53
CA LEU A 56 14.20 -1.21 -9.99
C LEU A 56 14.07 -0.09 -8.96
N SER A 57 12.84 0.22 -8.55
CA SER A 57 12.59 1.37 -7.69
C SER A 57 13.43 1.34 -6.42
N SER A 58 13.82 2.53 -5.96
CA SER A 58 14.63 2.71 -4.75
C SER A 58 15.99 2.01 -4.83
N LYS A 59 16.47 1.79 -6.05
CA LYS A 59 17.82 1.26 -6.26
C LYS A 59 18.68 2.28 -6.99
N PRO A 60 19.72 2.79 -6.31
CA PRO A 60 20.63 3.84 -6.79
C PRO A 60 21.50 3.39 -7.96
N LEU A 61 20.91 3.27 -9.14
CA LEU A 61 21.62 2.82 -10.32
C LEU A 61 22.73 3.77 -10.79
N ASN A 62 22.50 5.07 -10.61
CA ASN A 62 23.45 6.11 -11.02
C ASN A 62 23.83 5.95 -12.50
N VAL A 63 22.81 5.80 -13.34
CA VAL A 63 22.98 5.61 -14.78
C VAL A 63 22.14 6.61 -15.60
N GLY A 64 22.48 6.80 -16.87
CA GLY A 64 21.73 7.69 -17.74
C GLY A 64 20.51 7.03 -18.36
N PHE A 65 19.54 7.84 -18.80
CA PHE A 65 18.31 7.34 -19.41
C PHE A 65 18.58 6.72 -20.78
N SER A 66 19.57 7.26 -21.48
CA SER A 66 19.94 6.79 -22.81
C SER A 66 20.28 5.32 -22.78
N ALA A 67 20.90 4.88 -21.69
CA ALA A 67 21.25 3.48 -21.50
C ALA A 67 20.00 2.64 -21.24
N VAL A 68 18.97 3.27 -20.69
CA VAL A 68 17.72 2.58 -20.38
C VAL A 68 16.85 2.36 -21.63
N SER A 69 16.73 3.40 -22.44
CA SER A 69 15.86 3.36 -23.62
C SER A 69 16.29 2.31 -24.65
N SER A 70 17.60 2.16 -24.83
CA SER A 70 18.12 1.19 -25.79
C SER A 70 17.95 -0.24 -25.32
N SER A 71 18.40 -0.51 -24.09
CA SER A 71 18.41 -1.88 -23.57
C SER A 71 17.05 -2.37 -23.06
N LEU A 72 16.52 -1.69 -22.05
CA LEU A 72 15.33 -2.22 -21.36
C LEU A 72 14.00 -1.95 -22.07
N LEU A 73 13.82 -0.74 -22.58
CA LEU A 73 12.54 -0.33 -23.16
C LEU A 73 12.28 -1.02 -24.50
N SER A 74 13.31 -1.61 -25.09
CA SER A 74 13.18 -2.30 -26.37
C SER A 74 12.66 -3.72 -26.19
N LEU A 75 12.46 -4.13 -24.94
CA LEU A 75 11.98 -5.47 -24.63
C LEU A 75 10.56 -5.71 -25.13
N THR A 76 10.38 -6.77 -25.91
CA THR A 76 9.07 -7.13 -26.43
C THR A 76 8.28 -7.87 -25.36
N GLY A 77 7.07 -7.39 -25.08
CA GLY A 77 6.21 -8.03 -24.12
C GLY A 77 6.31 -7.43 -22.73
N LEU A 78 7.19 -6.45 -22.57
CA LEU A 78 7.35 -5.81 -21.27
C LEU A 78 6.24 -4.80 -21.06
N GLU A 79 5.40 -5.04 -20.06
CA GLU A 79 4.28 -4.16 -19.76
C GLU A 79 4.63 -2.97 -18.88
N SER A 80 5.53 -3.16 -17.92
CA SER A 80 5.78 -2.12 -16.92
C SER A 80 7.23 -2.02 -16.45
N LEU A 81 7.69 -0.79 -16.25
CA LEU A 81 9.04 -0.51 -15.76
C LEU A 81 9.02 0.57 -14.69
N PHE A 82 9.50 0.25 -13.48
CA PHE A 82 9.45 1.23 -12.39
C PHE A 82 10.85 1.66 -11.99
N LEU A 83 11.19 2.88 -12.38
CA LEU A 83 12.51 3.46 -12.15
C LEU A 83 12.57 4.42 -10.97
N SER A 84 11.50 4.49 -10.19
CA SER A 84 11.39 5.48 -9.11
C SER A 84 12.59 5.47 -8.17
N ASN A 85 13.17 6.66 -7.95
CA ASN A 85 14.32 6.85 -7.07
C ASN A 85 15.53 5.98 -7.44
N SER A 86 15.76 5.80 -8.75
CA SER A 86 16.87 5.00 -9.23
C SER A 86 18.11 5.81 -9.58
N HIS A 87 18.07 7.10 -9.31
CA HIS A 87 19.18 8.02 -9.60
C HIS A 87 19.55 8.01 -11.07
N ILE A 88 18.55 8.18 -11.94
CA ILE A 88 18.79 8.21 -13.38
C ILE A 88 18.85 9.63 -13.92
N ASN A 89 19.91 9.94 -14.65
CA ASN A 89 20.06 11.28 -15.22
C ASN A 89 19.93 11.26 -16.75
N GLY A 90 20.12 12.42 -17.37
CA GLY A 90 20.00 12.53 -18.81
C GLY A 90 18.65 13.06 -19.26
N SER A 91 18.34 12.85 -20.54
CA SER A 91 17.10 13.35 -21.14
C SER A 91 16.51 12.36 -22.13
N VAL A 92 15.21 12.47 -22.38
CA VAL A 92 14.51 11.58 -23.29
C VAL A 92 14.93 11.83 -24.73
N SER A 93 15.17 10.75 -25.47
CA SER A 93 15.54 10.84 -26.88
C SER A 93 14.75 9.82 -27.70
N GLY A 94 14.83 9.92 -29.02
CA GLY A 94 14.12 8.99 -29.87
C GLY A 94 14.67 7.58 -29.73
N PHE A 95 13.77 6.62 -29.54
CA PHE A 95 14.18 5.23 -29.33
C PHE A 95 13.10 4.24 -29.76
N LYS A 96 13.46 2.97 -29.75
CA LYS A 96 12.52 1.89 -30.06
C LYS A 96 11.72 1.44 -28.85
N CYS A 97 10.40 1.49 -28.94
CA CYS A 97 9.53 1.09 -27.84
C CYS A 97 8.52 0.04 -28.28
N SER A 98 8.35 -1.01 -27.47
CA SER A 98 7.37 -2.03 -27.76
C SER A 98 5.97 -1.48 -27.57
N ALA A 99 4.99 -2.05 -28.27
CA ALA A 99 3.61 -1.61 -28.14
C ALA A 99 2.96 -2.31 -26.94
N SER A 100 3.71 -3.22 -26.34
CA SER A 100 3.21 -4.02 -25.22
C SER A 100 3.33 -3.24 -23.92
N LEU A 101 4.08 -2.16 -23.95
CA LEU A 101 4.32 -1.36 -22.75
C LEU A 101 3.02 -0.72 -22.27
N THR A 102 2.83 -0.69 -20.95
CA THR A 102 1.63 -0.12 -20.36
C THR A 102 1.97 1.02 -19.41
N SER A 103 2.68 0.69 -18.35
CA SER A 103 3.00 1.65 -17.30
C SER A 103 4.50 1.94 -17.19
N LEU A 104 4.84 3.22 -17.06
CA LEU A 104 6.23 3.64 -16.91
C LEU A 104 6.37 4.62 -15.74
N ASP A 105 7.22 4.28 -14.78
CA ASP A 105 7.47 5.16 -13.64
C ASP A 105 8.91 5.69 -13.66
N LEU A 106 9.06 6.96 -14.02
CA LEU A 106 10.36 7.63 -13.98
C LEU A 106 10.53 8.52 -12.76
N SER A 107 9.56 8.49 -11.86
CA SER A 107 9.45 9.50 -10.79
C SER A 107 10.66 9.52 -9.86
N ARG A 108 10.89 10.67 -9.24
CA ARG A 108 11.98 10.85 -8.29
C ARG A 108 13.34 10.54 -8.92
N ASN A 109 13.62 11.15 -10.07
CA ASN A 109 14.89 10.96 -10.75
C ASN A 109 15.51 12.26 -11.25
N SER A 110 16.67 12.14 -11.88
CA SER A 110 17.48 13.30 -12.24
C SER A 110 17.26 13.82 -13.67
N LEU A 111 16.27 13.26 -14.37
CA LEU A 111 16.01 13.64 -15.76
C LEU A 111 15.88 15.15 -15.92
N SER A 112 16.58 15.70 -16.92
CA SER A 112 16.65 17.14 -17.11
C SER A 112 16.32 17.54 -18.55
N GLY A 113 16.35 18.84 -18.82
CA GLY A 113 16.09 19.35 -20.14
C GLY A 113 14.67 19.84 -20.30
N PRO A 114 14.32 20.28 -21.52
CA PRO A 114 12.96 20.74 -21.84
C PRO A 114 11.92 19.63 -21.78
N VAL A 115 10.69 19.98 -21.46
CA VAL A 115 9.59 19.02 -21.37
C VAL A 115 9.18 18.50 -22.75
N THR A 116 9.50 19.26 -23.79
CA THR A 116 9.12 18.91 -25.15
C THR A 116 9.67 17.56 -25.58
N THR A 117 10.78 17.15 -24.95
CA THR A 117 11.40 15.86 -25.22
C THR A 117 10.41 14.71 -25.00
N LEU A 118 9.49 14.91 -24.06
CA LEU A 118 8.49 13.89 -23.73
C LEU A 118 7.61 13.54 -24.92
N THR A 119 7.57 14.43 -25.91
CA THR A 119 6.81 14.20 -27.14
C THR A 119 7.28 12.91 -27.80
N SER A 120 8.53 12.54 -27.54
CA SER A 120 9.16 11.38 -28.16
C SER A 120 8.79 10.07 -27.47
N LEU A 121 7.92 10.11 -26.48
CA LEU A 121 7.48 8.88 -25.83
C LEU A 121 6.39 8.17 -26.62
N GLY A 122 5.97 8.80 -27.70
CA GLY A 122 4.91 8.26 -28.55
C GLY A 122 5.33 7.00 -29.27
N SER A 123 6.59 6.64 -29.12
CA SER A 123 7.11 5.40 -29.69
C SER A 123 6.48 4.21 -28.99
N CYS A 124 5.89 4.44 -27.81
CA CYS A 124 5.17 3.38 -27.13
C CYS A 124 3.68 3.47 -27.46
N SER A 125 3.18 2.49 -28.21
CA SER A 125 1.82 2.56 -28.74
C SER A 125 0.79 2.23 -27.67
N GLY A 126 1.16 1.38 -26.74
CA GLY A 126 0.24 0.91 -25.73
C GLY A 126 0.41 1.64 -24.41
N LEU A 127 1.14 2.75 -24.43
CA LEU A 127 1.46 3.46 -23.19
C LEU A 127 0.24 4.19 -22.65
N LYS A 128 -0.18 3.80 -21.46
CA LYS A 128 -1.31 4.39 -20.76
C LYS A 128 -0.90 5.25 -19.57
N PHE A 129 -0.05 4.67 -18.70
CA PHE A 129 0.28 5.25 -17.41
C PHE A 129 1.73 5.76 -17.38
N LEU A 130 1.90 7.04 -17.12
CA LEU A 130 3.24 7.64 -17.08
C LEU A 130 3.46 8.53 -15.86
N ASN A 131 4.41 8.14 -15.01
CA ASN A 131 4.78 8.99 -13.87
C ASN A 131 6.21 9.51 -14.00
N VAL A 132 6.34 10.78 -14.37
CA VAL A 132 7.63 11.46 -14.45
C VAL A 132 7.88 12.39 -13.25
N SER A 133 6.97 12.38 -12.29
CA SER A 133 6.94 13.38 -11.23
C SER A 133 8.25 13.48 -10.45
N SER A 134 8.52 14.67 -9.92
CA SER A 134 9.74 14.94 -9.17
C SER A 134 11.02 14.73 -9.98
N ASN A 135 11.09 15.38 -11.13
CA ASN A 135 12.32 15.43 -11.92
C ASN A 135 12.77 16.88 -12.10
N THR A 136 13.87 17.08 -12.82
CA THR A 136 14.42 18.42 -13.00
C THR A 136 13.97 19.06 -14.31
N LEU A 137 13.08 18.38 -15.03
CA LEU A 137 12.57 18.86 -16.31
C LEU A 137 11.99 20.28 -16.21
N ASP A 138 12.22 21.08 -17.25
CA ASP A 138 11.71 22.43 -17.29
C ASP A 138 11.12 22.74 -18.67
N PHE A 139 10.68 23.97 -18.87
CA PHE A 139 10.13 24.40 -20.15
C PHE A 139 10.64 25.78 -20.53
N PRO A 140 11.83 25.82 -21.17
CA PRO A 140 12.39 27.10 -21.58
C PRO A 140 11.56 27.78 -22.66
N GLY A 141 11.31 29.07 -22.49
CA GLY A 141 10.65 29.89 -23.49
C GLY A 141 9.21 29.53 -23.84
N LYS A 142 8.85 29.79 -25.10
CA LYS A 142 7.47 29.69 -25.56
C LYS A 142 6.91 28.27 -25.61
N VAL A 143 5.58 28.19 -25.57
CA VAL A 143 4.87 26.91 -25.69
C VAL A 143 4.11 26.85 -27.01
N SER A 144 4.56 25.99 -27.92
CA SER A 144 3.91 25.85 -29.22
C SER A 144 3.78 24.37 -29.60
N GLY A 145 2.85 24.06 -30.48
CA GLY A 145 2.60 22.68 -30.86
C GLY A 145 1.90 21.93 -29.74
N GLY A 146 2.38 20.73 -29.44
CA GLY A 146 1.76 19.93 -28.40
C GLY A 146 2.59 18.76 -27.89
N LEU A 147 2.14 18.17 -26.78
CA LEU A 147 2.78 16.99 -26.23
C LEU A 147 2.56 15.81 -27.17
N LYS A 148 1.43 15.87 -27.88
CA LYS A 148 1.07 14.89 -28.90
C LYS A 148 0.96 13.48 -28.34
N LEU A 149 0.69 13.37 -27.04
CA LEU A 149 0.32 12.09 -26.46
C LEU A 149 -1.12 12.17 -25.97
N ASN A 150 -2.03 11.55 -26.72
CA ASN A 150 -3.44 11.51 -26.35
C ASN A 150 -3.84 10.18 -25.72
N SER A 151 -2.90 9.25 -25.65
CA SER A 151 -3.19 7.89 -25.23
C SER A 151 -3.07 7.71 -23.73
N LEU A 152 -2.58 8.74 -23.05
CA LEU A 152 -2.33 8.67 -21.62
C LEU A 152 -3.62 8.75 -20.82
N GLU A 153 -3.87 7.71 -20.02
CA GLU A 153 -4.97 7.74 -19.06
C GLU A 153 -4.52 8.42 -17.77
N VAL A 154 -3.21 8.45 -17.55
CA VAL A 154 -2.63 9.06 -16.36
C VAL A 154 -1.36 9.84 -16.66
N LEU A 155 -1.32 11.10 -16.25
CA LEU A 155 -0.13 11.92 -16.45
C LEU A 155 0.22 12.69 -15.17
N ASP A 156 1.41 12.42 -14.63
CA ASP A 156 1.86 13.13 -13.44
C ASP A 156 3.19 13.86 -13.71
N LEU A 157 3.11 15.19 -13.77
CA LEU A 157 4.28 16.05 -13.98
C LEU A 157 4.83 16.66 -12.69
N SER A 158 4.29 16.27 -11.55
CA SER A 158 4.48 16.99 -10.30
C SER A 158 5.94 17.21 -9.88
N ALA A 159 6.16 18.31 -9.16
CA ALA A 159 7.44 18.65 -8.56
C ALA A 159 8.59 18.78 -9.55
N ASN A 160 8.38 19.58 -10.59
CA ASN A 160 9.44 19.88 -11.55
C ASN A 160 9.80 21.38 -11.56
N SER A 161 10.71 21.76 -12.44
CA SER A 161 11.19 23.13 -12.53
C SER A 161 10.43 23.97 -13.54
N ILE A 162 9.39 23.41 -14.13
CA ILE A 162 8.63 24.07 -15.20
C ILE A 162 8.08 25.44 -14.79
N SER A 163 8.42 26.45 -15.59
CA SER A 163 7.92 27.80 -15.39
C SER A 163 7.39 28.37 -16.70
N GLY A 164 6.10 28.67 -16.75
CA GLY A 164 5.50 29.19 -17.97
C GLY A 164 4.00 29.40 -17.89
N ALA A 165 3.38 29.70 -19.03
CA ALA A 165 1.95 29.94 -19.11
C ALA A 165 1.28 29.07 -20.16
N ASN A 166 0.06 28.61 -19.84
CA ASN A 166 -0.74 27.78 -20.74
C ASN A 166 0.00 26.55 -21.28
N VAL A 167 0.87 25.98 -20.45
CA VAL A 167 1.59 24.76 -20.79
C VAL A 167 0.60 23.60 -20.92
N VAL A 168 -0.48 23.69 -20.16
CA VAL A 168 -1.54 22.69 -20.17
C VAL A 168 -2.14 22.55 -21.57
N GLY A 169 -2.25 23.67 -22.28
CA GLY A 169 -2.74 23.64 -23.65
C GLY A 169 -1.78 22.88 -24.55
N TRP A 170 -0.48 23.00 -24.28
CA TRP A 170 0.53 22.26 -25.02
C TRP A 170 0.46 20.78 -24.68
N VAL A 171 0.01 20.47 -23.47
CA VAL A 171 -0.11 19.08 -23.04
C VAL A 171 -1.32 18.43 -23.71
N LEU A 172 -2.43 19.16 -23.71
CA LEU A 172 -3.71 18.63 -24.18
C LEU A 172 -3.96 18.94 -25.65
N SER A 173 -2.96 19.50 -26.31
CA SER A 173 -3.07 19.88 -27.72
C SER A 173 -3.59 18.74 -28.59
N ASP A 174 -3.16 17.51 -28.30
CA ASP A 174 -3.59 16.35 -29.05
C ASP A 174 -4.90 15.80 -28.50
N GLY A 175 -5.44 16.48 -27.50
CA GLY A 175 -6.73 16.14 -26.92
C GLY A 175 -6.64 15.40 -25.60
N CYS A 176 -7.59 15.67 -24.72
CA CYS A 176 -7.63 15.11 -23.37
C CYS A 176 -8.57 13.91 -23.27
N GLY A 177 -9.14 13.51 -24.41
CA GLY A 177 -10.22 12.55 -24.44
C GLY A 177 -10.05 11.28 -23.63
N GLU A 178 -8.84 10.73 -23.62
CA GLU A 178 -8.58 9.48 -22.91
C GLU A 178 -8.03 9.70 -21.50
N LEU A 179 -7.80 10.94 -21.12
CA LEU A 179 -7.10 11.24 -19.88
C LEU A 179 -7.99 11.15 -18.65
N LYS A 180 -7.70 10.20 -17.75
CA LYS A 180 -8.43 10.09 -16.49
C LYS A 180 -7.74 10.75 -15.30
N HIS A 181 -6.47 11.10 -15.45
CA HIS A 181 -5.69 11.62 -14.31
C HIS A 181 -4.67 12.67 -14.74
N LEU A 182 -4.66 13.82 -14.07
CA LEU A 182 -3.62 14.82 -14.34
C LEU A 182 -3.11 15.49 -13.08
N ALA A 183 -1.79 15.40 -12.85
CA ALA A 183 -1.16 16.14 -11.76
C ALA A 183 0.06 16.91 -12.25
N ILE A 184 -0.06 18.23 -12.30
CA ILE A 184 1.03 19.12 -12.74
C ILE A 184 1.81 19.80 -11.60
N SER A 185 1.52 19.45 -10.36
CA SER A 185 1.81 20.31 -9.21
C SER A 185 3.31 20.54 -8.91
N GLY A 186 3.56 21.42 -7.94
CA GLY A 186 4.91 21.75 -7.53
C GLY A 186 5.70 22.49 -8.58
N ASN A 187 5.01 23.28 -9.40
CA ASN A 187 5.65 24.05 -10.46
C ASN A 187 5.22 25.52 -10.44
N LYS A 188 5.72 26.29 -11.41
CA LYS A 188 5.23 27.65 -11.62
C LYS A 188 4.53 27.74 -12.97
N ILE A 189 3.21 27.83 -12.94
CA ILE A 189 2.42 27.86 -14.16
C ILE A 189 1.28 28.87 -14.03
N SER A 190 1.07 29.66 -15.07
CA SER A 190 0.05 30.68 -15.07
C SER A 190 -0.89 30.50 -16.26
N GLY A 191 -1.80 31.44 -16.45
CA GLY A 191 -2.72 31.40 -17.57
C GLY A 191 -4.01 30.69 -17.26
N ASP A 192 -4.66 30.18 -18.29
CA ASP A 192 -5.97 29.53 -18.13
C ASP A 192 -5.89 28.04 -18.42
N VAL A 193 -6.76 27.26 -17.77
CA VAL A 193 -6.75 25.81 -17.89
C VAL A 193 -8.03 25.29 -18.53
N ASP A 194 -7.92 24.68 -19.71
CA ASP A 194 -9.11 24.14 -20.37
C ASP A 194 -9.07 22.62 -20.38
N VAL A 195 -9.88 22.01 -19.52
CA VAL A 195 -10.04 20.56 -19.49
C VAL A 195 -11.34 20.12 -20.17
N SER A 196 -12.10 21.09 -20.69
CA SER A 196 -13.46 20.86 -21.18
C SER A 196 -13.55 19.77 -22.25
N ARG A 197 -12.45 19.54 -22.96
CA ARG A 197 -12.44 18.53 -24.01
C ARG A 197 -12.19 17.14 -23.42
N CYS A 198 -11.85 17.10 -22.14
CA CYS A 198 -11.63 15.83 -21.47
C CYS A 198 -12.84 15.50 -20.61
N VAL A 199 -13.65 14.56 -21.07
CA VAL A 199 -14.90 14.24 -20.37
C VAL A 199 -14.69 13.15 -19.33
N ASN A 200 -13.56 12.45 -19.44
CA ASN A 200 -13.27 11.32 -18.57
C ASN A 200 -12.34 11.65 -17.41
N LEU A 201 -11.94 12.91 -17.26
CA LEU A 201 -10.91 13.23 -16.27
C LEU A 201 -11.50 13.16 -14.87
N GLU A 202 -10.97 12.24 -14.07
CA GLU A 202 -11.44 12.06 -12.70
C GLU A 202 -10.57 12.75 -11.64
N PHE A 203 -9.38 13.18 -12.03
CA PHE A 203 -8.42 13.70 -11.05
C PHE A 203 -7.62 14.87 -11.59
N LEU A 204 -7.62 15.99 -10.88
CA LEU A 204 -6.79 17.12 -11.28
C LEU A 204 -6.05 17.76 -10.11
N ASP A 205 -4.72 17.71 -10.14
CA ASP A 205 -3.93 18.48 -9.19
C ASP A 205 -3.02 19.46 -9.93
N VAL A 206 -3.38 20.73 -9.89
CA VAL A 206 -2.56 21.82 -10.43
C VAL A 206 -1.83 22.58 -9.32
N SER A 207 -1.92 22.07 -8.09
CA SER A 207 -1.59 22.86 -6.90
C SER A 207 -0.16 23.38 -6.83
N SER A 208 0.02 24.43 -6.03
CA SER A 208 1.31 25.09 -5.86
C SER A 208 1.82 25.62 -7.18
N ASN A 209 1.16 26.66 -7.70
CA ASN A 209 1.56 27.26 -8.97
C ASN A 209 1.33 28.78 -9.03
N ASN A 210 1.56 29.34 -10.21
CA ASN A 210 1.59 30.79 -10.39
C ASN A 210 0.31 31.46 -10.89
N PHE A 211 -0.80 30.72 -11.00
CA PHE A 211 -1.98 31.31 -11.64
C PHE A 211 -2.51 32.52 -10.88
N SER A 212 -2.52 33.66 -11.57
CA SER A 212 -3.12 34.90 -11.08
C SER A 212 -4.49 35.12 -11.72
N THR A 213 -4.83 34.22 -12.63
CA THR A 213 -6.00 34.40 -13.50
C THR A 213 -7.18 33.59 -13.00
N GLY A 214 -8.20 33.48 -13.86
CA GLY A 214 -9.44 32.83 -13.51
C GLY A 214 -9.27 31.34 -13.30
N ILE A 215 -10.30 30.74 -12.72
CA ILE A 215 -10.36 29.30 -12.48
C ILE A 215 -10.48 28.49 -13.77
N PRO A 216 -9.89 27.29 -13.78
CA PRO A 216 -9.90 26.36 -14.92
C PRO A 216 -11.28 26.15 -15.52
N PHE A 217 -11.33 25.95 -16.84
CA PHE A 217 -12.59 25.75 -17.54
C PHE A 217 -12.90 24.26 -17.57
N LEU A 218 -13.95 23.86 -16.84
CA LEU A 218 -14.26 22.45 -16.64
C LEU A 218 -15.26 21.90 -17.64
N GLY A 219 -15.86 22.78 -18.43
CA GLY A 219 -16.89 22.37 -19.38
C GLY A 219 -18.08 21.73 -18.68
N ASP A 220 -18.43 20.52 -19.10
CA ASP A 220 -19.55 19.80 -18.52
C ASP A 220 -19.22 19.28 -17.13
N CYS A 221 -17.95 18.96 -16.90
CA CYS A 221 -17.46 18.44 -15.63
C CYS A 221 -18.28 17.25 -15.14
N SER A 222 -18.56 16.32 -16.05
CA SER A 222 -19.41 15.18 -15.75
C SER A 222 -18.74 14.16 -14.83
N ALA A 223 -17.55 13.71 -15.22
CA ALA A 223 -16.89 12.59 -14.55
C ALA A 223 -15.84 13.01 -13.51
N LEU A 224 -15.68 14.31 -13.28
CA LEU A 224 -14.56 14.77 -12.44
C LEU A 224 -14.84 14.60 -10.95
N GLN A 225 -14.06 13.76 -10.30
CA GLN A 225 -14.19 13.53 -8.86
C GLN A 225 -13.25 14.35 -7.98
N HIS A 226 -12.24 14.96 -8.58
CA HIS A 226 -11.17 15.59 -7.78
C HIS A 226 -10.69 16.92 -8.32
N LEU A 227 -10.76 17.97 -7.51
CA LEU A 227 -10.25 19.26 -7.95
C LEU A 227 -9.37 19.92 -6.89
N ASP A 228 -8.09 20.08 -7.20
CA ASP A 228 -7.18 20.82 -6.34
C ASP A 228 -6.57 22.00 -7.09
N ILE A 229 -7.01 23.20 -6.74
CA ILE A 229 -6.46 24.44 -7.29
C ILE A 229 -5.50 25.13 -6.32
N SER A 230 -5.23 24.50 -5.18
CA SER A 230 -4.58 25.16 -4.04
C SER A 230 -3.17 25.66 -4.34
N GLY A 231 -2.71 26.61 -3.53
CA GLY A 231 -1.38 27.16 -3.67
C GLY A 231 -1.27 28.06 -4.86
N ASN A 232 -2.29 28.91 -5.05
CA ASN A 232 -2.31 29.84 -6.17
C ASN A 232 -2.87 31.22 -5.78
N LYS A 233 -2.89 32.12 -6.75
CA LYS A 233 -3.36 33.48 -6.57
C LYS A 233 -4.81 33.64 -7.03
N LEU A 234 -5.45 32.52 -7.36
CA LEU A 234 -6.76 32.49 -7.99
C LEU A 234 -7.83 33.33 -7.28
N SER A 235 -8.64 34.00 -8.09
CA SER A 235 -9.79 34.76 -7.60
C SER A 235 -10.97 34.59 -8.56
N GLY A 236 -12.14 35.03 -8.15
CA GLY A 236 -13.34 34.92 -8.99
C GLY A 236 -14.31 33.86 -8.53
N ASP A 237 -15.30 33.57 -9.38
CA ASP A 237 -16.41 32.70 -9.00
C ASP A 237 -16.10 31.26 -9.39
N PHE A 238 -15.87 30.42 -8.39
CA PHE A 238 -15.66 28.99 -8.61
C PHE A 238 -16.95 28.19 -8.49
N SER A 239 -18.00 28.81 -7.96
CA SER A 239 -19.26 28.11 -7.70
C SER A 239 -19.95 27.74 -9.01
N ARG A 240 -20.10 28.73 -9.87
CA ARG A 240 -20.76 28.55 -11.15
C ARG A 240 -19.95 27.64 -12.07
N ALA A 241 -18.63 27.65 -11.89
CA ALA A 241 -17.74 26.81 -12.67
C ALA A 241 -17.93 25.33 -12.33
N ILE A 242 -18.02 25.03 -11.03
CA ILE A 242 -18.16 23.65 -10.59
C ILE A 242 -19.62 23.26 -10.45
N SER A 243 -20.51 24.19 -10.79
CA SER A 243 -21.95 23.94 -10.71
C SER A 243 -22.38 22.89 -11.71
N THR A 244 -21.54 22.67 -12.73
CA THR A 244 -21.84 21.70 -13.75
C THR A 244 -21.35 20.32 -13.34
N CYS A 245 -20.68 20.24 -12.20
CA CYS A 245 -20.15 18.96 -11.74
C CYS A 245 -21.14 18.27 -10.83
N THR A 246 -21.74 17.18 -11.31
CA THR A 246 -22.75 16.49 -10.53
C THR A 246 -22.09 15.61 -9.48
N GLU A 247 -21.12 14.82 -9.92
CA GLU A 247 -20.42 13.91 -9.02
C GLU A 247 -19.06 14.49 -8.69
N LEU A 248 -18.89 14.95 -7.45
CA LEU A 248 -17.64 15.56 -7.02
C LEU A 248 -17.35 15.18 -5.59
N LYS A 249 -16.11 14.85 -5.29
CA LYS A 249 -15.76 14.38 -3.95
C LYS A 249 -14.81 15.31 -3.19
N LEU A 250 -13.59 15.46 -3.70
CA LEU A 250 -12.59 16.27 -3.00
C LEU A 250 -12.34 17.59 -3.70
N LEU A 251 -12.51 18.68 -2.95
CA LEU A 251 -12.22 20.02 -3.46
C LEU A 251 -11.29 20.77 -2.52
N ASN A 252 -10.07 21.04 -2.97
CA ASN A 252 -9.15 21.85 -2.18
C ASN A 252 -8.86 23.16 -2.89
N ILE A 253 -9.48 24.24 -2.42
CA ILE A 253 -9.25 25.57 -2.98
C ILE A 253 -8.30 26.39 -2.12
N SER A 254 -7.76 25.78 -1.07
CA SER A 254 -7.08 26.51 -0.01
C SER A 254 -5.87 27.29 -0.48
N SER A 255 -5.50 28.31 0.30
CA SER A 255 -4.40 29.22 -0.01
C SER A 255 -4.64 29.92 -1.35
N ASN A 256 -5.69 30.73 -1.39
CA ASN A 256 -6.02 31.51 -2.59
C ASN A 256 -6.59 32.86 -2.21
N GLN A 257 -6.92 33.67 -3.23
CA GLN A 257 -7.40 35.02 -3.01
C GLN A 257 -8.93 35.14 -3.02
N PHE A 258 -9.61 34.01 -3.07
CA PHE A 258 -11.07 33.99 -3.13
C PHE A 258 -11.69 34.81 -1.99
N VAL A 259 -12.76 35.53 -2.34
CA VAL A 259 -13.43 36.44 -1.42
C VAL A 259 -14.93 36.23 -1.40
N GLY A 260 -15.61 36.95 -0.51
CA GLY A 260 -17.05 36.90 -0.45
C GLY A 260 -17.55 35.78 0.44
N PRO A 261 -18.88 35.63 0.50
CA PRO A 261 -19.52 34.57 1.28
C PRO A 261 -19.39 33.22 0.54
N ILE A 262 -19.57 32.12 1.25
CA ILE A 262 -19.54 30.81 0.64
C ILE A 262 -20.72 30.65 -0.32
N PRO A 263 -20.41 30.47 -1.61
CA PRO A 263 -21.43 30.37 -2.67
C PRO A 263 -22.01 28.95 -2.77
N PRO A 264 -23.02 28.75 -3.65
CA PRO A 264 -23.58 27.40 -3.84
C PRO A 264 -22.55 26.37 -4.33
N LEU A 265 -22.75 25.11 -3.93
CA LEU A 265 -21.81 24.04 -4.24
C LEU A 265 -22.53 22.74 -4.60
N PRO A 266 -21.86 21.85 -5.35
CA PRO A 266 -22.36 20.50 -5.66
C PRO A 266 -22.14 19.53 -4.50
N LEU A 267 -23.06 19.55 -3.53
CA LEU A 267 -22.87 18.86 -2.26
C LEU A 267 -23.31 17.40 -2.23
N LYS A 268 -23.77 16.88 -3.37
CA LYS A 268 -24.31 15.52 -3.42
C LYS A 268 -23.27 14.44 -3.09
N SER A 269 -22.18 14.41 -3.85
CA SER A 269 -21.15 13.38 -3.65
C SER A 269 -19.97 13.84 -2.82
N LEU A 270 -20.03 15.08 -2.33
CA LEU A 270 -18.88 15.72 -1.69
C LEU A 270 -18.38 14.98 -0.44
N GLN A 271 -17.10 14.67 -0.42
CA GLN A 271 -16.46 14.00 0.70
C GLN A 271 -15.57 14.99 1.47
N TYR A 272 -14.56 15.50 0.79
CA TYR A 272 -13.63 16.45 1.40
C TYR A 272 -13.81 17.84 0.81
N LEU A 273 -13.91 18.84 1.70
CA LEU A 273 -14.10 20.22 1.28
C LEU A 273 -13.21 21.16 2.07
N SER A 274 -12.36 21.91 1.39
CA SER A 274 -11.51 22.89 2.05
C SER A 274 -11.60 24.26 1.40
N LEU A 275 -12.20 25.21 2.10
CA LEU A 275 -12.24 26.60 1.68
C LEU A 275 -11.14 27.39 2.38
N ALA A 276 -10.29 26.66 3.10
CA ALA A 276 -9.38 27.24 4.08
C ALA A 276 -8.37 28.22 3.49
N GLU A 277 -7.83 29.08 4.35
CA GLU A 277 -6.78 30.03 3.99
C GLU A 277 -7.21 30.98 2.87
N ASN A 278 -8.36 31.63 3.06
CA ASN A 278 -8.85 32.59 2.09
C ASN A 278 -9.48 33.82 2.74
N LYS A 279 -10.05 34.69 1.91
CA LYS A 279 -10.62 35.95 2.36
C LYS A 279 -12.12 35.84 2.64
N PHE A 280 -12.64 34.61 2.61
CA PHE A 280 -14.07 34.37 2.79
C PHE A 280 -14.63 35.06 4.03
N THR A 281 -15.82 35.62 3.90
CA THR A 281 -16.46 36.34 4.98
C THR A 281 -17.78 35.67 5.35
N GLY A 282 -18.49 36.24 6.32
CA GLY A 282 -19.78 35.69 6.71
C GLY A 282 -19.62 34.52 7.65
N GLU A 283 -20.66 33.69 7.73
CA GLU A 283 -20.66 32.50 8.56
C GLU A 283 -21.08 31.28 7.76
N ILE A 284 -21.01 30.11 8.39
CA ILE A 284 -21.35 28.84 7.74
C ILE A 284 -22.81 28.81 7.27
N PRO A 285 -23.02 28.67 5.95
CA PRO A 285 -24.34 28.66 5.32
C PRO A 285 -25.18 27.44 5.72
N ASP A 286 -26.49 27.51 5.50
CA ASP A 286 -27.36 26.41 5.88
C ASP A 286 -27.34 25.26 4.89
N PHE A 287 -27.29 25.60 3.59
CA PHE A 287 -27.47 24.60 2.54
C PHE A 287 -26.38 23.52 2.57
N LEU A 288 -25.29 23.80 3.27
CA LEU A 288 -24.20 22.84 3.39
C LEU A 288 -24.69 21.52 4.02
N SER A 289 -25.77 21.60 4.78
CA SER A 289 -26.34 20.42 5.41
C SER A 289 -26.73 19.36 4.38
N GLY A 290 -26.92 19.79 3.13
CA GLY A 290 -27.28 18.88 2.05
C GLY A 290 -26.21 17.83 1.78
N ALA A 291 -25.01 18.07 2.28
CA ALA A 291 -23.91 17.15 2.06
C ALA A 291 -23.74 16.14 3.21
N CYS A 292 -24.62 16.24 4.20
CA CYS A 292 -24.46 15.46 5.43
C CYS A 292 -24.50 13.94 5.25
N ASP A 293 -25.08 13.48 4.15
CA ASP A 293 -25.13 12.05 3.85
C ASP A 293 -23.78 11.52 3.40
N THR A 294 -22.84 12.44 3.18
CA THR A 294 -21.59 12.14 2.51
C THR A 294 -20.36 12.61 3.29
N LEU A 295 -20.31 13.91 3.56
CA LEU A 295 -19.10 14.61 3.97
C LEU A 295 -18.28 13.92 5.07
N THR A 296 -16.98 13.86 4.82
CA THR A 296 -16.02 13.19 5.70
C THR A 296 -15.33 14.19 6.63
N GLY A 297 -14.65 15.18 6.07
CA GLY A 297 -13.98 16.18 6.89
C GLY A 297 -13.96 17.56 6.29
N LEU A 298 -13.77 18.59 7.12
CA LEU A 298 -13.95 19.96 6.64
C LEU A 298 -12.95 20.95 7.25
N ASP A 299 -12.39 21.78 6.38
CA ASP A 299 -11.48 22.83 6.79
C ASP A 299 -11.87 24.21 6.26
N LEU A 300 -12.33 25.06 7.17
CA LEU A 300 -12.65 26.46 6.90
C LEU A 300 -11.56 27.42 7.40
N SER A 301 -10.47 26.86 7.93
CA SER A 301 -9.47 27.64 8.67
C SER A 301 -8.88 28.81 7.90
N GLY A 302 -8.48 29.85 8.63
CA GLY A 302 -7.82 31.00 8.04
C GLY A 302 -8.75 31.87 7.22
N ASN A 303 -9.86 32.26 7.83
CA ASN A 303 -10.80 33.18 7.20
C ASN A 303 -11.37 34.17 8.20
N HIS A 304 -12.29 35.00 7.74
CA HIS A 304 -12.88 36.05 8.57
C HIS A 304 -14.18 35.59 9.23
N PHE A 305 -14.46 34.29 9.10
CA PHE A 305 -15.68 33.70 9.62
C PHE A 305 -15.88 33.98 11.12
N TYR A 306 -17.13 34.16 11.50
CA TYR A 306 -17.49 34.38 12.90
C TYR A 306 -18.81 33.70 13.21
N GLY A 307 -19.33 33.93 14.42
CA GLY A 307 -20.61 33.36 14.80
C GLY A 307 -20.49 31.99 15.42
N ALA A 308 -21.53 31.17 15.22
CA ALA A 308 -21.58 29.83 15.79
C ALA A 308 -21.81 28.77 14.72
N VAL A 309 -21.52 27.53 15.07
CA VAL A 309 -21.64 26.37 14.16
C VAL A 309 -23.08 25.92 13.91
N PRO A 310 -23.47 25.72 12.65
CA PRO A 310 -24.87 25.32 12.51
C PRO A 310 -25.19 23.93 13.06
N PRO A 311 -26.24 23.85 13.90
CA PRO A 311 -26.65 22.61 14.58
C PRO A 311 -27.14 21.56 13.61
N PHE A 312 -27.50 21.98 12.40
CA PHE A 312 -27.99 21.05 11.39
C PHE A 312 -26.89 20.07 11.00
N PHE A 313 -25.65 20.39 11.37
CA PHE A 313 -24.52 19.49 11.12
C PHE A 313 -24.63 18.21 11.95
N GLY A 314 -25.60 18.18 12.87
CA GLY A 314 -25.90 16.98 13.63
C GLY A 314 -26.44 15.89 12.73
N SER A 315 -26.92 16.28 11.55
CA SER A 315 -27.40 15.31 10.56
C SER A 315 -26.21 14.56 9.97
N CYS A 316 -25.02 15.13 10.10
CA CYS A 316 -23.82 14.47 9.57
C CYS A 316 -23.15 13.61 10.65
N SER A 317 -23.26 12.30 10.50
CA SER A 317 -22.61 11.37 11.41
C SER A 317 -21.25 10.96 10.85
N LEU A 318 -21.01 11.34 9.60
CA LEU A 318 -19.83 10.92 8.87
C LEU A 318 -18.68 11.91 8.96
N LEU A 319 -18.84 12.98 9.75
CA LEU A 319 -17.79 13.98 9.83
C LEU A 319 -16.68 13.45 10.71
N GLU A 320 -15.51 13.23 10.11
CA GLU A 320 -14.34 12.73 10.83
C GLU A 320 -13.59 13.87 11.49
N SER A 321 -13.43 14.97 10.76
CA SER A 321 -12.62 16.09 11.23
C SER A 321 -13.29 17.44 11.01
N LEU A 322 -13.22 18.28 12.04
CA LEU A 322 -13.81 19.61 12.00
C LEU A 322 -12.77 20.65 12.39
N ALA A 323 -12.41 21.51 11.44
CA ALA A 323 -11.42 22.53 11.76
C ALA A 323 -11.99 23.93 11.56
N LEU A 324 -12.23 24.61 12.69
CA LEU A 324 -12.71 25.98 12.67
C LEU A 324 -11.59 26.99 12.93
N SER A 325 -10.36 26.49 13.00
CA SER A 325 -9.24 27.26 13.54
C SER A 325 -8.92 28.53 12.77
N SER A 326 -8.24 29.46 13.46
CA SER A 326 -7.83 30.75 12.88
C SER A 326 -9.01 31.56 12.34
N ASN A 327 -10.02 31.77 13.18
CA ASN A 327 -11.14 32.62 12.82
C ASN A 327 -11.64 33.47 13.98
N ASN A 328 -12.71 34.23 13.74
CA ASN A 328 -13.24 35.17 14.70
C ASN A 328 -14.35 34.58 15.55
N PHE A 329 -14.58 33.27 15.40
CA PHE A 329 -15.68 32.57 16.05
C PHE A 329 -15.74 32.77 17.57
N SER A 330 -16.97 32.87 18.08
CA SER A 330 -17.21 33.02 19.52
C SER A 330 -18.47 32.26 19.93
N GLY A 331 -18.83 32.38 21.19
CA GLY A 331 -20.05 31.75 21.70
C GLY A 331 -19.78 30.52 22.54
N GLU A 332 -20.86 29.88 22.99
CA GLU A 332 -20.74 28.68 23.80
C GLU A 332 -20.51 27.43 22.96
N LEU A 333 -20.36 26.30 23.64
CA LEU A 333 -20.09 25.01 22.98
C LEU A 333 -21.36 24.23 22.65
N PRO A 334 -21.68 24.08 21.36
CA PRO A 334 -22.87 23.32 20.92
C PRO A 334 -22.70 21.83 21.19
N MET A 335 -22.52 21.46 22.46
CA MET A 335 -22.28 20.07 22.84
C MET A 335 -23.38 19.14 22.37
N ASP A 336 -24.61 19.63 22.33
CA ASP A 336 -25.75 18.88 21.82
C ASP A 336 -25.58 18.46 20.37
N THR A 337 -25.11 19.40 19.54
CA THR A 337 -24.87 19.12 18.14
C THR A 337 -23.63 18.25 17.96
N LEU A 338 -22.59 18.55 18.73
CA LEU A 338 -21.31 17.84 18.61
C LEU A 338 -21.48 16.37 18.98
N LEU A 339 -22.37 16.10 19.92
CA LEU A 339 -22.62 14.72 20.35
C LEU A 339 -23.44 13.95 19.33
N LYS A 340 -24.01 14.66 18.36
CA LYS A 340 -24.78 14.03 17.30
C LYS A 340 -23.87 13.53 16.18
N MET A 341 -22.60 13.90 16.25
CA MET A 341 -21.61 13.44 15.29
C MET A 341 -20.87 12.24 15.84
N ARG A 342 -21.12 11.07 15.24
CA ARG A 342 -20.55 9.82 15.74
C ARG A 342 -19.11 9.61 15.30
N GLY A 343 -18.78 10.04 14.08
CA GLY A 343 -17.48 9.77 13.51
C GLY A 343 -16.44 10.85 13.72
N LEU A 344 -16.77 11.85 14.54
CA LEU A 344 -15.85 12.94 14.80
C LEU A 344 -14.61 12.42 15.53
N LYS A 345 -13.44 12.89 15.08
CA LYS A 345 -12.17 12.46 15.65
C LYS A 345 -11.32 13.65 16.08
N VAL A 346 -10.96 14.47 15.10
CA VAL A 346 -10.16 15.66 15.39
C VAL A 346 -11.02 16.91 15.33
N LEU A 347 -11.03 17.64 16.44
CA LEU A 347 -11.75 18.90 16.58
C LEU A 347 -10.78 20.03 16.90
N ASP A 348 -10.62 20.94 15.96
CA ASP A 348 -9.73 22.08 16.20
C ASP A 348 -10.53 23.38 16.25
N LEU A 349 -10.68 23.91 17.45
CA LEU A 349 -11.36 25.20 17.65
C LEU A 349 -10.38 26.35 17.83
N SER A 350 -9.09 26.05 17.70
CA SER A 350 -8.03 26.96 18.11
C SER A 350 -8.09 28.33 17.46
N PHE A 351 -7.59 29.33 18.17
CA PHE A 351 -7.51 30.70 17.70
C PHE A 351 -8.88 31.29 17.36
N ASN A 352 -9.79 31.20 18.31
CA ASN A 352 -11.08 31.86 18.20
C ASN A 352 -11.43 32.58 19.50
N GLU A 353 -12.57 33.25 19.52
CA GLU A 353 -12.97 34.07 20.68
C GLU A 353 -13.88 33.34 21.66
N PHE A 354 -14.07 32.03 21.46
CA PHE A 354 -15.00 31.23 22.26
C PHE A 354 -14.84 31.44 23.76
N SER A 355 -15.96 31.54 24.47
CA SER A 355 -15.96 31.86 25.89
C SER A 355 -16.87 30.94 26.70
N GLY A 356 -16.90 31.15 28.01
CA GLY A 356 -17.72 30.37 28.91
C GLY A 356 -16.94 29.26 29.59
N GLU A 357 -17.56 28.60 30.56
CA GLU A 357 -16.91 27.49 31.25
C GLU A 357 -17.10 26.20 30.46
N LEU A 358 -16.65 25.08 31.03
CA LEU A 358 -16.70 23.78 30.36
C LEU A 358 -17.90 22.93 30.74
N PRO A 359 -18.77 22.62 29.75
CA PRO A 359 -19.91 21.71 29.96
C PRO A 359 -19.48 20.31 30.39
N GLU A 360 -20.23 19.75 31.34
CA GLU A 360 -19.87 18.49 31.97
C GLU A 360 -19.88 17.36 30.96
N SER A 361 -20.83 17.43 30.03
CA SER A 361 -21.00 16.37 29.04
C SER A 361 -19.72 16.12 28.24
N LEU A 362 -18.82 17.11 28.25
CA LEU A 362 -17.54 16.97 27.53
C LEU A 362 -16.80 15.71 27.97
N THR A 363 -17.05 15.25 29.20
CA THR A 363 -16.39 14.05 29.72
C THR A 363 -16.61 12.81 28.86
N ASN A 364 -17.65 12.83 28.02
CA ASN A 364 -17.90 11.71 27.11
C ASN A 364 -16.86 11.62 26.00
N LEU A 365 -16.48 12.78 25.46
CA LEU A 365 -15.66 12.83 24.26
C LEU A 365 -14.28 12.19 24.42
N SER A 366 -13.88 11.96 25.67
CA SER A 366 -12.62 11.29 25.96
C SER A 366 -12.59 9.88 25.37
N ALA A 367 -13.77 9.31 25.14
CA ALA A 367 -13.86 7.97 24.59
C ALA A 367 -14.01 7.99 23.07
N SER A 368 -13.97 9.18 22.47
CA SER A 368 -14.13 9.31 21.03
C SER A 368 -13.04 10.13 20.35
N LEU A 369 -12.97 11.42 20.68
CA LEU A 369 -12.07 12.36 20.00
C LEU A 369 -10.60 11.98 20.08
N LEU A 370 -9.91 12.06 18.95
CA LEU A 370 -8.46 11.90 18.92
C LEU A 370 -7.75 13.18 19.34
N THR A 371 -8.25 14.32 18.86
CA THR A 371 -7.60 15.61 19.12
C THR A 371 -8.60 16.67 19.56
N LEU A 372 -8.40 17.26 20.72
CA LEU A 372 -9.26 18.37 21.11
C LEU A 372 -8.40 19.62 21.31
N ASP A 373 -8.59 20.58 20.41
CA ASP A 373 -7.84 21.82 20.51
C ASP A 373 -8.78 22.99 20.80
N LEU A 374 -8.77 23.47 22.03
CA LEU A 374 -9.53 24.64 22.45
C LEU A 374 -8.65 25.88 22.54
N SER A 375 -7.38 25.71 22.18
CA SER A 375 -6.34 26.71 22.44
C SER A 375 -6.62 28.08 21.85
N SER A 376 -6.07 29.10 22.50
CA SER A 376 -6.21 30.49 22.07
C SER A 376 -7.68 30.89 21.99
N ASN A 377 -8.31 31.01 23.15
CA ASN A 377 -9.70 31.46 23.24
C ASN A 377 -9.95 32.32 24.46
N ASN A 378 -11.19 32.77 24.60
CA ASN A 378 -11.60 33.62 25.71
C ASN A 378 -12.11 32.78 26.87
N PHE A 379 -11.96 31.46 26.73
CA PHE A 379 -12.49 30.50 27.69
C PHE A 379 -12.06 30.76 29.14
N SER A 380 -12.98 30.47 30.05
CA SER A 380 -12.75 30.62 31.48
C SER A 380 -13.31 29.40 32.20
N GLY A 381 -13.10 29.32 33.51
CA GLY A 381 -13.60 28.20 34.28
C GLY A 381 -12.53 27.20 34.64
N PRO A 382 -12.89 26.16 35.40
CA PRO A 382 -11.93 25.15 35.85
C PRO A 382 -11.65 24.06 34.82
N ILE A 383 -10.65 23.24 35.09
CA ILE A 383 -10.41 22.05 34.27
C ILE A 383 -11.29 20.96 34.87
N LEU A 384 -11.93 20.16 34.01
CA LEU A 384 -12.92 19.20 34.48
C LEU A 384 -12.29 17.97 35.10
N PRO A 385 -12.50 17.78 36.42
CA PRO A 385 -11.95 16.66 37.18
C PRO A 385 -12.58 15.34 36.75
N ASN A 386 -13.82 15.39 36.29
CA ASN A 386 -14.54 14.20 35.87
C ASN A 386 -14.05 13.66 34.54
N LEU A 387 -13.14 14.39 33.89
CA LEU A 387 -12.63 14.02 32.58
C LEU A 387 -11.98 12.63 32.60
N CYS A 388 -12.13 11.91 31.49
CA CYS A 388 -11.62 10.55 31.33
C CYS A 388 -12.16 9.60 32.40
N GLN A 389 -13.43 9.76 32.75
CA GLN A 389 -14.09 8.82 33.65
C GLN A 389 -14.50 7.58 32.87
N ASN A 390 -14.95 7.80 31.63
CA ASN A 390 -15.33 6.70 30.75
C ASN A 390 -14.15 5.77 30.47
N PRO A 391 -14.41 4.46 30.43
CA PRO A 391 -13.37 3.48 30.15
C PRO A 391 -12.82 3.61 28.74
N LYS A 392 -11.57 3.19 28.52
CA LYS A 392 -10.94 3.20 27.20
C LYS A 392 -10.94 4.58 26.55
N ASN A 393 -10.38 5.55 27.25
CA ASN A 393 -10.28 6.92 26.73
C ASN A 393 -9.35 6.98 25.50
N THR A 394 -9.87 7.53 24.42
CA THR A 394 -9.16 7.52 23.13
C THR A 394 -8.38 8.79 22.80
N LEU A 395 -8.39 9.76 23.71
CA LEU A 395 -7.78 11.07 23.46
C LEU A 395 -6.29 10.99 23.18
N GLN A 396 -5.83 11.67 22.13
CA GLN A 396 -4.41 11.70 21.76
C GLN A 396 -3.75 13.04 22.11
N GLU A 397 -4.22 14.09 21.45
CA GLU A 397 -3.65 15.42 21.63
C GLU A 397 -4.68 16.36 22.25
N LEU A 398 -4.28 16.98 23.36
CA LEU A 398 -5.13 17.95 24.04
C LEU A 398 -4.43 19.29 24.15
N TYR A 399 -4.94 20.29 23.43
CA TYR A 399 -4.36 21.62 23.53
C TYR A 399 -5.34 22.65 24.11
N LEU A 400 -5.10 23.02 25.37
CA LEU A 400 -5.93 24.00 26.06
C LEU A 400 -5.33 25.40 26.16
N GLN A 401 -4.14 25.61 25.59
CA GLN A 401 -3.33 26.78 25.95
C GLN A 401 -3.96 28.12 25.56
N ASN A 402 -3.49 29.17 26.23
CA ASN A 402 -3.99 30.54 26.08
C ASN A 402 -5.49 30.66 26.38
N ASN A 403 -5.83 30.52 27.65
CA ASN A 403 -7.19 30.76 28.10
C ASN A 403 -7.22 31.38 29.49
N GLY A 404 -8.41 31.62 30.00
CA GLY A 404 -8.58 32.23 31.32
C GLY A 404 -8.91 31.18 32.37
N PHE A 405 -8.56 29.93 32.08
CA PHE A 405 -8.89 28.82 32.96
C PHE A 405 -8.27 28.94 34.35
N THR A 406 -9.08 28.70 35.36
CA THR A 406 -8.65 28.77 36.75
C THR A 406 -8.74 27.40 37.41
N GLY A 407 -8.37 27.33 38.68
CA GLY A 407 -8.49 26.09 39.43
C GLY A 407 -7.20 25.28 39.42
N LYS A 408 -7.30 24.03 39.85
CA LYS A 408 -6.13 23.15 39.87
C LYS A 408 -6.06 22.29 38.61
N ILE A 409 -5.06 21.42 38.57
CA ILE A 409 -4.96 20.41 37.52
C ILE A 409 -5.33 19.06 38.11
N PRO A 410 -6.51 18.55 37.76
CA PRO A 410 -6.98 17.28 38.33
C PRO A 410 -6.12 16.11 37.89
N PRO A 411 -5.68 15.26 38.84
CA PRO A 411 -4.94 14.09 38.38
C PRO A 411 -5.88 12.96 37.98
N THR A 412 -6.92 13.31 37.24
CA THR A 412 -7.80 12.34 36.63
C THR A 412 -7.35 12.14 35.19
N LEU A 413 -6.43 13.00 34.75
CA LEU A 413 -5.99 13.01 33.36
C LEU A 413 -5.13 11.79 33.07
N SER A 414 -4.64 11.16 34.13
CA SER A 414 -3.88 9.92 34.00
C SER A 414 -4.79 8.84 33.45
N ASN A 415 -6.10 9.04 33.61
CA ASN A 415 -7.09 8.11 33.11
C ASN A 415 -7.23 8.21 31.60
N CYS A 416 -6.61 9.22 30.99
CA CYS A 416 -6.44 9.20 29.55
C CYS A 416 -5.08 8.58 29.28
N SER A 417 -5.08 7.34 28.81
CA SER A 417 -3.83 6.62 28.63
C SER A 417 -3.27 6.73 27.22
N GLU A 418 -4.09 7.25 26.31
CA GLU A 418 -3.71 7.35 24.90
C GLU A 418 -3.17 8.73 24.57
N LEU A 419 -3.02 9.58 25.58
CA LEU A 419 -2.66 10.98 25.34
C LEU A 419 -1.18 11.11 25.03
N VAL A 420 -0.88 11.54 23.81
CA VAL A 420 0.51 11.76 23.40
C VAL A 420 0.95 13.22 23.54
N SER A 421 -0.01 14.12 23.72
CA SER A 421 0.32 15.53 23.80
C SER A 421 -0.59 16.27 24.77
N LEU A 422 0.02 17.05 25.65
CA LEU A 422 -0.70 17.83 26.64
C LEU A 422 -0.15 19.26 26.69
N HIS A 423 -0.97 20.23 26.29
CA HIS A 423 -0.58 21.62 26.38
C HIS A 423 -1.57 22.35 27.28
N LEU A 424 -1.13 22.64 28.51
CA LEU A 424 -1.96 23.37 29.46
C LEU A 424 -1.54 24.83 29.58
N SER A 425 -0.55 25.21 28.78
CA SER A 425 0.22 26.42 29.05
C SER A 425 -0.56 27.71 28.85
N PHE A 426 0.09 28.82 29.20
CA PHE A 426 -0.44 30.16 28.96
C PHE A 426 -1.77 30.34 29.68
N ASN A 427 -1.83 29.92 30.94
CA ASN A 427 -3.05 30.03 31.72
C ASN A 427 -2.81 30.48 33.16
N TYR A 428 -3.90 30.65 33.89
CA TYR A 428 -3.87 31.13 35.26
C TYR A 428 -3.91 29.98 36.27
N LEU A 429 -3.81 28.75 35.77
CA LEU A 429 -3.94 27.54 36.59
C LEU A 429 -3.03 27.55 37.83
N SER A 430 -3.62 27.18 38.96
CA SER A 430 -2.91 27.10 40.23
C SER A 430 -2.66 25.64 40.64
N GLY A 431 -2.08 25.46 41.82
CA GLY A 431 -1.89 24.13 42.37
C GLY A 431 -0.52 23.55 42.05
N THR A 432 -0.34 22.28 42.39
CA THR A 432 0.94 21.61 42.19
C THR A 432 0.90 20.66 41.00
N ILE A 433 2.01 19.99 40.73
CA ILE A 433 2.09 19.02 39.64
C ILE A 433 1.90 17.59 40.14
N PRO A 434 0.81 16.94 39.74
CA PRO A 434 0.53 15.56 40.15
C PRO A 434 1.55 14.53 39.65
N SER A 435 2.08 13.73 40.57
CA SER A 435 3.07 12.72 40.23
C SER A 435 2.41 11.66 39.36
N SER A 436 1.09 11.61 39.45
CA SER A 436 0.30 10.63 38.71
C SER A 436 0.49 10.81 37.22
N LEU A 437 0.93 11.99 36.78
CA LEU A 437 1.14 12.20 35.35
C LEU A 437 2.21 11.25 34.80
N GLY A 438 3.06 10.74 35.69
CA GLY A 438 4.10 9.79 35.32
C GLY A 438 3.51 8.50 34.80
N SER A 439 2.21 8.33 35.01
CA SER A 439 1.51 7.13 34.59
C SER A 439 1.17 7.18 33.10
N LEU A 440 1.59 8.23 32.41
CA LEU A 440 1.36 8.30 30.98
C LEU A 440 2.60 7.88 30.20
N SER A 441 2.55 6.69 29.62
CA SER A 441 3.71 6.15 28.90
C SER A 441 3.77 6.65 27.46
N LYS A 442 2.64 7.09 26.94
CA LYS A 442 2.53 7.46 25.54
C LYS A 442 2.67 8.96 25.31
N LEU A 443 2.84 9.71 26.39
CA LEU A 443 2.92 11.16 26.31
C LEU A 443 4.23 11.59 25.66
N ARG A 444 4.14 12.47 24.66
CA ARG A 444 5.32 12.98 23.98
C ARG A 444 5.59 14.42 24.38
N ASP A 445 4.67 15.32 24.02
CA ASP A 445 4.85 16.73 24.28
C ASP A 445 4.09 17.17 25.54
N LEU A 446 4.81 17.50 26.60
CA LEU A 446 4.17 18.04 27.79
C LEU A 446 4.59 19.48 28.03
N LYS A 447 3.68 20.41 27.78
CA LYS A 447 3.97 21.82 27.95
C LYS A 447 3.00 22.50 28.92
N LEU A 448 3.50 22.82 30.12
CA LEU A 448 2.70 23.46 31.16
C LEU A 448 2.95 24.97 31.37
N TRP A 449 3.83 25.56 30.55
CA TRP A 449 4.48 26.81 30.92
C TRP A 449 3.57 28.04 31.06
N LEU A 450 4.08 29.05 31.77
CA LEU A 450 3.32 30.25 32.14
C LEU A 450 2.06 29.93 32.93
N ASN A 451 2.25 29.51 34.18
CA ASN A 451 1.15 29.36 35.12
C ASN A 451 1.59 29.75 36.53
N MET A 452 0.68 29.60 37.48
CA MET A 452 0.95 29.90 38.88
C MET A 452 1.39 28.66 39.65
N LEU A 453 1.62 27.58 38.92
CA LEU A 453 1.94 26.28 39.51
C LEU A 453 3.08 26.33 40.54
N GLU A 454 2.89 25.59 41.64
CA GLU A 454 3.87 25.54 42.71
C GLU A 454 4.25 24.09 43.01
N GLY A 455 5.05 23.89 44.05
CA GLY A 455 5.44 22.55 44.47
C GLY A 455 6.59 21.99 43.67
N GLU A 456 7.20 20.92 44.19
CA GLU A 456 8.37 20.32 43.56
C GLU A 456 8.05 19.49 42.34
N ILE A 457 9.10 19.03 41.66
CA ILE A 457 8.97 18.22 40.45
C ILE A 457 8.87 16.73 40.77
N PRO A 458 7.84 16.07 40.24
CA PRO A 458 7.62 14.63 40.48
C PRO A 458 8.79 13.76 40.04
N GLN A 459 9.26 12.89 40.91
CA GLN A 459 10.29 11.92 40.55
C GLN A 459 9.74 10.88 39.58
N GLU A 460 8.46 10.57 39.74
CA GLU A 460 7.81 9.52 38.98
C GLU A 460 7.82 9.77 37.47
N LEU A 461 8.16 10.99 37.07
CA LEU A 461 8.29 11.31 35.65
C LEU A 461 9.38 10.46 35.00
N MET A 462 10.24 9.87 35.83
CA MET A 462 11.27 8.96 35.35
C MET A 462 10.65 7.78 34.60
N TYR A 463 9.38 7.53 34.89
CA TYR A 463 8.67 6.40 34.30
C TYR A 463 8.26 6.68 32.86
N VAL A 464 8.47 7.90 32.38
CA VAL A 464 8.15 8.20 30.99
C VAL A 464 9.41 8.23 30.15
N LYS A 465 9.60 7.19 29.33
CA LYS A 465 10.79 7.08 28.50
C LYS A 465 10.59 7.75 27.15
N THR A 466 9.33 8.04 26.83
CA THR A 466 8.96 8.58 25.54
C THR A 466 8.89 10.10 25.57
N LEU A 467 9.21 10.69 26.71
CA LEU A 467 9.12 12.13 26.87
C LEU A 467 10.09 12.83 25.94
N GLU A 468 9.56 13.78 25.17
CA GLU A 468 10.35 14.50 24.17
C GLU A 468 10.50 15.97 24.56
N THR A 469 9.39 16.68 24.57
CA THR A 469 9.42 18.10 24.91
C THR A 469 8.78 18.33 26.27
N LEU A 470 9.49 19.04 27.13
CA LEU A 470 8.97 19.40 28.44
C LEU A 470 9.11 20.90 28.63
N ILE A 471 7.99 21.62 28.67
CA ILE A 471 8.07 23.07 28.86
C ILE A 471 7.45 23.49 30.18
N LEU A 472 8.31 23.80 31.15
CA LEU A 472 7.89 24.27 32.46
C LEU A 472 8.02 25.78 32.68
N ASP A 473 8.42 26.51 31.64
CA ASP A 473 8.88 27.89 31.78
C ASP A 473 7.88 28.84 32.44
N PHE A 474 8.43 29.87 33.08
CA PHE A 474 7.64 30.94 33.69
C PHE A 474 6.61 30.42 34.70
N ASN A 475 7.09 29.79 35.77
CA ASN A 475 6.21 29.36 36.85
C ASN A 475 6.82 29.66 38.20
N ASP A 476 6.10 29.33 39.26
CA ASP A 476 6.54 29.59 40.63
C ASP A 476 7.23 28.39 41.26
N LEU A 477 7.46 27.34 40.47
CA LEU A 477 7.94 26.07 40.98
C LEU A 477 9.23 26.20 41.80
N THR A 478 9.36 25.36 42.82
CA THR A 478 10.49 25.39 43.72
C THR A 478 11.16 24.02 43.76
N GLY A 479 12.22 23.88 44.56
CA GLY A 479 12.88 22.60 44.71
C GLY A 479 13.92 22.37 43.63
N GLU A 480 14.63 21.25 43.72
CA GLU A 480 15.68 20.93 42.76
C GLU A 480 15.20 19.91 41.72
N ILE A 481 16.09 19.54 40.80
CA ILE A 481 15.76 18.61 39.72
C ILE A 481 15.92 17.12 40.10
N PRO A 482 14.85 16.34 39.91
CA PRO A 482 14.89 14.88 40.14
C PRO A 482 15.85 14.14 39.20
N SER A 483 16.72 13.31 39.77
CA SER A 483 17.72 12.58 39.02
C SER A 483 17.04 11.66 38.02
N GLY A 484 15.84 11.22 38.38
CA GLY A 484 15.06 10.31 37.57
C GLY A 484 14.83 10.81 36.16
N LEU A 485 14.88 12.14 35.96
CA LEU A 485 14.67 12.68 34.62
C LEU A 485 15.71 12.18 33.63
N SER A 486 16.86 11.74 34.15
CA SER A 486 17.93 11.16 33.34
C SER A 486 17.47 9.93 32.58
N ASN A 487 16.47 9.24 33.14
CA ASN A 487 15.96 8.02 32.53
C ASN A 487 15.17 8.29 31.27
N CYS A 488 14.92 9.56 30.97
CA CYS A 488 14.27 9.90 29.71
C CYS A 488 15.35 10.21 28.67
N THR A 489 15.53 9.30 27.72
CA THR A 489 16.60 9.44 26.73
C THR A 489 16.11 10.11 25.46
N ASN A 490 14.78 10.24 25.34
CA ASN A 490 14.18 10.77 24.12
C ASN A 490 13.87 12.26 24.21
N LEU A 491 14.24 12.89 25.31
CA LEU A 491 13.96 14.32 25.45
C LEU A 491 14.84 15.10 24.49
N ASN A 492 14.21 15.80 23.56
CA ASN A 492 14.95 16.72 22.69
C ASN A 492 14.80 18.18 23.11
N TRP A 493 13.92 18.43 24.09
CA TRP A 493 13.71 19.80 24.52
C TRP A 493 13.51 19.92 26.02
N ILE A 494 14.36 20.71 26.66
CA ILE A 494 14.23 21.03 28.09
C ILE A 494 14.31 22.53 28.29
N SER A 495 13.19 23.14 28.68
CA SER A 495 13.19 24.57 28.95
C SER A 495 12.51 24.88 30.27
N LEU A 496 13.30 25.38 31.22
CA LEU A 496 12.77 25.80 32.51
C LEU A 496 13.25 27.22 32.79
N SER A 497 12.32 28.17 32.79
CA SER A 497 12.73 29.57 32.90
C SER A 497 11.84 30.37 33.84
N ASN A 498 12.40 31.44 34.39
CA ASN A 498 11.68 32.35 35.28
C ASN A 498 11.02 31.61 36.44
N ASN A 499 11.73 30.62 36.97
CA ASN A 499 11.21 29.85 38.09
C ASN A 499 12.12 29.97 39.31
N ARG A 500 11.66 29.38 40.41
CA ARG A 500 12.37 29.45 41.68
C ARG A 500 13.22 28.20 41.95
N LEU A 501 13.30 27.31 40.96
CA LEU A 501 14.06 26.08 41.09
C LEU A 501 15.50 26.37 41.54
N THR A 502 16.02 25.51 42.42
CA THR A 502 17.34 25.71 43.01
C THR A 502 18.21 24.47 42.81
N GLY A 503 19.38 24.47 43.43
CA GLY A 503 20.23 23.30 43.40
C GLY A 503 21.23 23.31 42.26
N GLU A 504 22.16 22.37 42.28
CA GLU A 504 23.18 22.29 41.24
C GLU A 504 22.59 21.76 39.94
N ILE A 505 23.43 21.68 38.92
CA ILE A 505 23.02 21.15 37.61
C ILE A 505 23.46 19.70 37.51
N PRO A 506 22.53 18.81 37.13
CA PRO A 506 22.83 17.38 37.01
C PRO A 506 24.00 17.09 36.07
N LYS A 507 24.79 16.08 36.40
CA LYS A 507 25.95 15.70 35.59
C LYS A 507 25.59 14.59 34.61
N TRP A 508 24.36 14.10 34.71
CA TRP A 508 23.92 12.95 33.92
C TRP A 508 23.31 13.36 32.57
N ILE A 509 23.33 14.66 32.27
CA ILE A 509 22.78 15.16 31.01
C ILE A 509 23.41 14.52 29.78
N GLY A 510 24.67 14.12 29.91
CA GLY A 510 25.39 13.47 28.83
C GLY A 510 24.74 12.18 28.38
N ARG A 511 23.89 11.62 29.23
CA ARG A 511 23.19 10.39 28.92
C ARG A 511 22.18 10.59 27.80
N LEU A 512 21.74 11.83 27.59
CA LEU A 512 20.79 12.12 26.52
C LEU A 512 21.50 12.46 25.21
N GLU A 513 21.35 11.58 24.22
CA GLU A 513 21.96 11.83 22.91
C GLU A 513 20.98 12.58 22.03
N ASN A 514 19.74 12.64 22.49
CA ASN A 514 18.66 13.23 21.71
C ASN A 514 18.31 14.68 22.09
N LEU A 515 18.97 15.23 23.10
CA LEU A 515 18.58 16.53 23.64
C LEU A 515 19.11 17.72 22.83
N ALA A 516 18.19 18.48 22.24
CA ALA A 516 18.53 19.65 21.45
C ALA A 516 18.73 20.96 22.23
N ILE A 517 17.84 21.24 23.17
CA ILE A 517 17.75 22.58 23.76
C ILE A 517 17.67 22.57 25.29
N LEU A 518 18.49 23.39 25.93
CA LEU A 518 18.46 23.51 27.38
C LEU A 518 18.37 24.97 27.82
N LYS A 519 17.25 25.36 28.41
CA LYS A 519 17.09 26.72 28.91
C LYS A 519 16.78 26.76 30.41
N LEU A 520 17.77 27.20 31.18
CA LEU A 520 17.63 27.32 32.64
C LEU A 520 17.34 28.75 33.15
N SER A 521 17.15 29.69 32.22
CA SER A 521 17.23 31.12 32.52
C SER A 521 16.35 31.61 33.67
N ASN A 522 16.86 32.62 34.39
CA ASN A 522 16.18 33.25 35.52
C ASN A 522 15.82 32.24 36.61
N ASN A 523 16.83 31.70 37.27
CA ASN A 523 16.62 30.76 38.36
C ASN A 523 17.74 30.85 39.41
N SER A 524 17.62 30.06 40.47
CA SER A 524 18.54 30.12 41.59
C SER A 524 19.64 29.05 41.56
N PHE A 525 19.72 28.28 40.46
CA PHE A 525 20.68 27.18 40.36
C PHE A 525 22.10 27.64 40.65
N SER A 526 22.88 26.75 41.25
CA SER A 526 24.25 27.10 41.62
C SER A 526 25.21 25.99 41.25
N GLY A 527 26.48 26.16 41.61
CA GLY A 527 27.43 25.11 41.32
C GLY A 527 28.16 25.35 40.01
N ASN A 528 28.95 24.37 39.59
CA ASN A 528 29.74 24.40 38.35
C ASN A 528 29.06 23.81 37.12
N ILE A 529 29.27 24.47 35.99
CA ILE A 529 28.74 23.98 34.73
C ILE A 529 29.48 22.70 34.42
N PRO A 530 28.76 21.57 34.32
CA PRO A 530 29.31 20.24 34.06
C PRO A 530 29.94 20.10 32.67
N ALA A 531 31.10 19.45 32.60
CA ALA A 531 31.78 19.18 31.34
C ALA A 531 31.08 18.07 30.56
N GLU A 532 30.22 17.33 31.27
CA GLU A 532 29.47 16.23 30.68
C GLU A 532 28.49 16.69 29.60
N LEU A 533 28.24 18.00 29.56
CA LEU A 533 27.48 18.60 28.48
C LEU A 533 28.10 18.27 27.13
N GLY A 534 29.42 18.10 27.14
CA GLY A 534 30.16 17.80 25.92
C GLY A 534 29.84 16.42 25.37
N ASP A 535 29.06 15.65 26.11
CA ASP A 535 28.67 14.33 25.63
C ASP A 535 27.34 14.36 24.91
N CYS A 536 26.65 15.51 24.95
CA CYS A 536 25.36 15.63 24.27
C CYS A 536 25.56 16.02 22.81
N ARG A 537 25.14 15.16 21.89
CA ARG A 537 25.42 15.38 20.48
C ARG A 537 24.26 16.06 19.75
N SER A 538 23.14 16.24 20.43
CA SER A 538 21.99 16.89 19.81
C SER A 538 21.85 18.36 20.21
N LEU A 539 22.73 18.86 21.07
CA LEU A 539 22.47 20.12 21.75
C LEU A 539 23.02 21.33 21.00
N ILE A 540 22.11 22.10 20.40
CA ILE A 540 22.46 23.35 19.73
C ILE A 540 22.14 24.62 20.50
N TRP A 541 21.46 24.51 21.64
CA TRP A 541 20.96 25.71 22.32
C TRP A 541 21.09 25.62 23.84
N LEU A 542 21.73 26.63 24.43
CA LEU A 542 21.85 26.70 25.87
C LEU A 542 21.64 28.12 26.40
N ASP A 543 20.63 28.31 27.26
CA ASP A 543 20.50 29.62 27.93
C ASP A 543 20.56 29.43 29.44
N LEU A 544 21.71 29.80 30.01
CA LEU A 544 21.97 29.70 31.45
C LEU A 544 21.90 31.00 32.24
N ASN A 545 21.54 32.10 31.59
CA ASN A 545 21.94 33.43 32.05
C ASN A 545 21.76 33.78 33.55
N THR A 546 20.55 33.93 34.07
CA THR A 546 20.45 34.39 35.45
C THR A 546 20.43 33.23 36.44
N ASN A 547 21.58 32.98 37.06
CA ASN A 547 21.73 31.94 38.07
C ASN A 547 22.88 32.21 39.03
N LEU A 548 23.04 31.31 40.01
CA LEU A 548 24.04 31.46 41.05
C LEU A 548 25.32 30.68 40.77
N PHE A 549 25.43 30.08 39.58
CA PHE A 549 26.55 29.20 39.28
C PHE A 549 27.92 29.82 39.57
N ASN A 550 28.74 29.13 40.35
CA ASN A 550 30.13 29.52 40.57
C ASN A 550 31.05 28.57 39.84
N GLY A 551 32.35 28.79 40.01
CA GLY A 551 33.35 27.90 39.46
C GLY A 551 33.87 28.43 38.14
N THR A 552 34.50 27.55 37.37
CA THR A 552 35.13 27.96 36.13
C THR A 552 34.44 27.39 34.90
N ILE A 553 34.99 27.69 33.72
CA ILE A 553 34.42 27.21 32.47
C ILE A 553 35.36 26.22 31.78
N PRO A 554 34.94 24.95 31.70
CA PRO A 554 35.71 23.87 31.07
C PRO A 554 35.84 24.02 29.56
N ALA A 555 36.99 23.65 29.03
CA ALA A 555 37.22 23.73 27.60
C ALA A 555 36.73 22.50 26.84
N ALA A 556 36.50 21.40 27.56
CA ALA A 556 36.11 20.17 26.90
C ALA A 556 34.61 20.14 26.60
N MET A 557 33.90 21.18 27.03
CA MET A 557 32.45 21.26 26.85
C MET A 557 32.12 21.37 25.36
N PHE A 558 33.08 21.87 24.59
CA PHE A 558 32.88 22.10 23.18
C PHE A 558 33.39 20.94 22.33
N LYS A 559 33.86 19.88 22.98
CA LYS A 559 34.46 18.77 22.22
C LYS A 559 33.48 18.11 21.25
N GLN A 560 32.18 18.20 21.54
CA GLN A 560 31.18 17.53 20.71
C GLN A 560 30.83 18.33 19.47
N SER A 561 31.25 19.59 19.43
CA SER A 561 31.00 20.45 18.28
C SER A 561 31.66 19.86 17.03
N GLY A 562 30.90 19.83 15.94
CA GLY A 562 31.37 19.25 14.70
C GLY A 562 30.81 17.86 14.46
N LYS A 563 30.39 17.18 15.54
CA LYS A 563 29.68 15.92 15.43
C LYS A 563 28.16 16.08 15.63
N ILE A 564 27.72 17.29 15.94
CA ILE A 564 26.35 17.55 16.37
C ILE A 564 25.27 17.21 15.31
N ALA A 565 24.27 16.44 15.72
CA ALA A 565 23.15 16.09 14.83
C ALA A 565 21.85 16.61 15.43
N ALA A 566 21.26 17.59 14.76
CA ALA A 566 20.04 18.26 15.23
C ALA A 566 18.76 17.74 14.57
N ASN A 567 18.88 16.68 13.78
CA ASN A 567 17.79 16.17 12.95
C ASN A 567 16.41 16.07 13.64
N PHE A 568 16.35 15.40 14.79
CA PHE A 568 15.08 15.15 15.45
C PHE A 568 14.47 16.40 16.10
N ILE A 569 15.22 17.49 16.11
CA ILE A 569 14.80 18.72 16.79
C ILE A 569 13.82 19.57 15.98
N ALA A 570 13.87 19.43 14.66
CA ALA A 570 13.12 20.29 13.76
C ALA A 570 11.60 20.04 13.80
N GLY A 571 10.84 21.07 13.41
CA GLY A 571 9.41 20.95 13.24
C GLY A 571 8.55 21.52 14.36
N LYS A 572 9.19 22.21 15.30
CA LYS A 572 8.47 22.78 16.43
C LYS A 572 8.47 24.31 16.39
N ARG A 573 7.32 24.89 16.72
CA ARG A 573 7.16 26.34 16.67
C ARG A 573 7.90 27.02 17.83
N TYR A 574 8.51 28.16 17.56
CA TYR A 574 9.32 28.85 18.57
C TYR A 574 9.15 30.37 18.51
N VAL A 575 9.44 31.01 19.63
CA VAL A 575 9.60 32.46 19.66
C VAL A 575 10.89 32.84 20.37
N TYR A 576 11.61 33.78 19.76
CA TYR A 576 12.82 34.34 20.35
C TYR A 576 12.57 35.82 20.66
N ILE A 577 12.61 36.14 21.95
CA ILE A 577 12.39 37.52 22.38
C ILE A 577 13.73 38.16 22.70
N LYS A 578 14.14 39.10 21.85
CA LYS A 578 15.45 39.73 22.00
C LYS A 578 15.48 40.70 23.16
N ASN A 579 16.50 40.57 24.01
CA ASN A 579 16.68 41.50 25.12
C ASN A 579 17.46 42.71 24.64
N ASP A 580 16.83 43.88 24.72
CA ASP A 580 17.52 45.12 24.42
C ASP A 580 18.23 45.63 25.66
N GLY A 581 19.46 46.09 25.49
CA GLY A 581 20.30 46.43 26.63
C GLY A 581 19.94 47.73 27.30
N MET A 582 18.83 48.33 26.89
CA MET A 582 18.35 49.57 27.46
C MET A 582 18.01 49.41 28.94
N LYS A 583 17.18 48.42 29.25
CA LYS A 583 16.77 48.17 30.62
C LYS A 583 17.62 47.06 31.25
N LYS A 584 18.27 47.39 32.36
CA LYS A 584 19.20 46.46 33.01
C LYS A 584 18.49 45.36 33.81
N GLU A 585 17.17 45.48 33.97
CA GLU A 585 16.40 44.49 34.71
C GLU A 585 16.02 43.29 33.86
N CYS A 586 16.04 43.46 32.54
CA CYS A 586 15.81 42.36 31.62
C CYS A 586 17.17 41.76 31.25
N HIS A 587 17.38 40.49 31.56
CA HIS A 587 18.74 39.93 31.51
C HIS A 587 18.89 38.86 30.43
N GLY A 588 20.13 38.66 29.99
CA GLY A 588 20.45 37.65 29.00
C GLY A 588 20.32 38.19 27.59
N ALA A 589 20.74 37.40 26.61
CA ALA A 589 20.60 37.77 25.21
C ALA A 589 19.13 37.80 24.80
N GLY A 590 18.40 36.76 25.18
CA GLY A 590 16.99 36.66 24.85
C GLY A 590 16.32 35.39 25.36
N ASN A 591 15.01 35.32 25.24
CA ASN A 591 14.25 34.17 25.71
C ASN A 591 13.62 33.36 24.58
N LEU A 592 14.00 32.09 24.48
CA LEU A 592 13.40 31.17 23.53
C LEU A 592 12.30 30.34 24.19
N LEU A 593 11.08 30.46 23.67
CA LEU A 593 9.94 29.76 24.25
C LEU A 593 9.10 29.04 23.19
N GLU A 594 8.42 27.99 23.60
CA GLU A 594 7.60 27.19 22.70
C GLU A 594 6.24 27.86 22.49
N PHE A 595 5.95 28.25 21.25
CA PHE A 595 4.76 29.06 20.96
C PHE A 595 3.54 28.34 20.36
N GLN A 596 3.60 27.02 20.21
CA GLN A 596 2.54 26.29 19.51
C GLN A 596 1.15 26.53 20.09
N GLY A 597 0.22 26.95 19.24
CA GLY A 597 -1.16 27.15 19.63
C GLY A 597 -1.43 28.38 20.48
N ILE A 598 -0.56 29.37 20.39
CA ILE A 598 -0.69 30.59 21.19
C ILE A 598 -0.65 31.85 20.33
N ARG A 599 -1.47 32.84 20.69
CA ARG A 599 -1.48 34.13 19.99
C ARG A 599 -0.37 35.04 20.48
N SER A 600 0.15 35.86 19.57
CA SER A 600 1.17 36.84 19.92
C SER A 600 0.55 38.00 20.70
N GLU A 601 -0.70 38.33 20.37
CA GLU A 601 -1.38 39.47 20.95
C GLU A 601 -1.58 39.33 22.45
N GLN A 602 -1.57 38.09 22.94
CA GLN A 602 -1.75 37.83 24.36
C GLN A 602 -0.42 37.79 25.12
N LEU A 603 0.68 38.08 24.43
CA LEU A 603 2.00 38.10 25.08
C LEU A 603 2.06 39.10 26.23
N ASN A 604 1.12 40.05 26.23
CA ASN A 604 0.99 41.01 27.32
C ASN A 604 0.75 40.35 28.67
N ARG A 605 0.34 39.08 28.66
CA ARG A 605 0.17 38.33 29.90
C ARG A 605 1.50 38.15 30.61
N LEU A 606 2.59 38.43 29.91
CA LEU A 606 3.94 38.37 30.48
C LEU A 606 4.31 39.66 31.19
N SER A 607 3.50 40.70 31.02
CA SER A 607 3.76 42.02 31.60
C SER A 607 4.06 41.94 33.08
N THR A 608 3.31 41.07 33.76
CA THR A 608 3.48 40.90 35.20
C THR A 608 4.75 40.10 35.49
N ARG A 609 5.11 39.18 34.60
CA ARG A 609 6.26 38.32 34.83
C ARG A 609 7.60 38.83 34.27
N ASN A 610 7.58 39.83 33.38
CA ASN A 610 8.84 40.32 32.81
C ASN A 610 8.84 41.82 32.53
N PRO A 611 9.98 42.49 32.79
CA PRO A 611 10.20 43.93 32.55
C PRO A 611 10.62 44.31 31.13
N CYS A 612 9.93 43.86 30.08
CA CYS A 612 10.43 44.18 28.74
C CYS A 612 9.35 44.72 27.81
N ASN A 613 9.51 45.98 27.41
CA ASN A 613 8.63 46.67 26.46
C ASN A 613 9.36 47.84 25.81
N ILE A 614 8.58 48.82 25.33
CA ILE A 614 8.99 49.90 24.40
C ILE A 614 8.80 49.47 22.94
N THR A 615 8.07 48.37 22.76
CA THR A 615 7.55 47.91 21.46
C THR A 615 8.54 47.19 20.53
N SER A 616 9.75 46.94 20.99
CA SER A 616 10.68 46.16 20.18
C SER A 616 11.37 45.14 21.10
N ARG A 617 11.68 43.94 20.60
CA ARG A 617 11.29 43.42 19.29
C ARG A 617 11.08 41.89 19.36
N VAL A 618 10.14 41.35 18.58
CA VAL A 618 9.80 39.92 18.61
C VAL A 618 10.28 39.12 17.38
N TYR A 619 10.84 37.93 17.59
CA TYR A 619 11.19 37.01 16.50
C TYR A 619 10.37 35.72 16.57
N GLU A 620 9.75 35.33 15.46
CA GLU A 620 8.91 34.13 15.44
C GLU A 620 9.48 33.03 14.52
N GLY A 621 8.84 31.86 14.50
CA GLY A 621 9.15 30.84 13.52
C GLY A 621 8.91 29.38 13.91
N HIS A 622 9.55 28.48 13.20
CA HIS A 622 9.54 27.04 13.49
C HIS A 622 10.99 26.55 13.59
N THR A 623 11.25 25.56 14.45
CA THR A 623 12.62 25.10 14.65
C THR A 623 13.24 24.66 13.34
N SER A 624 14.36 25.29 12.99
CA SER A 624 15.07 24.97 11.75
C SER A 624 16.57 25.05 11.95
N PRO A 625 17.18 23.98 12.48
CA PRO A 625 18.64 23.92 12.64
C PRO A 625 19.37 24.19 11.33
N THR A 626 20.57 24.72 11.40
CA THR A 626 21.32 25.09 10.20
C THR A 626 22.02 23.88 9.58
N PHE A 627 21.90 22.73 10.25
CA PHE A 627 22.54 21.52 9.78
C PHE A 627 21.75 20.28 10.18
N ASP A 628 21.78 19.26 9.32
CA ASP A 628 21.16 17.98 9.65
C ASP A 628 22.07 17.16 10.56
N ASN A 629 23.36 17.18 10.27
CA ASN A 629 24.34 16.46 11.07
C ASN A 629 25.68 17.20 11.16
N ASN A 630 26.53 16.75 12.06
CA ASN A 630 27.91 17.23 12.19
C ASN A 630 28.07 18.75 12.31
N GLY A 631 27.22 19.39 13.12
CA GLY A 631 27.28 20.82 13.33
C GLY A 631 27.86 21.21 14.68
N SER A 632 27.47 22.38 15.18
CA SER A 632 27.94 22.85 16.48
C SER A 632 26.87 23.68 17.19
N MET A 633 27.19 24.16 18.39
CA MET A 633 26.25 24.92 19.21
C MET A 633 25.88 26.25 18.57
N MET A 634 24.58 26.47 18.37
CA MET A 634 24.10 27.70 17.75
C MET A 634 23.85 28.86 18.72
N PHE A 635 23.70 28.56 20.01
CA PHE A 635 23.37 29.59 20.98
C PHE A 635 24.03 29.34 22.34
N LEU A 636 24.71 30.36 22.87
CA LEU A 636 25.25 30.27 24.22
C LEU A 636 25.04 31.56 25.01
N ASP A 637 24.28 31.50 26.10
CA ASP A 637 24.17 32.64 27.00
C ASP A 637 24.41 32.21 28.45
N MET A 638 25.56 32.60 28.99
CA MET A 638 25.87 32.43 30.42
C MET A 638 25.76 33.73 31.22
N SER A 639 25.34 34.81 30.57
CA SER A 639 25.47 36.16 31.13
C SER A 639 24.85 36.34 32.51
N TYR A 640 25.42 37.25 33.30
CA TYR A 640 24.99 37.50 34.68
C TYR A 640 25.13 36.28 35.59
N ASN A 641 26.37 35.88 35.88
CA ASN A 641 26.66 34.78 36.79
C ASN A 641 27.95 34.99 37.58
N MET A 642 28.28 34.04 38.45
CA MET A 642 29.47 34.14 39.30
C MET A 642 30.68 33.43 38.70
N LEU A 643 30.53 32.94 37.48
CA LEU A 643 31.58 32.17 36.80
C LEU A 643 32.91 32.91 36.78
N SER A 644 34.00 32.18 36.98
CA SER A 644 35.32 32.78 37.06
C SER A 644 36.37 32.02 36.28
N GLY A 645 37.62 32.46 36.40
CA GLY A 645 38.74 31.84 35.72
C GLY A 645 38.98 32.46 34.35
N TYR A 646 39.80 31.79 33.53
CA TYR A 646 40.13 32.28 32.20
C TYR A 646 39.51 31.36 31.14
N ILE A 647 39.13 31.96 30.02
CA ILE A 647 38.51 31.22 28.91
C ILE A 647 39.51 30.43 28.06
N PRO A 648 39.37 29.10 28.02
CA PRO A 648 40.25 28.26 27.20
C PRO A 648 40.01 28.40 25.70
N LYS A 649 41.03 28.04 24.93
CA LYS A 649 41.06 28.26 23.48
C LYS A 649 39.94 27.56 22.76
N GLU A 650 39.26 26.67 23.45
CA GLU A 650 38.24 25.88 22.80
C GLU A 650 36.99 26.70 22.53
N ILE A 651 36.94 27.92 23.08
CA ILE A 651 35.74 28.75 22.93
C ILE A 651 35.45 29.05 21.45
N GLY A 652 36.49 28.95 20.64
CA GLY A 652 36.37 29.25 19.23
C GLY A 652 36.13 28.05 18.33
N SER A 653 35.65 26.94 18.89
CA SER A 653 35.47 25.73 18.08
C SER A 653 34.05 25.57 17.50
N MET A 654 33.22 26.59 17.64
CA MET A 654 31.82 26.51 17.20
C MET A 654 31.46 27.53 16.13
N PRO A 655 31.81 27.25 14.86
CA PRO A 655 31.59 28.17 13.74
C PRO A 655 30.11 28.47 13.46
N TYR A 656 29.22 27.60 13.93
CA TYR A 656 27.79 27.80 13.70
C TYR A 656 27.14 28.65 14.80
N LEU A 657 27.94 29.07 15.78
CA LEU A 657 27.39 29.83 16.89
C LEU A 657 26.99 31.23 16.44
N PHE A 658 25.72 31.55 16.59
CA PHE A 658 25.19 32.86 16.21
C PHE A 658 25.36 33.93 17.30
N ILE A 659 25.13 33.54 18.55
CA ILE A 659 25.13 34.51 19.66
C ILE A 659 25.89 34.00 20.88
N LEU A 660 26.81 34.81 21.39
CA LEU A 660 27.54 34.44 22.61
C LEU A 660 27.49 35.54 23.66
N ASN A 661 26.85 35.25 24.78
CA ASN A 661 26.83 36.21 25.88
C ASN A 661 27.40 35.62 27.17
N LEU A 662 28.59 36.09 27.54
CA LEU A 662 29.21 35.76 28.83
C LEU A 662 29.05 36.91 29.84
N GLY A 663 28.33 37.95 29.45
CA GLY A 663 28.35 39.22 30.17
C GLY A 663 28.03 39.22 31.66
N HIS A 664 28.52 40.26 32.34
CA HIS A 664 28.33 40.42 33.79
C HIS A 664 28.77 39.21 34.58
N ASN A 665 30.05 38.90 34.53
CA ASN A 665 30.62 37.76 35.27
C ASN A 665 31.97 38.13 35.88
N ASP A 666 32.59 37.15 36.53
CA ASP A 666 33.87 37.35 37.19
C ASP A 666 35.06 36.91 36.32
N ILE A 667 34.78 36.54 35.08
CA ILE A 667 35.78 35.98 34.18
C ILE A 667 37.03 36.84 34.05
N SER A 668 38.19 36.24 34.30
CA SER A 668 39.46 36.96 34.25
C SER A 668 40.48 36.25 33.36
N GLY A 669 41.04 36.97 32.40
CA GLY A 669 42.03 36.40 31.51
C GLY A 669 42.15 37.15 30.19
N SER A 670 42.79 36.52 29.20
CA SER A 670 42.97 37.15 27.91
C SER A 670 42.03 36.57 26.87
N ILE A 671 41.43 37.44 26.05
CA ILE A 671 40.55 37.00 24.97
C ILE A 671 41.33 36.20 23.94
N PRO A 672 40.98 34.91 23.77
CA PRO A 672 41.69 34.02 22.84
C PRO A 672 41.55 34.41 21.37
N ASP A 673 42.60 34.16 20.59
CA ASP A 673 42.60 34.52 19.17
C ASP A 673 41.64 33.59 18.45
N GLU A 674 41.34 32.47 19.09
CA GLU A 674 40.42 31.48 18.54
C GLU A 674 39.03 32.06 18.39
N VAL A 675 38.76 33.16 19.09
CA VAL A 675 37.50 33.86 18.92
C VAL A 675 37.30 34.21 17.44
N GLY A 676 38.40 34.57 16.78
CA GLY A 676 38.36 34.97 15.40
C GLY A 676 37.92 33.87 14.45
N ASP A 677 37.74 32.67 14.98
CA ASP A 677 37.37 31.53 14.16
C ASP A 677 35.86 31.38 14.05
N LEU A 678 35.10 32.26 14.69
CA LEU A 678 33.63 32.14 14.55
C LEU A 678 33.06 33.05 13.46
N ARG A 679 32.60 32.43 12.37
CA ARG A 679 32.10 33.18 11.21
C ARG A 679 30.60 33.42 11.29
N GLY A 680 29.94 32.78 12.24
CA GLY A 680 28.49 32.88 12.34
C GLY A 680 27.98 33.75 13.48
N LEU A 681 28.90 34.34 14.24
CA LEU A 681 28.48 35.05 15.45
C LEU A 681 27.92 36.43 15.11
N ASN A 682 26.63 36.61 15.37
CA ASN A 682 25.96 37.89 15.16
C ASN A 682 26.05 38.87 16.33
N ILE A 683 25.90 38.35 17.55
CA ILE A 683 25.86 39.20 18.74
C ILE A 683 26.76 38.64 19.83
N LEU A 684 27.60 39.51 20.41
CA LEU A 684 28.55 39.10 21.42
C LEU A 684 28.57 40.05 22.62
N ASP A 685 28.25 39.54 23.80
CA ASP A 685 28.37 40.37 25.00
C ASP A 685 29.32 39.76 26.01
N LEU A 686 30.49 40.37 26.15
CA LEU A 686 31.46 40.01 27.19
C LEU A 686 31.42 40.97 28.37
N SER A 687 30.47 41.90 28.35
CA SER A 687 30.50 43.06 29.25
C SER A 687 30.55 42.71 30.72
N SER A 688 31.18 43.59 31.49
CA SER A 688 31.33 43.45 32.94
C SER A 688 32.06 42.17 33.33
N ASN A 689 33.34 42.11 32.99
CA ASN A 689 34.20 41.00 33.40
C ASN A 689 35.60 41.49 33.77
N LYS A 690 36.44 40.56 34.21
CA LYS A 690 37.80 40.90 34.62
C LYS A 690 38.83 40.65 33.50
N LEU A 691 38.34 40.26 32.33
CA LEU A 691 39.21 39.91 31.20
C LEU A 691 40.22 41.02 30.88
N ASP A 692 41.47 40.64 30.68
CA ASP A 692 42.54 41.61 30.40
C ASP A 692 43.29 41.28 29.12
N GLY A 693 44.35 42.04 28.85
CA GLY A 693 45.18 41.82 27.68
C GLY A 693 44.73 42.61 26.47
N ARG A 694 45.20 42.20 25.29
CA ARG A 694 44.87 42.89 24.06
C ARG A 694 43.81 42.13 23.26
N ILE A 695 42.95 42.89 22.58
CA ILE A 695 42.02 42.30 21.64
C ILE A 695 42.84 41.68 20.51
N PRO A 696 42.72 40.35 20.34
CA PRO A 696 43.47 39.67 19.27
C PRO A 696 43.05 40.16 17.89
N GLN A 697 44.04 40.41 17.03
CA GLN A 697 43.78 40.89 15.67
C GLN A 697 42.94 39.88 14.91
N ALA A 698 43.02 38.61 15.35
CA ALA A 698 42.24 37.55 14.74
C ALA A 698 40.75 37.82 14.81
N MET A 699 40.32 38.58 15.81
CA MET A 699 38.90 38.89 15.93
C MET A 699 38.40 39.76 14.78
N SER A 700 39.33 40.32 14.00
CA SER A 700 38.95 41.11 12.84
C SER A 700 38.41 40.20 11.75
N ALA A 701 38.49 38.90 11.99
CA ALA A 701 37.98 37.91 11.06
C ALA A 701 36.48 37.71 11.25
N LEU A 702 35.88 38.41 12.22
CA LEU A 702 34.43 38.24 12.41
C LEU A 702 33.62 39.27 11.63
N THR A 703 32.97 38.80 10.58
CA THR A 703 32.17 39.66 9.72
C THR A 703 30.68 39.58 10.01
N MET A 704 30.27 38.69 10.92
CA MET A 704 28.85 38.44 11.13
C MET A 704 28.25 39.23 12.29
N LEU A 705 29.08 39.97 13.02
CA LEU A 705 28.59 40.64 14.22
C LEU A 705 27.79 41.90 13.88
N THR A 706 26.51 41.89 14.22
CA THR A 706 25.68 43.09 14.12
C THR A 706 25.62 43.83 15.46
N GLU A 707 26.09 43.16 16.51
CA GLU A 707 26.07 43.72 17.85
C GLU A 707 27.21 43.16 18.70
N ILE A 708 27.81 44.02 19.51
CA ILE A 708 28.84 43.58 20.43
C ILE A 708 28.86 44.49 21.66
N ASP A 709 29.15 43.93 22.83
CA ASP A 709 29.44 44.75 24.00
C ASP A 709 30.67 44.23 24.73
N LEU A 710 31.74 45.01 24.69
CA LEU A 710 32.99 44.66 25.37
C LEU A 710 33.20 45.40 26.70
N SER A 711 32.21 46.21 27.09
CA SER A 711 32.40 47.19 28.16
C SER A 711 32.73 46.58 29.51
N ASN A 712 33.35 47.39 30.37
CA ASN A 712 33.68 47.00 31.74
C ASN A 712 34.58 45.77 31.82
N ASN A 713 35.70 45.82 31.12
CA ASN A 713 36.74 44.80 31.25
C ASN A 713 38.09 45.42 31.57
N ASN A 714 39.09 44.57 31.75
CA ASN A 714 40.45 45.04 32.07
C ASN A 714 41.30 45.13 30.81
N LEU A 715 40.68 44.90 29.66
CA LEU A 715 41.38 44.85 28.38
C LEU A 715 42.18 46.12 28.08
N SER A 716 43.32 45.94 27.42
CA SER A 716 44.20 47.05 27.08
C SER A 716 44.70 46.90 25.65
N GLY A 717 45.32 47.95 25.12
CA GLY A 717 45.90 47.89 23.79
C GLY A 717 45.01 48.52 22.75
N PRO A 718 45.47 48.54 21.49
CA PRO A 718 44.72 49.15 20.39
C PRO A 718 43.52 48.31 19.95
N ILE A 719 42.42 48.96 19.59
CA ILE A 719 41.29 48.27 19.00
C ILE A 719 41.64 47.93 17.57
N PRO A 720 41.39 46.66 17.16
CA PRO A 720 41.62 46.31 15.76
C PRO A 720 40.86 47.23 14.81
N GLU A 721 41.57 47.79 13.83
CA GLU A 721 40.99 48.77 12.93
C GLU A 721 40.16 48.07 11.87
N MET A 722 40.68 46.97 11.34
CA MET A 722 39.96 46.20 10.34
C MET A 722 38.82 45.43 10.98
N GLY A 723 38.10 44.65 10.19
CA GLY A 723 36.97 43.90 10.70
C GLY A 723 35.78 44.81 10.93
N GLN A 724 34.88 44.41 11.84
CA GLN A 724 33.67 45.18 12.08
C GLN A 724 33.77 46.14 13.27
N PHE A 725 34.90 46.12 13.97
CA PHE A 725 35.09 46.92 15.18
C PHE A 725 34.83 48.39 14.90
N GLU A 726 35.16 48.81 13.68
CA GLU A 726 35.00 50.17 13.23
C GLU A 726 33.52 50.55 13.12
N THR A 727 32.66 49.55 12.95
CA THR A 727 31.23 49.78 12.82
C THR A 727 30.57 49.98 14.19
N PHE A 728 31.18 49.40 15.22
CA PHE A 728 30.61 49.40 16.56
C PHE A 728 30.91 50.68 17.34
N PRO A 729 29.93 51.17 18.12
CA PRO A 729 30.06 52.39 18.92
C PRO A 729 30.91 52.24 20.18
N PRO A 730 31.62 53.32 20.56
CA PRO A 730 32.48 53.35 21.74
C PRO A 730 31.69 53.10 23.01
N ALA A 731 30.37 53.23 22.93
CA ALA A 731 29.49 52.97 24.06
C ALA A 731 29.67 51.55 24.57
N LYS A 732 29.96 50.63 23.65
CA LYS A 732 30.15 49.23 24.01
C LYS A 732 31.56 49.00 24.57
N PHE A 733 32.45 49.95 24.31
CA PHE A 733 33.86 49.84 24.69
C PHE A 733 34.24 50.53 26.00
N LEU A 734 33.25 51.08 26.70
CA LEU A 734 33.53 51.88 27.90
C LEU A 734 34.12 51.06 29.05
N ASN A 735 34.75 51.77 29.99
CA ASN A 735 35.36 51.17 31.18
C ASN A 735 36.46 50.18 30.83
N ASN A 736 37.22 50.49 29.79
CA ASN A 736 38.42 49.73 29.44
C ASN A 736 39.60 50.68 29.38
N PRO A 737 40.26 50.90 30.53
CA PRO A 737 41.30 51.92 30.75
C PRO A 737 42.45 51.88 29.74
N GLY A 738 42.99 50.70 29.48
CA GLY A 738 44.15 50.58 28.61
C GLY A 738 43.78 50.46 27.14
N LEU A 739 42.48 50.37 26.87
CA LEU A 739 42.00 50.16 25.51
C LEU A 739 42.01 51.47 24.73
N CYS A 740 42.48 51.41 23.49
CA CYS A 740 42.56 52.59 22.64
C CYS A 740 42.32 52.20 21.17
N GLY A 741 42.34 53.20 20.30
CA GLY A 741 42.12 52.94 18.88
C GLY A 741 40.65 53.04 18.51
N TYR A 742 40.37 53.45 17.28
CA TYR A 742 39.01 53.66 16.80
C TYR A 742 38.15 52.40 17.00
N PRO A 743 36.88 52.59 17.42
CA PRO A 743 36.11 53.81 17.64
C PRO A 743 36.54 54.64 18.86
N LEU A 744 37.28 54.05 19.79
CA LEU A 744 37.83 54.78 20.92
C LEU A 744 38.89 55.76 20.44
N PRO A 745 39.26 56.74 21.27
CA PRO A 745 40.30 57.70 20.88
C PRO A 745 41.62 57.03 20.48
N ARG A 746 42.33 57.66 19.54
CA ARG A 746 43.63 57.18 19.10
C ARG A 746 44.63 57.14 20.25
N CYS A 747 45.51 56.14 20.22
CA CYS A 747 46.58 56.03 21.22
C CYS A 747 47.55 57.20 21.11
N SER B 8 31.06 0.43 19.09
CA SER B 8 29.80 -0.29 19.16
C SER B 8 29.14 -0.39 17.79
N LEU B 9 28.74 0.76 17.25
CA LEU B 9 28.07 0.82 15.95
C LEU B 9 28.92 0.18 14.85
N TYR B 10 30.21 0.48 14.89
CA TYR B 10 31.18 -0.12 13.98
C TYR B 10 31.19 -1.63 14.14
N ARG B 11 31.33 -2.08 15.39
CA ARG B 11 31.33 -3.50 15.68
C ARG B 11 29.98 -4.14 15.36
N GLU B 12 28.92 -3.33 15.42
CA GLU B 12 27.59 -3.77 15.03
C GLU B 12 27.56 -4.11 13.55
N ILE B 13 27.90 -3.12 12.72
CA ILE B 13 27.91 -3.31 11.27
C ILE B 13 28.85 -4.44 10.87
N HIS B 14 29.96 -4.56 11.59
CA HIS B 14 30.91 -5.64 11.31
C HIS B 14 30.30 -7.00 11.64
N GLN B 15 29.53 -7.05 12.72
CA GLN B 15 28.87 -8.28 13.13
C GLN B 15 27.79 -8.68 12.14
N LEU B 16 27.10 -7.67 11.61
CA LEU B 16 26.08 -7.88 10.58
C LEU B 16 26.71 -8.40 9.30
N ILE B 17 27.81 -7.78 8.89
CA ILE B 17 28.51 -8.14 7.67
C ILE B 17 29.05 -9.57 7.78
N SER B 18 29.43 -9.97 8.99
CA SER B 18 29.91 -11.32 9.21
C SER B 18 28.81 -12.33 8.92
N LYS B 50 21.93 5.50 11.33
CA LYS B 50 21.53 4.28 12.01
C LYS B 50 20.43 3.55 11.25
N VAL B 51 20.60 2.25 11.02
CA VAL B 51 19.63 1.49 10.25
C VAL B 51 18.51 1.04 11.17
N THR B 52 17.30 1.54 10.94
CA THR B 52 16.13 1.14 11.71
C THR B 52 15.22 0.13 11.02
N SER B 53 15.50 -0.19 9.76
CA SER B 53 14.59 -1.06 9.00
C SER B 53 15.29 -1.84 7.90
N ILE B 54 14.79 -3.05 7.65
CA ILE B 54 15.25 -3.88 6.54
C ILE B 54 14.08 -4.60 5.87
N ASP B 55 13.96 -4.46 4.55
CA ASP B 55 12.91 -5.19 3.83
C ASP B 55 13.53 -6.12 2.79
N LEU B 56 13.49 -7.42 3.10
CA LEU B 56 13.98 -8.47 2.22
C LEU B 56 12.86 -9.20 1.47
N SER B 57 11.63 -8.69 1.60
CA SER B 57 10.44 -9.38 1.10
C SER B 57 10.50 -9.80 -0.37
N SER B 58 9.88 -10.94 -0.65
CA SER B 58 9.79 -11.53 -1.99
C SER B 58 11.15 -11.84 -2.59
N LYS B 59 12.15 -12.03 -1.74
CA LYS B 59 13.46 -12.47 -2.20
C LYS B 59 13.81 -13.84 -1.64
N PRO B 60 13.84 -14.86 -2.50
CA PRO B 60 14.17 -16.20 -2.00
C PRO B 60 15.63 -16.28 -1.55
N LEU B 61 15.94 -15.61 -0.45
CA LEU B 61 17.29 -15.58 0.10
C LEU B 61 17.67 -16.97 0.58
N ASN B 62 16.66 -17.71 1.04
CA ASN B 62 16.84 -19.09 1.49
C ASN B 62 17.89 -19.25 2.58
N VAL B 63 17.72 -18.53 3.68
CA VAL B 63 18.67 -18.64 4.77
C VAL B 63 17.96 -19.21 5.99
N GLY B 64 18.72 -19.79 6.90
CA GLY B 64 18.15 -20.39 8.08
C GLY B 64 17.86 -19.37 9.16
N PHE B 65 16.95 -19.72 10.06
CA PHE B 65 16.55 -18.79 11.12
C PHE B 65 17.64 -18.55 12.13
N SER B 66 18.43 -19.57 12.44
CA SER B 66 19.49 -19.44 13.44
C SER B 66 20.51 -18.35 13.10
N ALA B 67 20.83 -18.25 11.81
CA ALA B 67 21.77 -17.23 11.34
C ALA B 67 21.16 -15.85 11.45
N VAL B 68 19.83 -15.78 11.37
CA VAL B 68 19.12 -14.51 11.49
C VAL B 68 19.09 -14.09 12.95
N SER B 69 18.83 -15.06 13.83
CA SER B 69 18.78 -14.80 15.26
C SER B 69 20.16 -14.33 15.73
N SER B 70 21.21 -14.95 15.19
CA SER B 70 22.57 -14.58 15.58
C SER B 70 23.00 -13.22 15.00
N SER B 71 22.91 -13.08 13.68
CA SER B 71 23.40 -11.88 13.00
C SER B 71 22.44 -10.69 13.10
N LEU B 72 21.20 -10.90 12.68
CA LEU B 72 20.21 -9.83 12.52
C LEU B 72 19.52 -9.40 13.82
N LEU B 73 19.15 -10.36 14.65
CA LEU B 73 18.37 -10.05 15.84
C LEU B 73 19.19 -9.30 16.88
N SER B 74 20.51 -9.38 16.79
CA SER B 74 21.41 -8.70 17.70
C SER B 74 21.71 -7.27 17.24
N LEU B 75 21.16 -6.89 16.08
CA LEU B 75 21.42 -5.57 15.52
C LEU B 75 20.85 -4.46 16.40
N THR B 76 21.71 -3.53 16.77
CA THR B 76 21.33 -2.41 17.62
C THR B 76 20.65 -1.30 16.83
N GLY B 77 19.46 -0.89 17.26
CA GLY B 77 18.76 0.20 16.64
C GLY B 77 17.76 -0.21 15.58
N LEU B 78 17.66 -1.52 15.32
CA LEU B 78 16.75 -2.00 14.30
C LEU B 78 15.31 -2.03 14.80
N GLU B 79 14.47 -1.24 14.16
CA GLU B 79 13.05 -1.16 14.52
C GLU B 79 12.23 -2.27 13.86
N SER B 80 12.55 -2.60 12.61
CA SER B 80 11.72 -3.51 11.84
C SER B 80 12.52 -4.42 10.90
N LEU B 81 12.09 -5.68 10.79
CA LEU B 81 12.74 -6.64 9.93
C LEU B 81 11.72 -7.46 9.13
N PHE B 82 11.79 -7.37 7.80
CA PHE B 82 10.78 -8.01 6.94
C PHE B 82 11.32 -9.15 6.06
N LEU B 83 10.97 -10.39 6.44
CA LEU B 83 11.41 -11.60 5.74
C LEU B 83 10.42 -12.25 4.78
N SER B 84 9.29 -11.60 4.50
CA SER B 84 8.21 -12.24 3.74
C SER B 84 8.66 -12.92 2.45
N ASN B 85 8.27 -14.19 2.30
CA ASN B 85 8.60 -15.00 1.13
C ASN B 85 10.11 -15.13 0.88
N SER B 86 10.89 -15.24 1.95
CA SER B 86 12.34 -15.38 1.82
C SER B 86 12.80 -16.83 1.89
N HIS B 87 11.87 -17.76 1.97
CA HIS B 87 12.18 -19.19 2.02
C HIS B 87 13.08 -19.54 3.20
N ILE B 88 12.69 -19.13 4.39
CA ILE B 88 13.49 -19.42 5.58
C ILE B 88 12.93 -20.67 6.29
N ASN B 89 13.79 -21.65 6.52
CA ASN B 89 13.37 -22.88 7.18
C ASN B 89 14.01 -23.00 8.56
N GLY B 90 13.75 -24.13 9.22
CA GLY B 90 14.26 -24.35 10.57
C GLY B 90 13.19 -24.02 11.59
N SER B 91 13.61 -23.82 12.84
CA SER B 91 12.66 -23.55 13.91
C SER B 91 13.17 -22.51 14.90
N VAL B 92 12.24 -21.86 15.59
CA VAL B 92 12.56 -20.81 16.55
C VAL B 92 13.20 -21.37 17.82
N SER B 93 14.26 -20.70 18.28
CA SER B 93 14.90 -21.07 19.53
C SER B 93 15.22 -19.83 20.35
N GLY B 94 15.70 -20.03 21.57
CA GLY B 94 16.09 -18.93 22.44
C GLY B 94 17.32 -18.22 21.93
N PHE B 95 17.29 -16.90 21.93
CA PHE B 95 18.40 -16.12 21.43
C PHE B 95 18.46 -14.74 22.09
N LYS B 96 19.58 -14.05 21.90
CA LYS B 96 19.74 -12.71 22.43
C LYS B 96 19.02 -11.73 21.51
N CYS B 97 18.10 -10.96 22.07
CA CYS B 97 17.30 -10.05 21.28
C CYS B 97 17.39 -8.61 21.80
N SER B 98 17.57 -7.68 20.88
CA SER B 98 17.62 -6.27 21.21
C SER B 98 16.23 -5.77 21.60
N ALA B 99 16.20 -4.72 22.42
CA ALA B 99 14.93 -4.14 22.87
C ALA B 99 14.40 -3.12 21.87
N SER B 100 15.17 -2.83 20.82
CA SER B 100 14.81 -1.80 19.86
C SER B 100 13.82 -2.29 18.80
N LEU B 101 13.64 -3.60 18.70
CA LEU B 101 12.78 -4.17 17.66
C LEU B 101 11.30 -3.82 17.87
N THR B 102 10.62 -3.53 16.77
CA THR B 102 9.20 -3.17 16.80
C THR B 102 8.35 -4.13 15.96
N SER B 103 8.61 -4.15 14.66
CA SER B 103 7.81 -4.95 13.73
C SER B 103 8.62 -6.09 13.11
N LEU B 104 8.02 -7.28 13.06
CA LEU B 104 8.68 -8.44 12.45
C LEU B 104 7.78 -9.16 11.47
N ASP B 105 8.25 -9.31 10.23
CA ASP B 105 7.50 -10.05 9.22
C ASP B 105 8.22 -11.34 8.88
N LEU B 106 7.68 -12.45 9.37
CA LEU B 106 8.19 -13.79 9.07
C LEU B 106 7.37 -14.51 8.01
N SER B 107 6.38 -13.80 7.45
CA SER B 107 5.34 -14.43 6.65
C SER B 107 5.83 -15.16 5.41
N ARG B 108 5.05 -16.15 4.97
CA ARG B 108 5.34 -16.94 3.77
C ARG B 108 6.71 -17.62 3.84
N ASN B 109 6.96 -18.35 4.92
CA ASN B 109 8.22 -19.06 5.05
C ASN B 109 8.04 -20.50 5.51
N SER B 110 9.17 -21.20 5.63
CA SER B 110 9.19 -22.65 5.87
C SER B 110 9.32 -23.02 7.33
N LEU B 111 9.25 -22.03 8.23
CA LEU B 111 9.45 -22.27 9.66
C LEU B 111 8.57 -23.42 10.16
N SER B 112 9.19 -24.33 10.91
CA SER B 112 8.52 -25.54 11.34
C SER B 112 8.66 -25.78 12.83
N GLY B 113 8.07 -26.86 13.31
CA GLY B 113 8.16 -27.20 14.72
C GLY B 113 6.92 -26.75 15.45
N PRO B 114 6.89 -26.96 16.78
CA PRO B 114 5.76 -26.55 17.61
C PRO B 114 5.62 -25.03 17.71
N VAL B 115 4.39 -24.55 17.85
CA VAL B 115 4.13 -23.12 17.95
C VAL B 115 4.70 -22.62 19.26
N THR B 116 4.90 -23.55 20.19
CA THR B 116 5.44 -23.23 21.50
C THR B 116 6.83 -22.60 21.36
N THR B 117 7.52 -22.87 20.25
CA THR B 117 8.84 -22.30 20.01
C THR B 117 8.79 -20.77 20.09
N LEU B 118 7.65 -20.20 19.70
CA LEU B 118 7.50 -18.75 19.70
C LEU B 118 7.68 -18.13 21.09
N THR B 119 7.54 -18.94 22.13
CA THR B 119 7.75 -18.47 23.50
C THR B 119 9.16 -17.89 23.67
N SER B 120 10.09 -18.39 22.86
CA SER B 120 11.48 -18.01 23.03
C SER B 120 11.73 -16.65 22.41
N LEU B 121 10.67 -16.05 21.88
CA LEU B 121 10.75 -14.69 21.37
C LEU B 121 10.60 -13.71 22.52
N GLY B 122 10.39 -14.24 23.72
CA GLY B 122 10.20 -13.39 24.89
C GLY B 122 11.46 -12.62 25.26
N SER B 123 12.55 -12.93 24.58
CA SER B 123 13.80 -12.20 24.78
C SER B 123 13.70 -10.79 24.20
N CYS B 124 12.71 -10.55 23.35
CA CYS B 124 12.49 -9.21 22.82
C CYS B 124 11.44 -8.46 23.64
N SER B 125 11.88 -7.45 24.37
CA SER B 125 11.02 -6.76 25.32
C SER B 125 10.06 -5.76 24.67
N GLY B 126 10.51 -5.15 23.58
CA GLY B 126 9.75 -4.09 22.95
C GLY B 126 8.95 -4.50 21.73
N LEU B 127 8.80 -5.80 21.51
CA LEU B 127 8.13 -6.28 20.31
C LEU B 127 6.61 -6.13 20.41
N LYS B 128 6.06 -5.28 19.56
CA LYS B 128 4.61 -5.10 19.46
C LYS B 128 3.97 -5.89 18.30
N PHE B 129 4.67 -5.96 17.17
CA PHE B 129 4.12 -6.50 15.93
C PHE B 129 4.77 -7.80 15.47
N LEU B 130 3.97 -8.87 15.35
CA LEU B 130 4.50 -10.17 14.93
C LEU B 130 3.66 -10.82 13.82
N ASN B 131 4.28 -11.01 12.66
CA ASN B 131 3.64 -11.71 11.54
C ASN B 131 4.36 -13.04 11.24
N VAL B 132 3.78 -14.15 11.66
CA VAL B 132 4.31 -15.48 11.35
C VAL B 132 3.55 -16.20 10.22
N SER B 133 2.60 -15.50 9.60
CA SER B 133 1.61 -16.13 8.73
C SER B 133 2.22 -16.96 7.59
N SER B 134 1.49 -17.99 7.18
CA SER B 134 1.90 -18.91 6.13
C SER B 134 3.20 -19.62 6.46
N ASN B 135 3.26 -20.24 7.63
CA ASN B 135 4.37 -21.12 7.99
C ASN B 135 3.88 -22.52 8.33
N THR B 136 4.81 -23.42 8.65
CA THR B 136 4.47 -24.80 8.93
C THR B 136 4.33 -25.09 10.43
N LEU B 137 4.41 -24.06 11.25
CA LEU B 137 4.30 -24.21 12.70
C LEU B 137 3.01 -24.93 13.10
N ASP B 138 3.10 -25.79 14.11
CA ASP B 138 1.95 -26.54 14.57
C ASP B 138 1.85 -26.55 16.10
N PHE B 139 0.88 -27.27 16.63
CA PHE B 139 0.68 -27.39 18.06
C PHE B 139 0.43 -28.85 18.41
N PRO B 140 1.51 -29.62 18.59
CA PRO B 140 1.44 -31.06 18.91
C PRO B 140 0.87 -31.35 20.29
N GLY B 141 -0.04 -32.33 20.35
CA GLY B 141 -0.54 -32.83 21.61
C GLY B 141 -1.30 -31.85 22.49
N LYS B 142 -1.17 -32.04 23.79
CA LYS B 142 -1.95 -31.30 24.78
C LYS B 142 -1.58 -29.83 24.79
N VAL B 143 -2.49 -29.02 25.30
CA VAL B 143 -2.27 -27.58 25.42
C VAL B 143 -2.06 -27.21 26.87
N SER B 144 -0.84 -26.81 27.21
CA SER B 144 -0.50 -26.42 28.57
C SER B 144 0.35 -25.16 28.59
N GLY B 145 0.33 -24.46 29.71
CA GLY B 145 1.06 -23.22 29.85
C GLY B 145 0.41 -22.08 29.06
N GLY B 146 1.23 -21.31 28.37
CA GLY B 146 0.74 -20.20 27.58
C GLY B 146 1.78 -19.69 26.60
N LEU B 147 1.35 -18.82 25.69
CA LEU B 147 2.26 -18.20 24.74
C LEU B 147 3.21 -17.24 25.44
N LYS B 148 2.74 -16.67 26.55
CA LYS B 148 3.54 -15.80 27.42
C LYS B 148 4.07 -14.56 26.72
N LEU B 149 3.40 -14.10 25.68
CA LEU B 149 3.71 -12.79 25.13
C LEU B 149 2.54 -11.85 25.35
N ASN B 150 2.68 -10.96 26.32
CA ASN B 150 1.65 -9.98 26.62
C ASN B 150 1.95 -8.59 26.05
N SER B 151 3.13 -8.44 25.45
CA SER B 151 3.59 -7.14 25.02
C SER B 151 3.13 -6.83 23.59
N LEU B 152 2.60 -7.84 22.91
CA LEU B 152 2.18 -7.69 21.52
C LEU B 152 0.86 -6.96 21.41
N GLU B 153 0.87 -5.83 20.70
CA GLU B 153 -0.38 -5.15 20.36
C GLU B 153 -1.00 -5.74 19.09
N VAL B 154 -0.17 -6.41 18.28
CA VAL B 154 -0.63 -7.00 17.03
C VAL B 154 -0.03 -8.39 16.82
N LEU B 155 -0.89 -9.38 16.62
CA LEU B 155 -0.44 -10.75 16.41
C LEU B 155 -1.15 -11.48 15.27
N ASP B 156 -0.38 -11.94 14.28
CA ASP B 156 -0.94 -12.71 13.19
C ASP B 156 -0.33 -14.10 13.13
N LEU B 157 -1.12 -15.11 13.51
CA LEU B 157 -0.71 -16.52 13.46
C LEU B 157 -1.23 -17.26 12.23
N SER B 158 -1.89 -16.52 11.33
CA SER B 158 -2.71 -17.13 10.28
C SER B 158 -1.99 -18.10 9.35
N ALA B 159 -2.76 -19.07 8.84
CA ALA B 159 -2.29 -20.01 7.82
C ALA B 159 -1.10 -20.85 8.27
N ASN B 160 -1.20 -21.48 9.43
CA ASN B 160 -0.16 -22.39 9.89
C ASN B 160 -0.69 -23.82 10.02
N SER B 161 0.16 -24.71 10.52
CA SER B 161 -0.20 -26.12 10.62
C SER B 161 -0.83 -26.44 11.97
N ILE B 162 -1.07 -25.40 12.77
CA ILE B 162 -1.62 -25.58 14.12
C ILE B 162 -2.94 -26.35 14.09
N SER B 163 -2.98 -27.44 14.85
CA SER B 163 -4.18 -28.23 14.99
C SER B 163 -4.42 -28.52 16.47
N GLY B 164 -5.53 -28.03 17.01
CA GLY B 164 -5.79 -28.23 18.43
C GLY B 164 -7.04 -27.59 18.99
N ALA B 165 -7.15 -27.60 20.32
CA ALA B 165 -8.29 -27.02 21.03
C ALA B 165 -7.82 -26.03 22.08
N ASN B 166 -8.58 -24.95 22.24
CA ASN B 166 -8.29 -23.86 23.18
C ASN B 166 -6.89 -23.28 23.03
N VAL B 167 -6.40 -23.31 21.80
CA VAL B 167 -5.11 -22.74 21.45
C VAL B 167 -5.15 -21.24 21.68
N VAL B 168 -6.33 -20.65 21.51
CA VAL B 168 -6.52 -19.23 21.78
C VAL B 168 -6.25 -18.94 23.25
N GLY B 169 -6.68 -19.85 24.12
CA GLY B 169 -6.41 -19.72 25.54
C GLY B 169 -4.92 -19.84 25.76
N TRP B 170 -4.29 -20.68 24.94
CA TRP B 170 -2.83 -20.84 25.01
C TRP B 170 -2.12 -19.55 24.60
N VAL B 171 -2.77 -18.78 23.72
CA VAL B 171 -2.22 -17.49 23.28
C VAL B 171 -2.41 -16.38 24.30
N LEU B 172 -3.62 -16.26 24.84
CA LEU B 172 -3.98 -15.13 25.68
C LEU B 172 -3.77 -15.39 27.18
N SER B 173 -3.20 -16.55 27.51
CA SER B 173 -2.96 -16.92 28.91
C SER B 173 -2.25 -15.83 29.73
N ASP B 174 -1.31 -15.12 29.11
CA ASP B 174 -0.55 -14.08 29.80
C ASP B 174 -1.27 -12.73 29.79
N GLY B 175 -2.46 -12.72 29.22
CA GLY B 175 -3.32 -11.55 29.20
C GLY B 175 -3.37 -10.80 27.88
N CYS B 176 -4.55 -10.29 27.57
CA CYS B 176 -4.83 -9.61 26.30
C CYS B 176 -4.81 -8.08 26.38
N GLY B 177 -4.45 -7.53 27.54
CA GLY B 177 -4.64 -6.11 27.83
C GLY B 177 -4.19 -5.12 26.76
N GLU B 178 -3.04 -5.39 26.14
CA GLU B 178 -2.53 -4.48 25.12
C GLU B 178 -2.87 -4.89 23.68
N LEU B 179 -3.53 -6.05 23.52
CA LEU B 179 -3.69 -6.58 22.18
C LEU B 179 -4.82 -5.88 21.43
N LYS B 180 -4.46 -5.18 20.36
CA LYS B 180 -5.44 -4.54 19.50
C LYS B 180 -5.78 -5.35 18.23
N HIS B 181 -4.96 -6.35 17.92
CA HIS B 181 -5.13 -7.10 16.67
C HIS B 181 -4.80 -8.58 16.83
N LEU B 182 -5.72 -9.45 16.42
CA LEU B 182 -5.48 -10.89 16.47
C LEU B 182 -6.00 -11.63 15.23
N ALA B 183 -5.11 -12.34 14.54
CA ALA B 183 -5.55 -13.21 13.44
C ALA B 183 -5.00 -14.62 13.55
N ILE B 184 -5.88 -15.58 13.84
CA ILE B 184 -5.51 -17.00 13.93
C ILE B 184 -5.89 -17.79 12.66
N SER B 185 -6.36 -17.09 11.63
CA SER B 185 -7.12 -17.71 10.55
C SER B 185 -6.36 -18.73 9.73
N GLY B 186 -7.08 -19.54 8.95
CA GLY B 186 -6.47 -20.53 8.08
C GLY B 186 -5.76 -21.63 8.85
N ASN B 187 -6.27 -21.94 10.03
CA ASN B 187 -5.69 -22.98 10.88
C ASN B 187 -6.74 -23.97 11.33
N LYS B 188 -6.34 -24.95 12.13
CA LYS B 188 -7.33 -25.83 12.74
C LYS B 188 -7.34 -25.65 14.25
N ILE B 189 -8.37 -24.97 14.74
CA ILE B 189 -8.48 -24.67 16.16
C ILE B 189 -9.94 -24.80 16.58
N SER B 190 -10.18 -25.42 17.73
CA SER B 190 -11.53 -25.63 18.22
C SER B 190 -11.71 -25.07 19.63
N GLY B 191 -12.87 -25.31 20.20
CA GLY B 191 -13.15 -24.88 21.56
C GLY B 191 -13.80 -23.51 21.60
N ASP B 192 -13.67 -22.84 22.73
CA ASP B 192 -14.30 -21.53 22.91
C ASP B 192 -13.23 -20.46 22.99
N VAL B 193 -13.58 -19.25 22.56
CA VAL B 193 -12.63 -18.15 22.52
C VAL B 193 -13.06 -17.04 23.47
N ASP B 194 -12.27 -16.80 24.52
CA ASP B 194 -12.60 -15.76 25.47
C ASP B 194 -11.60 -14.61 25.36
N VAL B 195 -12.04 -13.52 24.75
CA VAL B 195 -11.23 -12.31 24.63
C VAL B 195 -11.64 -11.22 25.62
N SER B 196 -12.59 -11.54 26.49
CA SER B 196 -13.25 -10.55 27.35
C SER B 196 -12.29 -9.73 28.21
N ARG B 197 -11.10 -10.27 28.47
CA ARG B 197 -10.12 -9.56 29.28
C ARG B 197 -9.31 -8.55 28.47
N CYS B 198 -9.51 -8.54 27.15
CA CYS B 198 -8.81 -7.60 26.28
C CYS B 198 -9.72 -6.43 25.92
N VAL B 199 -9.45 -5.28 26.52
CA VAL B 199 -10.31 -4.10 26.33
C VAL B 199 -9.88 -3.25 25.15
N ASN B 200 -8.67 -3.48 24.65
CA ASN B 200 -8.12 -2.67 23.57
C ASN B 200 -8.23 -3.34 22.20
N LEU B 201 -8.84 -4.51 22.15
CA LEU B 201 -8.82 -5.29 20.91
C LEU B 201 -9.77 -4.72 19.87
N GLU B 202 -9.19 -4.25 18.76
CA GLU B 202 -9.98 -3.72 17.65
C GLU B 202 -10.21 -4.73 16.53
N PHE B 203 -9.50 -5.85 16.57
CA PHE B 203 -9.53 -6.80 15.47
C PHE B 203 -9.53 -8.24 15.95
N LEU B 204 -10.53 -9.01 15.52
CA LEU B 204 -10.56 -10.43 15.81
C LEU B 204 -10.93 -11.23 14.58
N ASP B 205 -9.99 -12.05 14.11
CA ASP B 205 -10.27 -12.99 13.03
C ASP B 205 -10.01 -14.41 13.51
N VAL B 206 -11.09 -15.16 13.75
CA VAL B 206 -10.99 -16.57 14.07
C VAL B 206 -11.30 -17.41 12.83
N SER B 207 -11.50 -16.73 11.70
CA SER B 207 -12.09 -17.34 10.52
C SER B 207 -11.23 -18.46 9.96
N SER B 208 -11.87 -19.34 9.17
CA SER B 208 -11.20 -20.48 8.57
C SER B 208 -10.53 -21.35 9.62
N ASN B 209 -11.36 -21.96 10.47
CA ASN B 209 -10.87 -22.84 11.51
C ASN B 209 -11.86 -23.95 11.80
N ASN B 210 -11.59 -24.73 12.84
CA ASN B 210 -12.37 -25.92 13.13
C ASN B 210 -13.49 -25.73 14.16
N PHE B 211 -13.73 -24.50 14.60
CA PHE B 211 -14.66 -24.32 15.72
C PHE B 211 -16.06 -24.75 15.27
N SER B 212 -16.61 -25.78 15.89
CA SER B 212 -18.00 -26.13 15.64
C SER B 212 -18.95 -25.74 16.77
N THR B 213 -18.39 -25.31 17.90
CA THR B 213 -19.23 -25.12 19.08
C THR B 213 -19.40 -23.69 19.54
N GLY B 214 -18.40 -23.19 20.26
CA GLY B 214 -18.50 -21.89 20.89
C GLY B 214 -18.38 -20.67 20.02
N ILE B 215 -19.32 -19.73 20.18
CA ILE B 215 -19.15 -18.42 19.60
C ILE B 215 -18.17 -17.74 20.54
N PRO B 216 -17.17 -17.02 20.00
CA PRO B 216 -16.20 -16.33 20.86
C PRO B 216 -16.88 -15.42 21.89
N PHE B 217 -16.33 -15.35 23.10
CA PHE B 217 -16.91 -14.49 24.13
C PHE B 217 -16.22 -13.14 24.10
N LEU B 218 -16.97 -12.10 23.72
CA LEU B 218 -16.39 -10.80 23.48
C LEU B 218 -16.40 -9.90 24.72
N GLY B 219 -17.08 -10.35 25.77
CA GLY B 219 -17.19 -9.56 26.99
C GLY B 219 -17.86 -8.22 26.75
N ASP B 220 -17.16 -7.15 27.12
CA ASP B 220 -17.68 -5.80 26.97
C ASP B 220 -17.72 -5.35 25.52
N CYS B 221 -16.80 -5.88 24.71
CA CYS B 221 -16.70 -5.55 23.29
C CYS B 221 -16.58 -4.04 23.10
N SER B 222 -15.71 -3.43 23.89
CA SER B 222 -15.57 -1.98 23.89
C SER B 222 -14.92 -1.46 22.61
N ALA B 223 -13.73 -1.97 22.31
CA ALA B 223 -12.93 -1.43 21.21
C ALA B 223 -13.02 -2.21 19.89
N LEU B 224 -13.82 -3.27 19.84
CA LEU B 224 -13.76 -4.15 18.68
C LEU B 224 -14.52 -3.62 17.47
N GLN B 225 -13.79 -3.31 16.40
CA GLN B 225 -14.39 -2.87 15.14
C GLN B 225 -14.54 -3.96 14.08
N HIS B 226 -13.87 -5.10 14.28
CA HIS B 226 -13.80 -6.10 13.21
C HIS B 226 -13.93 -7.52 13.75
N LEU B 227 -14.92 -8.25 13.26
CA LEU B 227 -15.12 -9.64 13.68
C LEU B 227 -15.35 -10.58 12.51
N ASP B 228 -14.43 -11.51 12.31
CA ASP B 228 -14.63 -12.54 11.31
C ASP B 228 -14.60 -13.92 11.96
N ILE B 229 -15.77 -14.53 12.08
CA ILE B 229 -15.91 -15.89 12.58
C ILE B 229 -16.10 -16.90 11.45
N SER B 230 -16.04 -16.41 10.21
CA SER B 230 -16.48 -17.18 9.05
C SER B 230 -15.68 -18.45 8.80
N GLY B 231 -16.27 -19.38 8.06
CA GLY B 231 -15.60 -20.61 7.72
C GLY B 231 -15.52 -21.58 8.89
N ASN B 232 -16.62 -21.70 9.62
CA ASN B 232 -16.68 -22.62 10.75
C ASN B 232 -18.03 -23.31 10.82
N LYS B 233 -18.19 -24.22 11.77
CA LYS B 233 -19.44 -24.96 11.94
C LYS B 233 -20.33 -24.36 13.03
N LEU B 234 -19.93 -23.23 13.58
CA LEU B 234 -20.59 -22.62 14.74
C LEU B 234 -22.10 -22.42 14.60
N SER B 235 -22.81 -22.68 15.69
CA SER B 235 -24.25 -22.44 15.78
C SER B 235 -24.59 -21.87 17.16
N GLY B 236 -25.81 -21.38 17.34
CA GLY B 236 -26.20 -20.80 18.61
C GLY B 236 -26.31 -19.29 18.57
N ASP B 237 -26.44 -18.67 19.75
CA ASP B 237 -26.75 -17.25 19.82
C ASP B 237 -25.48 -16.40 19.86
N PHE B 238 -25.21 -15.74 18.74
CA PHE B 238 -24.13 -14.76 18.66
C PHE B 238 -24.66 -13.35 18.89
N SER B 239 -25.98 -13.20 18.89
CA SER B 239 -26.61 -11.89 18.96
C SER B 239 -26.33 -11.20 20.29
N ARG B 240 -26.61 -11.89 21.39
CA ARG B 240 -26.38 -11.32 22.71
C ARG B 240 -24.87 -11.16 22.93
N ALA B 241 -24.10 -12.02 22.26
CA ALA B 241 -22.65 -11.96 22.33
C ALA B 241 -22.13 -10.69 21.66
N ILE B 242 -22.68 -10.37 20.49
CA ILE B 242 -22.24 -9.20 19.76
C ILE B 242 -23.06 -7.96 20.12
N SER B 243 -24.02 -8.15 21.02
CA SER B 243 -24.92 -7.07 21.43
C SER B 243 -24.17 -5.99 22.19
N THR B 244 -23.01 -6.35 22.72
CA THR B 244 -22.19 -5.42 23.48
C THR B 244 -21.24 -4.63 22.59
N CYS B 245 -21.24 -4.89 21.28
CA CYS B 245 -20.29 -4.20 20.41
C CYS B 245 -20.90 -2.92 19.84
N THR B 246 -20.42 -1.79 20.34
CA THR B 246 -20.93 -0.47 19.94
C THR B 246 -20.34 0.04 18.62
N GLU B 247 -19.03 -0.10 18.48
CA GLU B 247 -18.30 0.49 17.36
C GLU B 247 -18.05 -0.46 16.20
N LEU B 248 -18.64 -1.66 16.27
CA LEU B 248 -18.45 -2.69 15.25
C LEU B 248 -18.71 -2.20 13.82
N LYS B 249 -17.83 -2.60 12.90
CA LYS B 249 -17.92 -2.18 11.51
C LYS B 249 -18.18 -3.37 10.59
N LEU B 250 -17.25 -4.31 10.58
CA LEU B 250 -17.34 -5.47 9.70
C LEU B 250 -17.70 -6.73 10.47
N LEU B 251 -18.75 -7.42 10.04
CA LEU B 251 -19.16 -8.67 10.65
C LEU B 251 -19.25 -9.76 9.60
N ASN B 252 -18.35 -10.74 9.70
CA ASN B 252 -18.35 -11.87 8.77
C ASN B 252 -18.68 -13.16 9.52
N ILE B 253 -19.92 -13.63 9.39
CA ILE B 253 -20.33 -14.89 9.99
C ILE B 253 -20.42 -16.02 8.97
N SER B 254 -20.03 -15.73 7.72
CA SER B 254 -20.35 -16.59 6.58
C SER B 254 -19.78 -18.00 6.69
N SER B 255 -20.39 -18.92 5.94
CA SER B 255 -20.01 -20.33 5.94
C SER B 255 -20.10 -20.95 7.33
N ASN B 256 -21.32 -21.06 7.85
CA ASN B 256 -21.56 -21.69 9.14
C ASN B 256 -22.87 -22.46 9.18
N GLN B 257 -23.15 -23.09 10.32
CA GLN B 257 -24.33 -23.93 10.47
C GLN B 257 -25.51 -23.21 11.10
N PHE B 258 -25.36 -21.90 11.32
CA PHE B 258 -26.41 -21.08 11.94
C PHE B 258 -27.76 -21.19 11.25
N VAL B 259 -28.83 -21.26 12.04
CA VAL B 259 -30.18 -21.37 11.51
C VAL B 259 -31.11 -20.38 12.22
N GLY B 260 -32.34 -20.24 11.73
CA GLY B 260 -33.31 -19.35 12.34
C GLY B 260 -33.32 -17.95 11.76
N PRO B 261 -34.15 -17.06 12.32
CA PRO B 261 -34.31 -15.67 11.85
C PRO B 261 -33.18 -14.74 12.24
N ILE B 262 -33.06 -13.62 11.53
CA ILE B 262 -32.08 -12.59 11.86
C ILE B 262 -32.43 -11.90 13.18
N PRO B 263 -31.54 -12.03 14.17
CA PRO B 263 -31.78 -11.43 15.49
C PRO B 263 -31.38 -9.95 15.49
N PRO B 264 -31.63 -9.24 16.61
CA PRO B 264 -31.18 -7.85 16.69
C PRO B 264 -29.66 -7.75 16.55
N LEU B 265 -29.19 -6.63 16.00
CA LEU B 265 -27.77 -6.45 15.70
C LEU B 265 -27.32 -5.03 16.05
N PRO B 266 -26.01 -4.86 16.30
CA PRO B 266 -25.43 -3.53 16.53
C PRO B 266 -25.22 -2.77 15.22
N LEU B 267 -26.28 -2.13 14.74
CA LEU B 267 -26.28 -1.53 13.40
C LEU B 267 -25.80 -0.09 13.40
N LYS B 268 -25.37 0.41 14.56
CA LYS B 268 -24.99 1.81 14.69
C LYS B 268 -23.80 2.18 13.80
N SER B 269 -22.66 1.52 14.01
CA SER B 269 -21.45 1.80 13.25
C SER B 269 -21.20 0.81 12.10
N LEU B 270 -22.10 -0.13 11.92
CA LEU B 270 -21.88 -1.25 10.98
C LEU B 270 -21.64 -0.81 9.55
N GLN B 271 -20.54 -1.28 8.95
CA GLN B 271 -20.22 -0.97 7.56
C GLN B 271 -20.43 -2.15 6.62
N TYR B 272 -19.68 -3.24 6.83
CA TYR B 272 -19.80 -4.41 5.98
C TYR B 272 -20.45 -5.57 6.72
N LEU B 273 -21.41 -6.22 6.08
CA LEU B 273 -22.16 -7.29 6.75
C LEU B 273 -22.36 -8.50 5.85
N SER B 274 -21.91 -9.67 6.32
CA SER B 274 -22.09 -10.92 5.59
C SER B 274 -22.70 -12.03 6.44
N LEU B 275 -23.93 -12.40 6.11
CA LEU B 275 -24.63 -13.53 6.73
C LEU B 275 -24.56 -14.80 5.89
N ALA B 276 -23.77 -14.76 4.83
CA ALA B 276 -23.85 -15.74 3.75
C ALA B 276 -23.59 -17.19 4.12
N GLU B 277 -24.09 -18.10 3.28
CA GLU B 277 -23.89 -19.54 3.41
C GLU B 277 -24.38 -20.14 4.73
N ASN B 278 -25.64 -19.91 5.05
CA ASN B 278 -26.23 -20.48 6.26
C ASN B 278 -27.66 -20.97 6.05
N LYS B 279 -28.28 -21.40 7.14
CA LYS B 279 -29.62 -21.98 7.11
C LYS B 279 -30.70 -20.94 7.38
N PHE B 280 -30.30 -19.67 7.44
CA PHE B 280 -31.21 -18.56 7.78
C PHE B 280 -32.50 -18.57 6.96
N THR B 281 -33.61 -18.28 7.65
CA THR B 281 -34.93 -18.27 7.01
C THR B 281 -35.61 -16.91 7.12
N GLY B 282 -36.85 -16.84 6.63
CA GLY B 282 -37.64 -15.62 6.68
C GLY B 282 -37.35 -14.65 5.55
N GLU B 283 -37.70 -13.38 5.75
CA GLU B 283 -37.46 -12.37 4.72
C GLU B 283 -36.70 -11.20 5.30
N ILE B 284 -36.18 -10.34 4.43
CA ILE B 284 -35.32 -9.24 4.87
C ILE B 284 -36.03 -8.29 5.81
N PRO B 285 -35.54 -8.21 7.05
CA PRO B 285 -36.14 -7.39 8.11
C PRO B 285 -36.04 -5.90 7.81
N ASP B 286 -36.89 -5.12 8.46
CA ASP B 286 -36.92 -3.67 8.26
C ASP B 286 -35.84 -2.96 9.07
N PHE B 287 -35.56 -3.46 10.27
CA PHE B 287 -34.71 -2.75 11.23
C PHE B 287 -33.30 -2.50 10.71
N LEU B 288 -32.91 -3.23 9.68
CA LEU B 288 -31.60 -3.06 9.06
C LEU B 288 -31.41 -1.62 8.56
N SER B 289 -32.53 -0.95 8.31
CA SER B 289 -32.48 0.44 7.88
C SER B 289 -31.74 1.33 8.87
N GLY B 290 -31.64 0.89 10.12
CA GLY B 290 -30.93 1.64 11.14
C GLY B 290 -29.45 1.77 10.84
N ALA B 291 -28.95 0.92 9.95
CA ALA B 291 -27.55 0.94 9.58
C ALA B 291 -27.30 1.74 8.30
N CYS B 292 -28.38 2.29 7.73
CA CYS B 292 -28.28 2.96 6.43
C CYS B 292 -27.40 4.20 6.45
N ASP B 293 -27.19 4.77 7.63
CA ASP B 293 -26.32 5.94 7.77
C ASP B 293 -24.86 5.53 7.68
N THR B 294 -24.61 4.23 7.68
CA THR B 294 -23.27 3.66 7.83
C THR B 294 -22.93 2.64 6.74
N LEU B 295 -23.76 1.60 6.64
CA LEU B 295 -23.43 0.35 5.95
C LEU B 295 -22.81 0.52 4.56
N THR B 296 -21.76 -0.25 4.33
CA THR B 296 -20.96 -0.20 3.11
C THR B 296 -21.40 -1.25 2.10
N GLY B 297 -21.35 -2.51 2.49
CA GLY B 297 -21.77 -3.59 1.62
C GLY B 297 -22.39 -4.75 2.37
N LEU B 298 -23.19 -5.52 1.65
CA LEU B 298 -24.02 -6.54 2.27
C LEU B 298 -24.09 -7.81 1.43
N ASP B 299 -23.89 -8.96 2.07
CA ASP B 299 -24.03 -10.22 1.36
C ASP B 299 -24.95 -11.17 2.14
N LEU B 300 -26.12 -11.42 1.59
CA LEU B 300 -27.07 -12.37 2.16
C LEU B 300 -27.06 -13.73 1.45
N SER B 301 -26.16 -13.90 0.50
CA SER B 301 -26.19 -15.05 -0.42
C SER B 301 -26.15 -16.41 0.25
N GLY B 302 -26.76 -17.40 -0.40
CA GLY B 302 -26.72 -18.77 0.06
C GLY B 302 -27.54 -19.03 1.32
N ASN B 303 -28.80 -18.63 1.30
CA ASN B 303 -29.70 -18.90 2.41
C ASN B 303 -31.11 -19.23 1.93
N HIS B 304 -32.02 -19.42 2.89
CA HIS B 304 -33.39 -19.83 2.60
C HIS B 304 -34.34 -18.64 2.51
N PHE B 305 -33.79 -17.43 2.53
CA PHE B 305 -34.57 -16.20 2.48
C PHE B 305 -35.53 -16.13 1.30
N TYR B 306 -36.67 -15.49 1.51
CA TYR B 306 -37.68 -15.32 0.47
C TYR B 306 -38.33 -13.94 0.56
N GLY B 307 -39.37 -13.73 -0.24
CA GLY B 307 -40.08 -12.46 -0.24
C GLY B 307 -39.50 -11.49 -1.25
N ALA B 308 -39.62 -10.20 -0.97
CA ALA B 308 -39.15 -9.18 -1.90
C ALA B 308 -38.17 -8.24 -1.21
N VAL B 309 -37.41 -7.48 -2.00
CA VAL B 309 -36.46 -6.55 -1.41
C VAL B 309 -37.21 -5.34 -0.88
N PRO B 310 -37.04 -5.05 0.42
CA PRO B 310 -37.66 -3.95 1.16
C PRO B 310 -37.18 -2.58 0.70
N PRO B 311 -38.09 -1.59 0.71
CA PRO B 311 -37.83 -0.23 0.23
C PRO B 311 -36.73 0.51 1.01
N PHE B 312 -36.41 0.06 2.22
CA PHE B 312 -35.41 0.75 3.03
C PHE B 312 -34.01 0.70 2.42
N PHE B 313 -33.82 -0.15 1.42
CA PHE B 313 -32.54 -0.20 0.74
C PHE B 313 -32.33 1.06 -0.09
N GLY B 314 -33.41 1.83 -0.27
CA GLY B 314 -33.32 3.15 -0.86
C GLY B 314 -32.73 4.17 0.09
N SER B 315 -32.84 3.89 1.39
CA SER B 315 -32.31 4.78 2.43
C SER B 315 -30.80 4.69 2.54
N CYS B 316 -30.25 3.57 2.07
CA CYS B 316 -28.80 3.40 2.10
C CYS B 316 -28.21 3.84 0.78
N SER B 317 -27.55 4.98 0.78
CA SER B 317 -26.90 5.49 -0.42
C SER B 317 -25.44 5.06 -0.47
N LEU B 318 -24.97 4.53 0.65
CA LEU B 318 -23.57 4.15 0.78
C LEU B 318 -23.35 2.68 0.47
N LEU B 319 -24.41 1.99 0.05
CA LEU B 319 -24.28 0.56 -0.20
C LEU B 319 -23.59 0.35 -1.56
N GLU B 320 -22.40 -0.21 -1.51
CA GLU B 320 -21.62 -0.47 -2.72
C GLU B 320 -21.99 -1.78 -3.40
N SER B 321 -22.16 -2.82 -2.60
CA SER B 321 -22.41 -4.16 -3.13
C SER B 321 -23.52 -4.84 -2.37
N LEU B 322 -24.44 -5.46 -3.11
CA LEU B 322 -25.55 -6.17 -2.51
C LEU B 322 -25.70 -7.55 -3.13
N ALA B 323 -25.50 -8.60 -2.32
CA ALA B 323 -25.64 -9.96 -2.83
C ALA B 323 -26.72 -10.73 -2.10
N LEU B 324 -27.84 -10.95 -2.78
CA LEU B 324 -28.96 -11.75 -2.28
C LEU B 324 -28.99 -13.17 -2.85
N SER B 325 -27.95 -13.53 -3.60
CA SER B 325 -27.99 -14.69 -4.49
C SER B 325 -28.25 -16.03 -3.81
N SER B 326 -28.73 -17.00 -4.60
CA SER B 326 -29.06 -18.34 -4.12
C SER B 326 -30.11 -18.31 -3.01
N ASN B 327 -31.23 -17.67 -3.28
CA ASN B 327 -32.35 -17.61 -2.34
C ASN B 327 -33.70 -17.75 -3.04
N ASN B 328 -34.77 -17.64 -2.26
CA ASN B 328 -36.13 -17.86 -2.75
C ASN B 328 -36.83 -16.58 -3.20
N PHE B 329 -36.09 -15.48 -3.21
CA PHE B 329 -36.64 -14.16 -3.53
C PHE B 329 -37.38 -14.13 -4.88
N SER B 330 -38.47 -13.38 -4.94
CA SER B 330 -39.25 -13.26 -6.16
C SER B 330 -39.79 -11.85 -6.37
N GLY B 331 -40.57 -11.67 -7.43
CA GLY B 331 -41.18 -10.38 -7.71
C GLY B 331 -40.51 -9.64 -8.85
N GLU B 332 -40.96 -8.42 -9.10
CA GLU B 332 -40.40 -7.57 -10.15
C GLU B 332 -39.11 -6.93 -9.67
N LEU B 333 -38.51 -6.12 -10.54
CA LEU B 333 -37.25 -5.45 -10.21
C LEU B 333 -37.57 -4.12 -9.54
N PRO B 334 -37.26 -4.00 -8.24
CA PRO B 334 -37.58 -2.80 -7.47
C PRO B 334 -36.78 -1.57 -7.86
N MET B 335 -36.88 -1.15 -9.12
CA MET B 335 -36.16 0.01 -9.62
C MET B 335 -36.47 1.27 -8.82
N ASP B 336 -37.68 1.34 -8.28
CA ASP B 336 -38.08 2.45 -7.42
C ASP B 336 -37.10 2.55 -6.26
N THR B 337 -36.74 1.40 -5.69
CA THR B 337 -35.74 1.35 -4.62
C THR B 337 -34.33 1.54 -5.16
N LEU B 338 -34.03 0.89 -6.27
CA LEU B 338 -32.68 0.86 -6.84
C LEU B 338 -32.16 2.22 -7.27
N LEU B 339 -33.07 3.09 -7.73
CA LEU B 339 -32.66 4.43 -8.17
C LEU B 339 -32.34 5.34 -6.99
N LYS B 340 -32.71 4.89 -5.79
CA LYS B 340 -32.42 5.64 -4.58
C LYS B 340 -31.02 5.35 -4.06
N MET B 341 -30.35 4.36 -4.66
CA MET B 341 -28.99 4.05 -4.26
C MET B 341 -28.01 4.79 -5.16
N ARG B 342 -27.35 5.79 -4.60
CA ARG B 342 -26.44 6.63 -5.38
C ARG B 342 -25.08 5.96 -5.54
N GLY B 343 -24.64 5.27 -4.50
CA GLY B 343 -23.32 4.68 -4.47
C GLY B 343 -23.29 3.22 -4.87
N LEU B 344 -24.41 2.71 -5.38
CA LEU B 344 -24.50 1.30 -5.77
C LEU B 344 -23.55 0.97 -6.92
N LYS B 345 -22.86 -0.16 -6.79
CA LYS B 345 -21.89 -0.58 -7.78
C LYS B 345 -22.14 -2.02 -8.24
N VAL B 346 -22.04 -2.96 -7.30
CA VAL B 346 -22.25 -4.37 -7.62
C VAL B 346 -23.61 -4.86 -7.14
N LEU B 347 -24.41 -5.38 -8.08
CA LEU B 347 -25.73 -5.93 -7.75
C LEU B 347 -25.84 -7.40 -8.17
N ASP B 348 -25.92 -8.30 -7.19
CA ASP B 348 -26.10 -9.72 -7.50
C ASP B 348 -27.44 -10.25 -7.02
N LEU B 349 -28.35 -10.47 -7.96
CA LEU B 349 -29.65 -11.07 -7.68
C LEU B 349 -29.73 -12.55 -8.04
N SER B 350 -28.61 -13.12 -8.49
CA SER B 350 -28.59 -14.42 -9.17
C SER B 350 -29.20 -15.57 -8.38
N PHE B 351 -29.73 -16.55 -9.10
CA PHE B 351 -30.31 -17.75 -8.52
C PHE B 351 -31.48 -17.44 -7.58
N ASN B 352 -32.45 -16.69 -8.09
CA ASN B 352 -33.70 -16.43 -7.38
C ASN B 352 -34.92 -16.62 -8.27
N GLU B 353 -36.09 -16.41 -7.70
CA GLU B 353 -37.36 -16.66 -8.39
C GLU B 353 -37.94 -15.42 -9.06
N PHE B 354 -37.17 -14.32 -9.08
CA PHE B 354 -37.64 -13.04 -9.61
C PHE B 354 -38.26 -13.15 -11.00
N SER B 355 -39.37 -12.44 -11.20
CA SER B 355 -40.14 -12.50 -12.44
C SER B 355 -40.49 -11.11 -12.95
N GLY B 356 -41.15 -11.05 -14.10
CA GLY B 356 -41.55 -9.78 -14.69
C GLY B 356 -40.59 -9.32 -15.78
N GLU B 357 -40.97 -8.26 -16.47
CA GLU B 357 -40.13 -7.69 -17.53
C GLU B 357 -39.09 -6.73 -16.95
N LEU B 358 -38.33 -6.08 -17.84
CA LEU B 358 -37.28 -5.15 -17.43
C LEU B 358 -37.78 -3.70 -17.46
N PRO B 359 -37.81 -3.05 -16.28
CA PRO B 359 -38.18 -1.63 -16.16
C PRO B 359 -37.27 -0.67 -16.93
N GLU B 360 -37.88 0.34 -17.55
CA GLU B 360 -37.15 1.26 -18.42
C GLU B 360 -36.14 2.06 -17.62
N SER B 361 -36.50 2.40 -16.38
CA SER B 361 -35.64 3.21 -15.53
C SER B 361 -34.27 2.55 -15.33
N LEU B 362 -34.20 1.24 -15.58
CA LEU B 362 -32.93 0.51 -15.46
C LEU B 362 -31.85 1.16 -16.30
N THR B 363 -32.24 1.86 -17.36
CA THR B 363 -31.30 2.53 -18.25
C THR B 363 -30.39 3.52 -17.52
N ASN B 364 -30.81 3.97 -16.34
CA ASN B 364 -29.99 4.87 -15.54
C ASN B 364 -28.77 4.14 -14.98
N LEU B 365 -28.99 2.93 -14.49
CA LEU B 365 -27.96 2.19 -13.76
C LEU B 365 -26.74 1.85 -14.60
N SER B 366 -26.89 1.90 -15.92
CA SER B 366 -25.76 1.66 -16.82
C SER B 366 -24.69 2.73 -16.65
N ALA B 367 -25.09 3.88 -16.12
CA ALA B 367 -24.17 4.98 -15.89
C ALA B 367 -23.61 4.92 -14.46
N SER B 368 -24.00 3.88 -13.74
CA SER B 368 -23.56 3.70 -12.35
C SER B 368 -22.96 2.32 -12.12
N LEU B 369 -23.79 1.29 -12.26
CA LEU B 369 -23.41 -0.08 -11.91
C LEU B 369 -22.19 -0.59 -12.67
N LEU B 370 -21.25 -1.17 -11.94
CA LEU B 370 -20.13 -1.90 -12.53
C LEU B 370 -20.54 -3.32 -12.92
N THR B 371 -21.29 -3.97 -12.04
CA THR B 371 -21.66 -5.36 -12.24
C THR B 371 -23.15 -5.58 -11.98
N LEU B 372 -23.84 -6.08 -12.99
CA LEU B 372 -25.24 -6.44 -12.87
C LEU B 372 -25.45 -7.93 -13.13
N ASP B 373 -25.84 -8.67 -12.11
CA ASP B 373 -26.07 -10.10 -12.26
C ASP B 373 -27.54 -10.43 -12.07
N LEU B 374 -28.21 -10.71 -13.18
CA LEU B 374 -29.61 -11.12 -13.18
C LEU B 374 -29.80 -12.63 -13.34
N SER B 375 -28.69 -13.34 -13.42
CA SER B 375 -28.69 -14.74 -13.85
C SER B 375 -29.57 -15.67 -13.01
N SER B 376 -30.08 -16.70 -13.67
CA SER B 376 -30.91 -17.72 -13.02
C SER B 376 -32.15 -17.14 -12.34
N ASN B 377 -33.11 -16.68 -13.14
CA ASN B 377 -34.38 -16.20 -12.61
C ASN B 377 -35.54 -16.54 -13.54
N ASN B 378 -36.74 -16.15 -13.14
CA ASN B 378 -37.95 -16.42 -13.91
C ASN B 378 -38.27 -15.29 -14.89
N PHE B 379 -37.37 -14.33 -14.99
CA PHE B 379 -37.58 -13.12 -15.79
C PHE B 379 -37.96 -13.43 -17.23
N SER B 380 -38.83 -12.61 -17.80
CA SER B 380 -39.27 -12.80 -19.17
C SER B 380 -39.33 -11.49 -19.95
N GLY B 381 -39.54 -11.58 -21.26
CA GLY B 381 -39.66 -10.41 -22.11
C GLY B 381 -38.41 -10.12 -22.91
N PRO B 382 -38.47 -9.11 -23.78
CA PRO B 382 -37.35 -8.71 -24.61
C PRO B 382 -36.32 -7.87 -23.86
N ILE B 383 -35.14 -7.73 -24.46
CA ILE B 383 -34.10 -6.84 -23.96
C ILE B 383 -34.33 -5.41 -24.42
N LEU B 384 -34.01 -4.45 -23.56
CA LEU B 384 -34.27 -3.04 -23.86
C LEU B 384 -33.19 -2.47 -24.80
N PRO B 385 -33.59 -2.10 -26.01
CA PRO B 385 -32.69 -1.49 -27.01
C PRO B 385 -32.25 -0.10 -26.58
N ASN B 386 -33.09 0.56 -25.79
CA ASN B 386 -32.81 1.92 -25.32
C ASN B 386 -31.70 1.97 -24.27
N LEU B 387 -31.23 0.79 -23.87
CA LEU B 387 -30.18 0.67 -22.85
C LEU B 387 -28.92 1.41 -23.27
N CYS B 388 -28.20 1.93 -22.27
CA CYS B 388 -26.99 2.73 -22.47
C CYS B 388 -27.29 3.98 -23.30
N GLN B 389 -28.46 4.57 -23.05
CA GLN B 389 -28.80 5.87 -23.62
C GLN B 389 -28.12 6.95 -22.80
N ASN B 390 -28.04 6.73 -21.49
CA ASN B 390 -27.38 7.66 -20.59
C ASN B 390 -25.91 7.81 -20.99
N PRO B 391 -25.39 9.04 -20.91
CA PRO B 391 -24.00 9.32 -21.28
C PRO B 391 -23.01 8.63 -20.33
N LYS B 392 -21.82 8.34 -20.84
CA LYS B 392 -20.73 7.79 -20.05
C LYS B 392 -21.11 6.49 -19.33
N ASN B 393 -21.57 5.49 -20.10
CA ASN B 393 -21.91 4.21 -19.50
C ASN B 393 -20.68 3.52 -18.94
N THR B 394 -20.74 3.20 -17.65
CA THR B 394 -19.60 2.64 -16.93
C THR B 394 -19.68 1.13 -16.79
N LEU B 395 -20.70 0.52 -17.39
CA LEU B 395 -20.99 -0.90 -17.17
C LEU B 395 -19.82 -1.80 -17.54
N GLN B 396 -19.48 -2.71 -16.62
CA GLN B 396 -18.39 -3.65 -16.81
C GLN B 396 -18.89 -5.06 -17.08
N GLU B 397 -19.59 -5.64 -16.10
CA GLU B 397 -20.06 -7.02 -16.20
C GLU B 397 -21.58 -7.13 -16.27
N LEU B 398 -22.07 -7.78 -17.31
CA LEU B 398 -23.51 -8.01 -17.47
C LEU B 398 -23.83 -9.51 -17.59
N TYR B 399 -24.49 -10.07 -16.57
CA TYR B 399 -24.89 -11.47 -16.64
C TYR B 399 -26.41 -11.62 -16.63
N LEU B 400 -26.97 -11.92 -17.80
CA LEU B 400 -28.42 -12.09 -17.95
C LEU B 400 -28.91 -13.54 -18.02
N GLN B 401 -28.01 -14.50 -17.89
CA GLN B 401 -28.29 -15.89 -18.31
C GLN B 401 -29.36 -16.61 -17.49
N ASN B 402 -29.91 -17.66 -18.10
CA ASN B 402 -30.99 -18.47 -17.52
C ASN B 402 -32.25 -17.67 -17.19
N ASN B 403 -32.93 -17.22 -18.23
CA ASN B 403 -34.22 -16.56 -18.10
C ASN B 403 -35.13 -16.91 -19.28
N GLY B 404 -36.32 -16.32 -19.30
CA GLY B 404 -37.27 -16.56 -20.38
C GLY B 404 -37.22 -15.45 -21.41
N PHE B 405 -36.09 -14.76 -21.45
CA PHE B 405 -35.91 -13.60 -22.32
C PHE B 405 -36.03 -13.94 -23.81
N THR B 406 -36.81 -13.12 -24.52
CA THR B 406 -37.01 -13.30 -25.96
C THR B 406 -36.49 -12.10 -26.76
N GLY B 407 -36.65 -12.17 -28.07
CA GLY B 407 -36.29 -11.06 -28.94
C GLY B 407 -34.92 -11.15 -29.58
N LYS B 408 -34.47 -10.05 -30.17
CA LYS B 408 -33.17 -9.98 -30.83
C LYS B 408 -32.10 -9.42 -29.91
N ILE B 409 -30.91 -9.26 -30.45
CA ILE B 409 -29.84 -8.58 -29.73
C ILE B 409 -29.65 -7.19 -30.31
N PRO B 410 -30.10 -6.15 -29.57
CA PRO B 410 -29.97 -4.77 -30.04
C PRO B 410 -28.50 -4.35 -30.10
N PRO B 411 -28.07 -3.76 -31.21
CA PRO B 411 -26.68 -3.28 -31.24
C PRO B 411 -26.53 -1.92 -30.58
N THR B 412 -27.13 -1.75 -29.40
CA THR B 412 -26.91 -0.57 -28.59
C THR B 412 -25.83 -0.84 -27.56
N LEU B 413 -25.44 -2.10 -27.47
CA LEU B 413 -24.50 -2.52 -26.43
C LEU B 413 -23.11 -2.00 -26.76
N SER B 414 -22.91 -1.61 -28.01
CA SER B 414 -21.66 -1.00 -28.45
C SER B 414 -21.49 0.35 -27.76
N ASN B 415 -22.60 0.93 -27.33
CA ASN B 415 -22.55 2.21 -26.63
C ASN B 415 -22.06 2.04 -25.20
N CYS B 416 -21.98 0.80 -24.74
CA CYS B 416 -21.23 0.52 -23.51
C CYS B 416 -19.84 0.07 -23.92
N SER B 417 -18.85 0.94 -23.72
CA SER B 417 -17.49 0.64 -24.17
C SER B 417 -16.68 0.03 -23.05
N GLU B 418 -17.25 0.04 -21.85
CA GLU B 418 -16.55 -0.43 -20.66
C GLU B 418 -16.88 -1.87 -20.33
N LEU B 419 -17.66 -2.53 -21.19
CA LEU B 419 -18.14 -3.86 -20.88
C LEU B 419 -17.07 -4.92 -21.13
N VAL B 420 -16.62 -5.58 -20.07
CA VAL B 420 -15.65 -6.65 -20.20
C VAL B 420 -16.24 -8.05 -20.22
N SER B 421 -17.52 -8.17 -19.85
CA SER B 421 -18.15 -9.49 -19.78
C SER B 421 -19.62 -9.44 -20.18
N LEU B 422 -20.01 -10.34 -21.07
CA LEU B 422 -21.38 -10.43 -21.55
C LEU B 422 -21.89 -11.87 -21.56
N HIS B 423 -22.90 -12.13 -20.73
CA HIS B 423 -23.54 -13.44 -20.71
C HIS B 423 -25.02 -13.27 -21.05
N LEU B 424 -25.39 -13.63 -22.27
CA LEU B 424 -26.77 -13.57 -22.72
C LEU B 424 -27.41 -14.95 -22.73
N SER B 425 -26.63 -15.94 -22.30
CA SER B 425 -26.90 -17.34 -22.59
C SER B 425 -28.12 -17.92 -21.89
N PHE B 426 -28.50 -19.11 -22.36
CA PHE B 426 -29.52 -19.94 -21.75
C PHE B 426 -30.86 -19.22 -21.77
N ASN B 427 -31.21 -18.68 -22.93
CA ASN B 427 -32.47 -17.95 -23.11
C ASN B 427 -33.14 -18.30 -24.43
N TYR B 428 -34.31 -17.71 -24.67
CA TYR B 428 -35.10 -17.96 -25.87
C TYR B 428 -34.85 -16.93 -26.97
N LEU B 429 -33.88 -16.06 -26.74
CA LEU B 429 -33.59 -14.94 -27.66
C LEU B 429 -33.42 -15.38 -29.11
N SER B 430 -34.04 -14.62 -30.02
CA SER B 430 -33.93 -14.89 -31.45
C SER B 430 -33.02 -13.87 -32.14
N GLY B 431 -32.90 -14.00 -33.45
CA GLY B 431 -32.15 -13.03 -34.24
C GLY B 431 -30.69 -13.39 -34.46
N THR B 432 -29.94 -12.46 -35.04
CA THR B 432 -28.54 -12.67 -35.37
C THR B 432 -27.61 -11.93 -34.42
N ILE B 433 -26.31 -12.05 -34.65
CA ILE B 433 -25.29 -11.39 -33.85
C ILE B 433 -24.84 -10.08 -34.48
N PRO B 434 -25.08 -8.95 -33.79
CA PRO B 434 -24.73 -7.60 -34.24
C PRO B 434 -23.22 -7.41 -34.45
N SER B 435 -22.86 -6.82 -35.58
CA SER B 435 -21.46 -6.53 -35.89
C SER B 435 -20.91 -5.43 -34.98
N SER B 436 -21.81 -4.65 -34.39
CA SER B 436 -21.44 -3.51 -33.56
C SER B 436 -20.59 -3.90 -32.36
N LEU B 437 -20.66 -5.17 -31.98
CA LEU B 437 -19.90 -5.67 -30.85
C LEU B 437 -18.39 -5.53 -31.11
N GLY B 438 -18.03 -5.43 -32.39
CA GLY B 438 -16.64 -5.30 -32.76
C GLY B 438 -16.06 -3.98 -32.28
N SER B 439 -16.94 -3.04 -31.93
CA SER B 439 -16.50 -1.74 -31.45
C SER B 439 -16.13 -1.78 -29.96
N LEU B 440 -16.21 -2.95 -29.34
CA LEU B 440 -15.85 -3.06 -27.92
C LEU B 440 -14.42 -3.53 -27.74
N SER B 441 -13.55 -2.63 -27.28
CA SER B 441 -12.14 -2.95 -27.14
C SER B 441 -11.83 -3.68 -25.85
N LYS B 442 -12.71 -3.54 -24.85
CA LYS B 442 -12.46 -4.12 -23.53
C LYS B 442 -13.15 -5.46 -23.27
N LEU B 443 -13.89 -5.97 -24.25
CA LEU B 443 -14.66 -7.20 -24.05
C LEU B 443 -13.77 -8.44 -23.92
N ARG B 444 -14.02 -9.21 -22.86
CA ARG B 444 -13.27 -10.45 -22.62
C ARG B 444 -14.13 -11.69 -22.86
N ASP B 445 -15.16 -11.86 -22.04
CA ASP B 445 -16.01 -13.05 -22.10
C ASP B 445 -17.31 -12.80 -22.87
N LEU B 446 -17.46 -13.44 -24.02
CA LEU B 446 -18.72 -13.37 -24.75
C LEU B 446 -19.39 -14.73 -24.81
N LYS B 447 -20.47 -14.89 -24.05
CA LYS B 447 -21.17 -16.18 -24.04
C LYS B 447 -22.63 -16.04 -24.43
N LEU B 448 -22.95 -16.50 -25.64
CA LEU B 448 -24.31 -16.43 -26.19
C LEU B 448 -25.11 -17.74 -26.15
N TRP B 449 -24.52 -18.79 -25.60
CA TRP B 449 -24.96 -20.15 -25.91
C TRP B 449 -26.37 -20.52 -25.41
N LEU B 450 -26.93 -21.56 -26.03
CA LEU B 450 -28.31 -22.00 -25.83
C LEU B 450 -29.33 -20.90 -26.11
N ASN B 451 -29.50 -20.59 -27.39
CA ASN B 451 -30.58 -19.72 -27.84
C ASN B 451 -31.09 -20.22 -29.18
N MET B 452 -32.06 -19.50 -29.74
CA MET B 452 -32.60 -19.83 -31.05
C MET B 452 -31.90 -19.02 -32.13
N LEU B 453 -30.85 -18.30 -31.71
CA LEU B 453 -30.10 -17.38 -32.57
C LEU B 453 -29.65 -18.01 -33.89
N GLU B 454 -29.77 -17.22 -34.95
CA GLU B 454 -29.37 -17.66 -36.28
C GLU B 454 -28.39 -16.67 -36.92
N GLY B 455 -28.05 -16.90 -38.18
CA GLY B 455 -27.17 -16.00 -38.90
C GLY B 455 -25.69 -16.24 -38.65
N GLU B 456 -24.86 -15.66 -39.52
CA GLU B 456 -23.42 -15.86 -39.47
C GLU B 456 -22.74 -15.10 -38.34
N ILE B 457 -21.50 -15.46 -38.06
CA ILE B 457 -20.70 -14.83 -37.02
C ILE B 457 -19.96 -13.63 -37.59
N PRO B 458 -20.11 -12.47 -36.95
CA PRO B 458 -19.49 -11.22 -37.41
C PRO B 458 -17.98 -11.29 -37.58
N GLN B 459 -17.50 -10.84 -38.73
CA GLN B 459 -16.08 -10.73 -39.00
C GLN B 459 -15.48 -9.66 -38.09
N GLU B 460 -16.29 -8.66 -37.80
CA GLU B 460 -15.85 -7.48 -37.04
C GLU B 460 -15.34 -7.80 -35.64
N LEU B 461 -15.58 -9.03 -35.18
CA LEU B 461 -15.05 -9.46 -33.89
C LEU B 461 -13.52 -9.45 -33.91
N MET B 462 -12.95 -9.42 -35.11
CA MET B 462 -11.50 -9.32 -35.28
C MET B 462 -10.98 -8.03 -34.63
N TYR B 463 -11.87 -7.08 -34.47
CA TYR B 463 -11.52 -5.77 -33.94
C TYR B 463 -11.41 -5.80 -32.41
N VAL B 464 -11.76 -6.94 -31.81
CA VAL B 464 -11.66 -7.10 -30.37
C VAL B 464 -10.43 -7.92 -29.99
N LYS B 465 -9.43 -7.27 -29.42
CA LYS B 465 -8.17 -7.93 -29.07
C LYS B 465 -8.19 -8.54 -27.68
N THR B 466 -9.17 -8.15 -26.87
CA THR B 466 -9.24 -8.62 -25.48
C THR B 466 -10.15 -9.82 -25.32
N LEU B 467 -10.71 -10.31 -26.43
CA LEU B 467 -11.63 -11.44 -26.38
C LEU B 467 -10.90 -12.68 -25.90
N GLU B 468 -11.45 -13.31 -24.86
CA GLU B 468 -10.82 -14.49 -24.26
C GLU B 468 -11.67 -15.74 -24.43
N THR B 469 -12.87 -15.73 -23.84
CA THR B 469 -13.76 -16.88 -23.90
C THR B 469 -14.95 -16.59 -24.80
N LEU B 470 -15.23 -17.50 -25.72
CA LEU B 470 -16.37 -17.35 -26.61
C LEU B 470 -17.24 -18.60 -26.59
N ILE B 471 -18.46 -18.48 -26.05
CA ILE B 471 -19.36 -19.63 -26.05
C ILE B 471 -20.59 -19.35 -26.91
N LEU B 472 -20.61 -19.93 -28.11
CA LEU B 472 -21.74 -19.80 -29.04
C LEU B 472 -22.64 -21.04 -29.10
N ASP B 473 -22.34 -22.04 -28.26
CA ASP B 473 -22.87 -23.39 -28.39
C ASP B 473 -24.40 -23.52 -28.36
N PHE B 474 -24.90 -24.57 -29.00
CA PHE B 474 -26.34 -24.89 -29.04
C PHE B 474 -27.18 -23.75 -29.58
N ASN B 475 -26.96 -23.41 -30.84
CA ASN B 475 -27.77 -22.42 -31.54
C ASN B 475 -28.07 -22.90 -32.95
N ASP B 476 -28.81 -22.10 -33.69
CA ASP B 476 -29.17 -22.41 -35.06
C ASP B 476 -28.19 -21.75 -36.03
N LEU B 477 -27.15 -21.16 -35.46
CA LEU B 477 -26.20 -20.32 -36.18
C LEU B 477 -25.56 -21.02 -37.39
N THR B 478 -25.29 -20.22 -38.42
CA THR B 478 -24.74 -20.73 -39.67
C THR B 478 -23.45 -20.01 -40.06
N GLY B 479 -22.90 -20.37 -41.22
CA GLY B 479 -21.70 -19.74 -41.73
C GLY B 479 -20.44 -20.37 -41.21
N GLU B 480 -19.30 -19.91 -41.73
CA GLU B 480 -18.00 -20.45 -41.35
C GLU B 480 -17.29 -19.52 -40.38
N ILE B 481 -16.08 -19.88 -39.97
CA ILE B 481 -15.32 -19.09 -39.00
C ILE B 481 -14.59 -17.93 -39.69
N PRO B 482 -14.81 -16.69 -39.22
CA PRO B 482 -14.16 -15.50 -39.76
C PRO B 482 -12.63 -15.50 -39.61
N SER B 483 -11.95 -15.24 -40.71
CA SER B 483 -10.49 -15.25 -40.76
C SER B 483 -9.93 -14.21 -39.83
N GLY B 484 -10.68 -13.13 -39.65
CA GLY B 484 -10.28 -12.03 -38.80
C GLY B 484 -9.98 -12.45 -37.38
N LEU B 485 -10.59 -13.55 -36.94
CA LEU B 485 -10.34 -14.04 -35.58
C LEU B 485 -8.87 -14.39 -35.36
N SER B 486 -8.12 -14.58 -36.44
CA SER B 486 -6.69 -14.83 -36.35
C SER B 486 -5.97 -13.69 -35.62
N ASN B 487 -6.50 -12.49 -35.76
CA ASN B 487 -5.91 -11.32 -35.13
C ASN B 487 -6.16 -11.26 -33.63
N CYS B 488 -7.02 -12.14 -33.13
CA CYS B 488 -7.23 -12.22 -31.68
C CYS B 488 -6.36 -13.32 -31.09
N THR B 489 -5.32 -12.91 -30.37
CA THR B 489 -4.34 -13.85 -29.83
C THR B 489 -4.62 -14.26 -28.39
N ASN B 490 -5.56 -13.58 -27.74
CA ASN B 490 -5.80 -13.80 -26.32
C ASN B 490 -6.95 -14.76 -26.01
N LEU B 491 -7.55 -15.34 -27.05
CA LEU B 491 -8.65 -16.26 -26.84
C LEU B 491 -8.14 -17.54 -26.21
N ASN B 492 -8.59 -17.85 -25.00
CA ASN B 492 -8.27 -19.13 -24.38
C ASN B 492 -9.39 -20.16 -24.45
N TRP B 493 -10.57 -19.75 -24.91
CA TRP B 493 -11.71 -20.65 -24.96
C TRP B 493 -12.56 -20.44 -26.21
N ILE B 494 -12.74 -21.50 -26.99
CA ILE B 494 -13.65 -21.46 -28.13
C ILE B 494 -14.61 -22.65 -28.11
N SER B 495 -15.89 -22.37 -27.92
CA SER B 495 -16.89 -23.42 -27.89
C SER B 495 -18.07 -23.16 -28.82
N LEU B 496 -18.17 -23.98 -29.85
CA LEU B 496 -19.29 -23.92 -30.80
C LEU B 496 -19.85 -25.33 -30.96
N SER B 497 -21.07 -25.57 -30.47
CA SER B 497 -21.59 -26.93 -30.50
C SER B 497 -23.06 -26.99 -30.93
N ASN B 498 -23.44 -28.13 -31.48
CA ASN B 498 -24.81 -28.38 -31.94
C ASN B 498 -25.31 -27.30 -32.87
N ASN B 499 -24.41 -26.82 -33.72
CA ASN B 499 -24.75 -25.79 -34.70
C ASN B 499 -24.51 -26.24 -36.14
N ARG B 500 -24.86 -25.37 -37.06
CA ARG B 500 -24.79 -25.67 -38.49
C ARG B 500 -23.53 -25.17 -39.17
N LEU B 501 -22.59 -24.66 -38.37
CA LEU B 501 -21.34 -24.08 -38.90
C LEU B 501 -20.62 -25.04 -39.84
N THR B 502 -20.07 -24.49 -40.92
CA THR B 502 -19.44 -25.29 -41.96
C THR B 502 -18.01 -24.83 -42.24
N GLY B 503 -17.41 -25.41 -43.27
CA GLY B 503 -16.11 -25.00 -43.74
C GLY B 503 -14.97 -25.78 -43.11
N GLU B 504 -13.79 -25.65 -43.68
CA GLU B 504 -12.60 -26.33 -43.18
C GLU B 504 -12.06 -25.67 -41.92
N ILE B 505 -10.96 -26.21 -41.41
CA ILE B 505 -10.32 -25.67 -40.22
C ILE B 505 -9.17 -24.74 -40.58
N PRO B 506 -9.18 -23.52 -40.03
CA PRO B 506 -8.14 -22.51 -40.26
C PRO B 506 -6.74 -23.02 -39.91
N LYS B 507 -5.73 -22.60 -40.67
CA LYS B 507 -4.37 -23.02 -40.40
C LYS B 507 -3.62 -22.04 -39.52
N TRP B 508 -4.24 -20.89 -39.24
CA TRP B 508 -3.57 -19.86 -38.47
C TRP B 508 -3.82 -20.03 -36.97
N ILE B 509 -4.55 -21.08 -36.62
CA ILE B 509 -4.84 -21.37 -35.22
C ILE B 509 -3.56 -21.60 -34.43
N GLY B 510 -2.53 -22.09 -35.10
CA GLY B 510 -1.23 -22.30 -34.47
C GLY B 510 -0.63 -21.00 -33.95
N ARG B 511 -1.07 -19.89 -34.52
CA ARG B 511 -0.62 -18.57 -34.09
C ARG B 511 -1.18 -18.19 -32.72
N LEU B 512 -2.29 -18.82 -32.34
CA LEU B 512 -2.87 -18.53 -31.04
C LEU B 512 -2.21 -19.44 -30.01
N GLU B 513 -1.43 -18.84 -29.13
CA GLU B 513 -0.70 -19.58 -28.12
C GLU B 513 -1.46 -19.71 -26.80
N ASN B 514 -2.54 -18.96 -26.67
CA ASN B 514 -3.28 -18.92 -25.40
C ASN B 514 -4.52 -19.81 -25.35
N LEU B 515 -4.84 -20.49 -26.45
CA LEU B 515 -6.12 -21.21 -26.53
C LEU B 515 -6.09 -22.55 -25.81
N ALA B 516 -6.89 -22.66 -24.75
CA ALA B 516 -6.99 -23.88 -23.96
C ALA B 516 -7.96 -24.93 -24.48
N ILE B 517 -9.15 -24.50 -24.88
CA ILE B 517 -10.25 -25.43 -25.14
C ILE B 517 -10.96 -25.16 -26.45
N LEU B 518 -11.15 -26.21 -27.25
CA LEU B 518 -11.84 -26.10 -28.53
C LEU B 518 -12.95 -27.13 -28.70
N LYS B 519 -14.20 -26.68 -28.75
CA LYS B 519 -15.31 -27.62 -28.95
C LYS B 519 -16.09 -27.29 -30.22
N LEU B 520 -15.94 -28.15 -31.24
CA LEU B 520 -16.65 -28.01 -32.51
C LEU B 520 -17.86 -28.93 -32.65
N SER B 521 -18.19 -29.66 -31.59
CA SER B 521 -19.08 -30.83 -31.68
C SER B 521 -20.43 -30.60 -32.34
N ASN B 522 -20.92 -31.64 -33.02
CA ASN B 522 -22.20 -31.64 -33.72
C ASN B 522 -22.31 -30.52 -34.76
N ASN B 523 -21.51 -30.64 -35.82
CA ASN B 523 -21.53 -29.66 -36.91
C ASN B 523 -21.14 -30.27 -38.26
N SER B 524 -21.12 -29.44 -39.30
CA SER B 524 -20.89 -29.88 -40.67
C SER B 524 -19.44 -29.72 -41.17
N PHE B 525 -18.52 -29.35 -40.28
CA PHE B 525 -17.13 -29.09 -40.67
C PHE B 525 -16.50 -30.24 -41.45
N SER B 526 -15.65 -29.90 -42.42
CA SER B 526 -15.00 -30.90 -43.25
C SER B 526 -13.52 -30.57 -43.47
N GLY B 527 -12.86 -31.39 -44.29
CA GLY B 527 -11.47 -31.17 -44.62
C GLY B 527 -10.48 -31.98 -43.79
N ASN B 528 -9.20 -31.77 -44.03
CA ASN B 528 -8.14 -32.50 -43.33
C ASN B 528 -7.63 -31.74 -42.10
N ILE B 529 -7.32 -32.47 -41.04
CA ILE B 529 -6.82 -31.87 -39.79
C ILE B 529 -5.43 -31.25 -39.99
N PRO B 530 -5.31 -29.94 -39.70
CA PRO B 530 -4.08 -29.16 -39.87
C PRO B 530 -2.97 -29.54 -38.89
N ALA B 531 -1.75 -29.67 -39.41
CA ALA B 531 -0.61 -30.00 -38.57
C ALA B 531 -0.25 -28.80 -37.72
N GLU B 532 -0.78 -27.63 -38.11
CA GLU B 532 -0.54 -26.42 -37.36
C GLU B 532 -1.17 -26.54 -35.97
N LEU B 533 -2.09 -27.48 -35.80
CA LEU B 533 -2.64 -27.74 -34.47
C LEU B 533 -1.53 -28.08 -33.48
N GLY B 534 -0.48 -28.72 -33.97
CA GLY B 534 0.64 -29.12 -33.14
C GLY B 534 1.45 -27.93 -32.64
N ASP B 535 1.11 -26.75 -33.13
CA ASP B 535 1.81 -25.55 -32.71
C ASP B 535 1.13 -24.87 -31.52
N CYS B 536 -0.06 -25.34 -31.15
CA CYS B 536 -0.77 -24.74 -30.01
C CYS B 536 -0.34 -25.37 -28.69
N ARG B 537 0.27 -24.55 -27.83
CA ARG B 537 0.85 -25.04 -26.59
C ARG B 537 -0.06 -24.89 -25.37
N SER B 538 -1.22 -24.26 -25.55
CA SER B 538 -2.16 -24.07 -24.45
C SER B 538 -3.30 -25.09 -24.43
N LEU B 539 -3.32 -25.99 -25.40
CA LEU B 539 -4.54 -26.76 -25.66
C LEU B 539 -4.60 -28.07 -24.88
N ILE B 540 -5.47 -28.11 -23.87
CA ILE B 540 -5.72 -29.32 -23.12
C ILE B 540 -7.02 -30.04 -23.47
N TRP B 541 -7.86 -29.43 -24.30
CA TRP B 541 -9.19 -29.98 -24.55
C TRP B 541 -9.66 -29.83 -25.99
N LEU B 542 -10.05 -30.94 -26.62
CA LEU B 542 -10.60 -30.91 -27.97
C LEU B 542 -11.81 -31.83 -28.10
N ASP B 543 -12.97 -31.25 -28.43
CA ASP B 543 -14.13 -32.08 -28.74
C ASP B 543 -14.63 -31.78 -30.15
N LEU B 544 -14.38 -32.72 -31.06
CA LEU B 544 -14.80 -32.58 -32.45
C LEU B 544 -16.05 -33.39 -32.82
N ASN B 545 -16.62 -34.09 -31.83
CA ASN B 545 -17.53 -35.21 -32.10
C ASN B 545 -18.69 -34.84 -33.03
N THR B 546 -19.13 -35.82 -33.82
CA THR B 546 -20.19 -35.65 -34.81
C THR B 546 -19.86 -34.54 -35.81
N ASN B 547 -19.01 -34.88 -36.78
CA ASN B 547 -18.65 -33.96 -37.85
C ASN B 547 -18.25 -34.71 -39.11
N LEU B 548 -17.97 -33.96 -40.17
CA LEU B 548 -17.67 -34.54 -41.48
C LEU B 548 -16.18 -34.65 -41.79
N PHE B 549 -15.32 -34.38 -40.80
CA PHE B 549 -13.88 -34.34 -41.02
C PHE B 549 -13.35 -35.58 -41.72
N ASN B 550 -12.62 -35.39 -42.82
CA ASN B 550 -11.97 -36.49 -43.51
C ASN B 550 -10.46 -36.47 -43.31
N GLY B 551 -9.78 -37.42 -43.92
CA GLY B 551 -8.32 -37.45 -43.91
C GLY B 551 -7.71 -38.30 -42.82
N THR B 552 -6.41 -38.11 -42.61
CA THR B 552 -5.65 -38.87 -41.63
C THR B 552 -5.17 -37.98 -40.49
N ILE B 553 -4.37 -38.54 -39.58
CA ILE B 553 -3.87 -37.80 -38.44
C ILE B 553 -2.35 -37.59 -38.53
N PRO B 554 -1.93 -36.31 -38.70
CA PRO B 554 -0.50 -35.99 -38.81
C PRO B 554 0.28 -36.25 -37.52
N ALA B 555 1.45 -36.84 -37.66
CA ALA B 555 2.22 -37.28 -36.49
C ALA B 555 2.91 -36.09 -35.86
N ALA B 556 2.98 -34.99 -36.60
CA ALA B 556 3.60 -33.79 -36.10
C ALA B 556 2.62 -32.99 -35.24
N MET B 557 1.38 -33.46 -35.11
CA MET B 557 0.41 -32.72 -34.30
C MET B 557 0.70 -32.82 -32.79
N PHE B 558 1.36 -33.89 -32.39
CA PHE B 558 1.61 -34.14 -30.97
C PHE B 558 2.99 -33.68 -30.48
N LYS B 559 3.74 -33.02 -31.36
CA LYS B 559 5.11 -32.61 -31.03
C LYS B 559 5.20 -31.64 -29.84
N GLN B 560 4.14 -30.87 -29.62
CA GLN B 560 4.13 -29.89 -28.54
C GLN B 560 3.76 -30.51 -27.20
N SER B 561 3.26 -31.74 -27.24
CA SER B 561 2.85 -32.44 -26.03
C SER B 561 4.02 -32.63 -25.09
N GLY B 562 3.78 -32.34 -23.80
CA GLY B 562 4.84 -32.42 -22.80
C GLY B 562 5.35 -31.03 -22.48
N LYS B 563 5.15 -30.10 -23.40
CA LYS B 563 5.45 -28.68 -23.18
C LYS B 563 4.22 -27.83 -22.85
N ILE B 564 3.04 -28.45 -22.83
CA ILE B 564 1.78 -27.72 -22.70
C ILE B 564 1.68 -26.92 -21.40
N ALA B 565 1.37 -25.63 -21.51
CA ALA B 565 1.23 -24.78 -20.34
C ALA B 565 -0.17 -24.17 -20.22
N ALA B 566 -0.93 -24.63 -19.23
CA ALA B 566 -2.27 -24.12 -18.99
C ALA B 566 -2.28 -23.14 -17.83
N ASN B 567 -2.56 -21.87 -18.11
CA ASN B 567 -2.47 -20.84 -17.08
C ASN B 567 -3.74 -20.01 -16.94
N PHE B 568 -4.11 -19.32 -18.01
CA PHE B 568 -5.24 -18.40 -18.00
C PHE B 568 -6.59 -19.11 -18.00
N ILE B 569 -6.58 -20.43 -18.18
CA ILE B 569 -7.82 -21.20 -18.34
C ILE B 569 -8.54 -21.52 -17.03
N ALA B 570 -7.78 -21.66 -15.94
CA ALA B 570 -8.38 -22.10 -14.68
C ALA B 570 -9.24 -21.02 -14.04
N GLY B 571 -10.21 -21.45 -13.23
CA GLY B 571 -11.01 -20.53 -12.45
C GLY B 571 -12.41 -20.28 -13.00
N LYS B 572 -12.80 -21.05 -14.01
CA LYS B 572 -14.11 -20.86 -14.63
C LYS B 572 -15.03 -22.06 -14.34
N ARG B 573 -16.29 -21.77 -14.05
CA ARG B 573 -17.25 -22.81 -13.70
C ARG B 573 -17.64 -23.61 -14.95
N TYR B 574 -17.77 -24.92 -14.79
CA TYR B 574 -18.01 -25.81 -15.93
C TYR B 574 -18.97 -26.95 -15.61
N VAL B 575 -19.58 -27.52 -16.64
CA VAL B 575 -20.30 -28.77 -16.51
C VAL B 575 -19.88 -29.77 -17.58
N TYR B 576 -19.66 -31.01 -17.16
CA TYR B 576 -19.38 -32.10 -18.09
C TYR B 576 -20.52 -33.11 -17.96
N ILE B 577 -21.27 -33.29 -19.05
CA ILE B 577 -22.38 -34.23 -19.06
C ILE B 577 -21.96 -35.52 -19.73
N LYS B 578 -21.87 -36.59 -18.95
CA LYS B 578 -21.38 -37.86 -19.43
C LYS B 578 -22.40 -38.57 -20.31
N ASN B 579 -21.95 -39.02 -21.49
CA ASN B 579 -22.81 -39.76 -22.40
C ASN B 579 -22.84 -41.26 -22.09
N ASP B 580 -24.03 -41.74 -21.72
CA ASP B 580 -24.26 -43.17 -21.56
C ASP B 580 -24.76 -43.73 -22.88
N GLY B 581 -24.30 -44.93 -23.23
CA GLY B 581 -24.53 -45.49 -24.55
C GLY B 581 -25.92 -46.02 -24.82
N MET B 582 -26.86 -45.72 -23.92
CA MET B 582 -28.24 -46.18 -24.08
C MET B 582 -28.88 -45.65 -25.37
N LYS B 583 -28.81 -44.35 -25.57
CA LYS B 583 -29.39 -43.72 -26.76
C LYS B 583 -28.34 -43.48 -27.83
N LYS B 584 -28.57 -44.03 -29.02
CA LYS B 584 -27.60 -43.92 -30.11
C LYS B 584 -27.62 -42.52 -30.72
N GLU B 585 -28.61 -41.74 -30.34
CA GLU B 585 -28.73 -40.36 -30.81
C GLU B 585 -27.83 -39.45 -29.99
N CYS B 586 -27.41 -39.95 -28.83
CA CYS B 586 -26.48 -39.21 -27.97
C CYS B 586 -25.05 -39.58 -28.32
N HIS B 587 -24.28 -38.60 -28.78
CA HIS B 587 -22.96 -38.86 -29.37
C HIS B 587 -21.82 -38.25 -28.57
N GLY B 588 -20.63 -38.82 -28.73
CA GLY B 588 -19.44 -38.33 -28.09
C GLY B 588 -19.24 -38.91 -26.70
N ALA B 589 -18.09 -38.64 -26.11
CA ALA B 589 -17.81 -39.08 -24.75
C ALA B 589 -18.72 -38.34 -23.78
N GLY B 590 -18.81 -37.03 -23.97
CA GLY B 590 -19.61 -36.17 -23.13
C GLY B 590 -19.52 -34.74 -23.58
N ASN B 591 -20.35 -33.87 -23.01
CA ASN B 591 -20.35 -32.47 -23.39
C ASN B 591 -19.85 -31.55 -22.27
N LEU B 592 -18.78 -30.82 -22.55
CA LEU B 592 -18.27 -29.82 -21.64
C LEU B 592 -18.79 -28.44 -22.03
N LEU B 593 -19.53 -27.82 -21.12
CA LEU B 593 -20.15 -26.53 -21.40
C LEU B 593 -19.92 -25.55 -20.25
N GLU B 594 -19.92 -24.27 -20.57
CA GLU B 594 -19.70 -23.23 -19.55
C GLU B 594 -21.00 -22.97 -18.80
N PHE B 595 -20.98 -23.26 -17.49
CA PHE B 595 -22.19 -23.21 -16.70
C PHE B 595 -22.40 -21.99 -15.79
N GLN B 596 -21.50 -21.01 -15.85
CA GLN B 596 -21.54 -19.89 -14.91
C GLN B 596 -22.88 -19.16 -14.89
N GLY B 597 -23.46 -19.04 -13.71
CA GLY B 597 -24.71 -18.32 -13.51
C GLY B 597 -25.93 -19.05 -14.05
N ILE B 598 -25.81 -20.37 -14.17
CA ILE B 598 -26.91 -21.17 -14.72
C ILE B 598 -27.25 -22.32 -13.75
N ARG B 599 -28.54 -22.61 -13.61
CA ARG B 599 -28.99 -23.71 -12.77
C ARG B 599 -28.91 -25.04 -13.51
N SER B 600 -28.62 -26.10 -12.76
CA SER B 600 -28.57 -27.45 -13.32
C SER B 600 -29.96 -27.96 -13.65
N GLU B 601 -30.94 -27.54 -12.86
CA GLU B 601 -32.32 -28.00 -13.02
C GLU B 601 -32.90 -27.59 -14.38
N GLN B 602 -32.31 -26.56 -14.97
CA GLN B 602 -32.77 -26.07 -16.26
C GLN B 602 -32.08 -26.77 -17.43
N LEU B 603 -31.24 -27.75 -17.13
CA LEU B 603 -30.58 -28.53 -18.18
C LEU B 603 -31.61 -29.25 -19.03
N ASN B 604 -32.81 -29.39 -18.51
CA ASN B 604 -33.93 -29.97 -19.24
C ASN B 604 -34.29 -29.18 -20.49
N ARG B 605 -33.87 -27.91 -20.54
CA ARG B 605 -34.07 -27.10 -21.74
C ARG B 605 -33.29 -27.65 -22.93
N LEU B 606 -32.38 -28.59 -22.65
CA LEU B 606 -31.61 -29.24 -23.70
C LEU B 606 -32.38 -30.40 -24.32
N SER B 607 -33.47 -30.81 -23.67
CA SER B 607 -34.24 -31.97 -24.12
C SER B 607 -34.67 -31.89 -25.58
N THR B 608 -35.10 -30.70 -26.00
CA THR B 608 -35.55 -30.51 -27.37
C THR B 608 -34.37 -30.40 -28.35
N ARG B 609 -33.28 -29.78 -27.88
CA ARG B 609 -32.12 -29.58 -28.73
C ARG B 609 -31.08 -30.70 -28.62
N ASN B 610 -31.22 -31.55 -27.62
CA ASN B 610 -30.25 -32.62 -27.39
C ASN B 610 -30.91 -33.91 -26.85
N PRO B 611 -30.42 -35.07 -27.29
CA PRO B 611 -30.94 -36.39 -26.87
C PRO B 611 -30.51 -36.83 -25.46
N CYS B 612 -29.48 -36.22 -24.90
CA CYS B 612 -28.95 -36.65 -23.60
C CYS B 612 -28.74 -35.47 -22.64
N ASN B 613 -29.45 -35.41 -21.50
CA ASN B 613 -30.41 -36.39 -20.95
C ASN B 613 -29.86 -37.80 -20.77
N ILE B 614 -30.74 -38.78 -21.02
CA ILE B 614 -30.51 -40.21 -20.70
C ILE B 614 -30.26 -40.46 -19.22
N THR B 615 -30.75 -39.56 -18.37
CA THR B 615 -30.83 -39.77 -16.91
C THR B 615 -29.45 -39.88 -16.26
N SER B 616 -28.41 -39.47 -16.98
CA SER B 616 -27.04 -39.51 -16.49
C SER B 616 -26.12 -38.90 -17.53
N ARG B 617 -24.96 -38.38 -17.14
CA ARG B 617 -24.54 -38.23 -15.76
C ARG B 617 -23.82 -36.89 -15.68
N VAL B 618 -24.09 -36.13 -14.63
CA VAL B 618 -23.56 -34.78 -14.60
C VAL B 618 -22.44 -34.60 -13.59
N TYR B 619 -21.35 -34.03 -14.06
CA TYR B 619 -20.25 -33.63 -13.20
C TYR B 619 -20.10 -32.13 -13.29
N GLU B 620 -20.09 -31.43 -12.16
CA GLU B 620 -19.99 -29.98 -12.19
C GLU B 620 -18.66 -29.57 -11.55
N GLY B 621 -18.35 -28.29 -11.56
CA GLY B 621 -17.20 -27.81 -10.82
C GLY B 621 -16.57 -26.54 -11.36
N HIS B 622 -15.30 -26.35 -11.01
CA HIS B 622 -14.51 -25.23 -11.50
C HIS B 622 -13.25 -25.77 -12.18
N THR B 623 -12.79 -25.10 -13.23
CA THR B 623 -11.66 -25.58 -14.01
C THR B 623 -10.39 -25.74 -13.17
N SER B 624 -9.85 -26.95 -13.18
CA SER B 624 -8.65 -27.27 -12.43
C SER B 624 -7.73 -28.21 -13.21
N PRO B 625 -6.91 -27.66 -14.11
CA PRO B 625 -5.94 -28.47 -14.87
C PRO B 625 -5.04 -29.28 -13.96
N THR B 626 -4.54 -30.41 -14.45
CA THR B 626 -3.74 -31.32 -13.65
C THR B 626 -2.28 -30.90 -13.57
N PHE B 627 -1.94 -29.82 -14.28
CA PHE B 627 -0.55 -29.36 -14.32
C PHE B 627 -0.49 -27.84 -14.48
N ASP B 628 0.54 -27.23 -13.89
CA ASP B 628 0.77 -25.81 -14.09
C ASP B 628 1.45 -25.58 -15.43
N ASN B 629 2.42 -26.44 -15.75
CA ASN B 629 3.12 -26.36 -17.02
C ASN B 629 3.54 -27.73 -17.53
N ASN B 630 4.08 -27.75 -18.75
CA ASN B 630 4.66 -28.96 -19.34
C ASN B 630 3.76 -30.19 -19.32
N GLY B 631 2.48 -30.01 -19.64
CA GLY B 631 1.54 -31.11 -19.65
C GLY B 631 1.16 -31.58 -21.04
N SER B 632 -0.03 -32.15 -21.16
CA SER B 632 -0.54 -32.63 -22.45
C SER B 632 -2.06 -32.50 -22.52
N MET B 633 -2.62 -32.89 -23.67
CA MET B 633 -4.06 -32.80 -23.89
C MET B 633 -4.83 -33.72 -22.95
N MET B 634 -5.77 -33.16 -22.19
CA MET B 634 -6.54 -33.94 -21.23
C MET B 634 -7.79 -34.59 -21.83
N PHE B 635 -8.25 -34.08 -22.98
CA PHE B 635 -9.47 -34.59 -23.59
C PHE B 635 -9.37 -34.60 -25.12
N LEU B 636 -9.72 -35.73 -25.72
CA LEU B 636 -9.77 -35.82 -27.16
C LEU B 636 -11.00 -36.59 -27.64
N ASP B 637 -11.88 -35.91 -28.37
CA ASP B 637 -12.99 -36.59 -29.00
C ASP B 637 -13.06 -36.23 -30.49
N MET B 638 -12.72 -37.18 -31.33
CA MET B 638 -12.88 -37.07 -32.78
C MET B 638 -14.07 -37.89 -33.29
N SER B 639 -14.83 -38.49 -32.37
CA SER B 639 -15.84 -39.51 -32.71
C SER B 639 -16.89 -39.05 -33.72
N TYR B 640 -17.40 -40.03 -34.47
CA TYR B 640 -18.37 -39.80 -35.54
C TYR B 640 -17.80 -38.91 -36.61
N ASN B 641 -16.81 -39.42 -37.34
CA ASN B 641 -16.20 -38.71 -38.45
C ASN B 641 -15.75 -39.65 -39.55
N MET B 642 -15.20 -39.08 -40.61
CA MET B 642 -14.78 -39.84 -41.79
C MET B 642 -13.29 -40.21 -41.75
N LEU B 643 -12.64 -39.91 -40.64
CA LEU B 643 -11.19 -40.11 -40.50
C LEU B 643 -10.73 -41.52 -40.88
N SER B 644 -9.61 -41.59 -41.59
CA SER B 644 -9.06 -42.84 -42.08
C SER B 644 -7.55 -42.88 -41.88
N GLY B 645 -6.91 -43.93 -42.39
CA GLY B 645 -5.48 -44.08 -42.26
C GLY B 645 -5.10 -44.85 -41.00
N TYR B 646 -3.82 -44.78 -40.64
CA TYR B 646 -3.34 -45.50 -39.46
C TYR B 646 -2.95 -44.55 -38.34
N ILE B 647 -3.17 -44.97 -37.10
CA ILE B 647 -2.83 -44.16 -35.94
C ILE B 647 -1.33 -44.23 -35.69
N PRO B 648 -0.64 -43.09 -35.81
CA PRO B 648 0.81 -43.02 -35.62
C PRO B 648 1.29 -43.20 -34.18
N LYS B 649 2.55 -43.59 -34.05
CA LYS B 649 3.15 -43.93 -32.77
C LYS B 649 3.18 -42.75 -31.81
N GLU B 650 2.93 -41.57 -32.34
CA GLU B 650 3.02 -40.37 -31.53
C GLU B 650 1.79 -40.22 -30.63
N ILE B 651 0.78 -41.06 -30.87
CA ILE B 651 -0.51 -40.93 -30.15
C ILE B 651 -0.35 -41.15 -28.65
N GLY B 652 0.72 -41.83 -28.26
CA GLY B 652 0.92 -42.17 -26.87
C GLY B 652 1.72 -41.11 -26.16
N SER B 653 1.74 -39.90 -26.70
CA SER B 653 2.54 -38.83 -26.11
C SER B 653 1.78 -37.98 -25.10
N MET B 654 0.58 -38.42 -24.73
CA MET B 654 -0.28 -37.65 -23.83
C MET B 654 -0.63 -38.36 -22.52
N PRO B 655 0.31 -38.36 -21.56
CA PRO B 655 0.13 -39.05 -20.28
C PRO B 655 -1.00 -38.47 -19.42
N TYR B 656 -1.35 -37.22 -19.68
CA TYR B 656 -2.40 -36.55 -18.92
C TYR B 656 -3.78 -36.74 -19.54
N LEU B 657 -3.85 -37.46 -20.65
CA LEU B 657 -5.12 -37.63 -21.35
C LEU B 657 -6.06 -38.51 -20.55
N PHE B 658 -7.20 -37.95 -20.16
CA PHE B 658 -8.22 -38.69 -19.42
C PHE B 658 -9.16 -39.48 -20.33
N ILE B 659 -9.55 -38.87 -21.44
CA ILE B 659 -10.56 -39.47 -22.32
C ILE B 659 -10.16 -39.41 -23.78
N LEU B 660 -10.21 -40.56 -24.45
CA LEU B 660 -9.90 -40.64 -25.86
C LEU B 660 -11.01 -41.34 -26.65
N ASN B 661 -11.69 -40.61 -27.51
CA ASN B 661 -12.71 -41.21 -28.37
C ASN B 661 -12.42 -41.02 -29.86
N LEU B 662 -12.03 -42.11 -30.51
CA LEU B 662 -11.89 -42.14 -31.96
C LEU B 662 -13.08 -42.81 -32.65
N GLY B 663 -14.08 -43.16 -31.85
CA GLY B 663 -15.14 -44.05 -32.29
C GLY B 663 -15.92 -43.63 -33.52
N HIS B 664 -16.55 -44.62 -34.16
CA HIS B 664 -17.34 -44.44 -35.37
C HIS B 664 -16.57 -43.73 -36.48
N ASN B 665 -15.50 -44.37 -36.97
CA ASN B 665 -14.69 -43.83 -38.05
C ASN B 665 -14.22 -44.91 -39.01
N ASP B 666 -13.45 -44.51 -40.01
CA ASP B 666 -12.92 -45.42 -41.03
C ASP B 666 -11.51 -45.89 -40.73
N ILE B 667 -10.99 -45.52 -39.55
CA ILE B 667 -9.60 -45.80 -39.20
C ILE B 667 -9.21 -47.26 -39.39
N SER B 668 -8.13 -47.49 -40.14
CA SER B 668 -7.67 -48.83 -40.44
C SER B 668 -6.19 -48.99 -40.12
N GLY B 669 -5.87 -50.02 -39.34
CA GLY B 669 -4.49 -50.30 -38.99
C GLY B 669 -4.38 -51.09 -37.71
N SER B 670 -3.17 -51.12 -37.15
CA SER B 670 -2.92 -51.87 -35.93
C SER B 670 -2.81 -50.94 -34.73
N ILE B 671 -3.43 -51.34 -33.62
CA ILE B 671 -3.35 -50.56 -32.39
C ILE B 671 -1.90 -50.52 -31.91
N PRO B 672 -1.32 -49.31 -31.87
CA PRO B 672 0.08 -49.16 -31.48
C PRO B 672 0.33 -49.52 -30.02
N ASP B 673 1.51 -50.06 -29.72
CA ASP B 673 1.85 -50.47 -28.37
C ASP B 673 2.03 -49.20 -27.53
N GLU B 674 2.22 -48.10 -28.24
CA GLU B 674 2.39 -46.80 -27.61
C GLU B 674 1.14 -46.37 -26.87
N VAL B 675 0.01 -47.01 -27.19
CA VAL B 675 -1.22 -46.75 -26.43
C VAL B 675 -0.98 -47.03 -24.95
N GLY B 676 -0.16 -48.05 -24.67
CA GLY B 676 0.15 -48.43 -23.30
C GLY B 676 0.89 -47.35 -22.52
N ASP B 677 1.27 -46.28 -23.21
CA ASP B 677 2.03 -45.23 -22.57
C ASP B 677 1.11 -44.21 -21.92
N LEU B 678 -0.20 -44.39 -22.03
CA LEU B 678 -1.09 -43.46 -21.36
C LEU B 678 -1.50 -43.99 -19.99
N ARG B 679 -0.98 -43.38 -18.93
CA ARG B 679 -1.23 -43.85 -17.58
C ARG B 679 -2.42 -43.15 -16.93
N GLY B 680 -2.89 -42.10 -17.59
CA GLY B 680 -3.97 -41.29 -17.05
C GLY B 680 -5.31 -41.51 -17.72
N LEU B 681 -5.35 -42.44 -18.68
CA LEU B 681 -6.56 -42.59 -19.49
C LEU B 681 -7.63 -43.39 -18.77
N ASN B 682 -8.74 -42.71 -18.48
CA ASN B 682 -9.91 -43.32 -17.86
C ASN B 682 -10.89 -43.97 -18.85
N ILE B 683 -11.09 -43.32 -19.98
CA ILE B 683 -12.10 -43.77 -20.95
C ILE B 683 -11.57 -43.86 -22.37
N LEU B 684 -11.82 -44.98 -23.03
CA LEU B 684 -11.32 -45.21 -24.38
C LEU B 684 -12.37 -45.78 -25.33
N ASP B 685 -12.68 -45.05 -26.41
CA ASP B 685 -13.58 -45.58 -27.43
C ASP B 685 -12.88 -45.63 -28.78
N LEU B 686 -12.53 -46.83 -29.22
CA LEU B 686 -12.02 -47.06 -30.57
C LEU B 686 -13.09 -47.63 -31.50
N SER B 687 -14.31 -47.77 -30.97
CA SER B 687 -15.36 -48.57 -31.60
C SER B 687 -15.75 -48.14 -33.02
N SER B 688 -16.20 -49.13 -33.79
CA SER B 688 -16.66 -48.93 -35.18
C SER B 688 -15.56 -48.36 -36.08
N ASN B 689 -14.53 -49.18 -36.33
CA ASN B 689 -13.47 -48.81 -37.25
C ASN B 689 -12.99 -50.01 -38.06
N LYS B 690 -12.04 -49.76 -38.96
CA LYS B 690 -11.50 -50.81 -39.82
C LYS B 690 -10.20 -51.40 -39.27
N LEU B 691 -9.82 -50.97 -38.06
CA LEU B 691 -8.56 -51.39 -37.44
C LEU B 691 -8.39 -52.90 -37.40
N ASP B 692 -7.19 -53.35 -37.77
CA ASP B 692 -6.88 -54.78 -37.81
C ASP B 692 -5.63 -55.10 -36.99
N GLY B 693 -5.20 -56.36 -37.03
CA GLY B 693 -4.01 -56.77 -36.31
C GLY B 693 -4.33 -57.24 -34.91
N ARG B 694 -3.30 -57.35 -34.08
CA ARG B 694 -3.47 -57.82 -32.71
C ARG B 694 -3.41 -56.69 -31.68
N ILE B 695 -4.20 -56.82 -30.62
CA ILE B 695 -4.13 -55.91 -29.48
C ILE B 695 -2.79 -56.03 -28.75
N PRO B 696 -2.03 -54.92 -28.68
CA PRO B 696 -0.74 -54.94 -27.99
C PRO B 696 -0.84 -55.23 -26.50
N GLN B 697 0.01 -56.13 -26.01
CA GLN B 697 0.03 -56.51 -24.60
C GLN B 697 0.36 -55.30 -23.74
N ALA B 698 1.01 -54.31 -24.35
CA ALA B 698 1.38 -53.09 -23.66
C ALA B 698 0.15 -52.37 -23.10
N MET B 699 -1.01 -52.61 -23.69
CA MET B 699 -2.23 -51.96 -23.20
C MET B 699 -2.61 -52.46 -21.81
N SER B 700 -1.96 -53.52 -21.36
CA SER B 700 -2.20 -54.04 -20.01
C SER B 700 -1.61 -53.09 -18.98
N ALA B 701 -0.92 -52.07 -19.47
CA ALA B 701 -0.33 -51.08 -18.59
C ALA B 701 -1.36 -50.01 -18.24
N LEU B 702 -2.57 -50.10 -18.81
CA LEU B 702 -3.58 -49.10 -18.44
C LEU B 702 -4.44 -49.64 -17.30
N THR B 703 -4.22 -49.12 -16.11
CA THR B 703 -4.96 -49.55 -14.93
C THR B 703 -6.08 -48.61 -14.51
N MET B 704 -6.19 -47.48 -15.20
CA MET B 704 -7.12 -46.42 -14.77
C MET B 704 -8.45 -46.44 -15.52
N LEU B 705 -8.59 -47.37 -16.47
CA LEU B 705 -9.74 -47.36 -17.35
C LEU B 705 -11.02 -47.83 -16.65
N THR B 706 -12.00 -46.93 -16.56
CA THR B 706 -13.31 -47.31 -16.07
C THR B 706 -14.25 -47.64 -17.21
N GLU B 707 -13.87 -47.28 -18.44
CA GLU B 707 -14.74 -47.53 -19.58
C GLU B 707 -13.98 -47.69 -20.90
N ILE B 708 -14.42 -48.65 -21.70
CA ILE B 708 -13.85 -48.89 -23.02
C ILE B 708 -14.86 -49.48 -24.00
N ASP B 709 -14.78 -49.10 -25.26
CA ASP B 709 -15.53 -49.81 -26.31
C ASP B 709 -14.63 -50.06 -27.53
N LEU B 710 -14.31 -51.33 -27.77
CA LEU B 710 -13.47 -51.74 -28.90
C LEU B 710 -14.24 -52.29 -30.09
N SER B 711 -15.56 -52.30 -30.01
CA SER B 711 -16.42 -53.08 -30.91
C SER B 711 -16.33 -52.70 -32.39
N ASN B 712 -16.74 -53.64 -33.24
CA ASN B 712 -16.81 -53.46 -34.69
C ASN B 712 -15.48 -53.13 -35.37
N ASN B 713 -14.46 -53.96 -35.14
CA ASN B 713 -13.21 -53.84 -35.87
C ASN B 713 -12.80 -55.16 -36.51
N ASN B 714 -11.69 -55.13 -37.23
CA ASN B 714 -11.16 -56.32 -37.90
C ASN B 714 -10.11 -57.01 -37.04
N LEU B 715 -9.93 -56.49 -35.82
CA LEU B 715 -8.92 -56.98 -34.90
C LEU B 715 -9.03 -58.49 -34.62
N SER B 716 -7.89 -59.13 -34.43
CA SER B 716 -7.84 -60.56 -34.19
C SER B 716 -6.86 -60.92 -33.07
N GLY B 717 -6.93 -62.17 -32.62
CA GLY B 717 -6.02 -62.66 -31.60
C GLY B 717 -6.61 -62.70 -30.21
N PRO B 718 -5.82 -63.20 -29.23
CA PRO B 718 -6.23 -63.36 -27.84
C PRO B 718 -6.32 -62.04 -27.07
N ILE B 719 -7.30 -61.93 -26.18
CA ILE B 719 -7.40 -60.79 -25.27
C ILE B 719 -6.39 -60.93 -24.13
N PRO B 720 -5.64 -59.83 -23.86
CA PRO B 720 -4.70 -59.79 -22.74
C PRO B 720 -5.36 -60.14 -21.41
N GLU B 721 -4.74 -61.05 -20.66
CA GLU B 721 -5.32 -61.55 -19.42
C GLU B 721 -5.17 -60.57 -18.26
N MET B 722 -3.99 -59.97 -18.16
CA MET B 722 -3.70 -59.02 -17.09
C MET B 722 -4.39 -57.68 -17.34
N GLY B 723 -4.16 -56.73 -16.45
CA GLY B 723 -4.79 -55.43 -16.56
C GLY B 723 -6.24 -55.47 -16.11
N GLN B 724 -7.04 -54.55 -16.65
CA GLN B 724 -8.43 -54.42 -16.24
C GLN B 724 -9.37 -55.18 -17.19
N PHE B 725 -8.78 -55.82 -18.20
CA PHE B 725 -9.55 -56.47 -19.25
C PHE B 725 -10.58 -57.49 -18.74
N GLU B 726 -10.25 -58.19 -17.65
CA GLU B 726 -11.17 -59.20 -17.11
C GLU B 726 -12.41 -58.57 -16.51
N THR B 727 -12.31 -57.30 -16.10
CA THR B 727 -13.42 -56.63 -15.43
C THR B 727 -14.46 -56.09 -16.42
N PHE B 728 -14.04 -55.85 -17.67
CA PHE B 728 -14.92 -55.25 -18.68
C PHE B 728 -15.82 -56.27 -19.38
N PRO B 729 -17.06 -55.86 -19.70
CA PRO B 729 -18.03 -56.72 -20.38
C PRO B 729 -17.74 -56.97 -21.87
N PRO B 730 -18.12 -58.16 -22.37
CA PRO B 730 -17.89 -58.59 -23.75
C PRO B 730 -18.53 -57.64 -24.75
N ALA B 731 -19.44 -56.80 -24.26
CA ALA B 731 -20.12 -55.83 -25.10
C ALA B 731 -19.11 -54.92 -25.81
N LYS B 732 -17.96 -54.68 -25.19
CA LYS B 732 -16.97 -53.83 -25.84
C LYS B 732 -16.15 -54.55 -26.92
N PHE B 733 -16.09 -55.87 -26.86
CA PHE B 733 -15.25 -56.65 -27.79
C PHE B 733 -16.01 -57.24 -28.98
N LEU B 734 -17.30 -56.93 -29.09
CA LEU B 734 -18.16 -57.56 -30.10
C LEU B 734 -17.77 -57.20 -31.53
N ASN B 735 -18.24 -58.03 -32.47
CA ASN B 735 -18.02 -57.87 -33.90
C ASN B 735 -16.54 -57.91 -34.27
N ASN B 736 -15.78 -58.73 -33.56
CA ASN B 736 -14.39 -59.02 -33.89
C ASN B 736 -14.17 -60.52 -34.01
N PRO B 737 -14.34 -61.06 -35.23
CA PRO B 737 -14.36 -62.49 -35.55
C PRO B 737 -13.12 -63.24 -35.03
N GLY B 738 -11.95 -62.67 -35.22
CA GLY B 738 -10.71 -63.32 -34.85
C GLY B 738 -10.34 -63.10 -33.40
N LEU B 739 -11.11 -62.27 -32.72
CA LEU B 739 -10.79 -61.93 -31.33
C LEU B 739 -11.21 -63.04 -30.39
N CYS B 740 -10.33 -63.37 -29.45
CA CYS B 740 -10.58 -64.43 -28.49
C CYS B 740 -9.91 -64.12 -27.16
N GLY B 741 -10.08 -65.02 -26.18
CA GLY B 741 -9.52 -64.83 -24.87
C GLY B 741 -10.52 -64.14 -23.96
N TYR B 742 -10.49 -64.45 -22.67
CA TYR B 742 -11.45 -63.94 -21.70
C TYR B 742 -11.49 -62.41 -21.72
N PRO B 743 -12.70 -61.82 -21.63
CA PRO B 743 -14.04 -62.40 -21.44
C PRO B 743 -14.57 -63.19 -22.64
N LEU B 744 -14.01 -62.97 -23.82
CA LEU B 744 -14.39 -63.76 -24.99
C LEU B 744 -13.89 -65.19 -24.78
N PRO B 745 -14.43 -66.14 -25.57
CA PRO B 745 -13.95 -67.53 -25.45
C PRO B 745 -12.45 -67.68 -25.71
N ARG B 746 -11.82 -68.63 -25.04
CA ARG B 746 -10.42 -68.95 -25.23
C ARG B 746 -10.13 -69.38 -26.66
N CYS B 747 -8.95 -69.04 -27.16
CA CYS B 747 -8.51 -69.48 -28.48
C CYS B 747 -8.39 -71.00 -28.51
N ASP B 748 -8.88 -71.62 -29.59
CA ASP B 748 -8.80 -73.06 -29.73
C ASP B 748 -8.00 -73.46 -30.96
N ASN C 8 4.08 47.42 3.08
CA ASN C 8 5.49 47.17 3.30
C ASN C 8 6.35 47.54 2.10
N LEU C 9 6.39 48.84 1.80
CA LEU C 9 7.17 49.35 0.67
C LEU C 9 8.65 49.00 0.79
N GLU C 10 9.20 49.22 1.98
CA GLU C 10 10.59 48.90 2.27
C GLU C 10 10.85 47.42 2.07
N GLY C 11 9.89 46.60 2.50
CA GLY C 11 10.00 45.16 2.38
C GLY C 11 9.95 44.70 0.94
N ASP C 12 9.10 45.33 0.13
CA ASP C 12 9.00 45.03 -1.29
C ASP C 12 10.29 45.38 -2.00
N ALA C 13 10.83 46.56 -1.69
CA ALA C 13 12.09 47.02 -2.27
C ALA C 13 13.23 46.05 -1.94
N LEU C 14 13.39 45.77 -0.65
CA LEU C 14 14.43 44.87 -0.20
C LEU C 14 14.25 43.47 -0.79
N HIS C 15 13.00 43.10 -1.04
CA HIS C 15 12.71 41.80 -1.65
C HIS C 15 13.17 41.77 -3.11
N THR C 16 12.93 42.87 -3.83
CA THR C 16 13.44 43.00 -5.18
C THR C 16 14.96 42.88 -5.17
N LEU C 17 15.58 43.53 -4.18
CA LEU C 17 17.02 43.41 -3.99
C LEU C 17 17.43 41.96 -3.82
N ARG C 18 16.69 41.22 -3.00
CA ARG C 18 16.94 39.80 -2.79
C ARG C 18 16.87 39.02 -4.10
N VAL C 19 15.82 39.30 -4.88
CA VAL C 19 15.60 38.61 -6.14
C VAL C 19 16.78 38.82 -7.09
N THR C 20 17.24 40.07 -7.18
CA THR C 20 18.33 40.39 -8.09
C THR C 20 19.66 39.83 -7.58
N LEU C 21 19.76 39.63 -6.27
CA LEU C 21 20.99 39.15 -5.67
C LEU C 21 21.17 37.65 -5.83
N VAL C 22 22.43 37.20 -5.83
CA VAL C 22 22.74 35.78 -5.83
C VAL C 22 23.25 35.39 -4.44
N ASP C 23 22.55 34.45 -3.80
CA ASP C 23 22.81 34.14 -2.41
C ASP C 23 22.95 32.63 -2.18
N PRO C 24 24.18 32.13 -2.29
CA PRO C 24 24.50 30.70 -2.11
C PRO C 24 24.23 30.23 -0.68
N ASN C 25 24.55 31.09 0.30
CA ASN C 25 24.40 30.72 1.71
C ASN C 25 22.99 30.95 2.23
N ASN C 26 22.13 31.46 1.35
CA ASN C 26 20.73 31.73 1.69
C ASN C 26 20.57 32.60 2.93
N VAL C 27 21.32 33.70 2.97
CA VAL C 27 21.23 34.63 4.09
C VAL C 27 20.00 35.51 3.96
N LEU C 28 19.46 35.57 2.75
CA LEU C 28 18.27 36.36 2.49
C LEU C 28 17.02 35.50 2.60
N GLN C 29 17.21 34.23 2.94
CA GLN C 29 16.12 33.27 3.08
C GLN C 29 15.11 33.73 4.13
N SER C 30 15.61 34.44 5.14
CA SER C 30 14.79 34.88 6.25
C SER C 30 13.84 36.00 5.83
N TRP C 31 14.08 36.57 4.65
CA TRP C 31 13.29 37.72 4.21
C TRP C 31 12.01 37.27 3.55
N ASP C 32 10.88 37.64 4.15
CA ASP C 32 9.56 37.29 3.65
C ASP C 32 8.77 38.52 3.20
N PRO C 33 8.38 38.56 1.93
CA PRO C 33 7.65 39.70 1.36
C PRO C 33 6.25 39.86 1.96
N THR C 34 5.71 38.76 2.47
CA THR C 34 4.36 38.77 3.04
C THR C 34 4.30 39.44 4.40
N LEU C 35 5.46 39.64 5.01
CA LEU C 35 5.55 40.23 6.35
C LEU C 35 5.05 41.67 6.37
N VAL C 36 4.63 42.13 7.54
CA VAL C 36 4.13 43.48 7.72
C VAL C 36 5.20 44.50 7.35
N ASN C 37 6.44 44.20 7.73
CA ASN C 37 7.57 45.04 7.33
C ASN C 37 8.86 44.22 7.26
N PRO C 38 9.95 44.81 6.74
CA PRO C 38 11.27 44.18 6.74
C PRO C 38 11.94 44.14 8.11
N CYS C 39 11.45 44.93 9.05
CA CYS C 39 12.14 45.16 10.33
C CYS C 39 12.50 43.90 11.13
N THR C 40 11.79 42.80 10.89
CA THR C 40 12.04 41.56 11.62
C THR C 40 13.01 40.63 10.90
N TRP C 41 13.50 41.06 9.75
CA TRP C 41 14.46 40.29 8.96
C TRP C 41 15.84 40.31 9.58
N PHE C 42 16.64 39.31 9.25
CA PHE C 42 18.02 39.24 9.75
C PHE C 42 18.85 40.35 9.13
N HIS C 43 19.82 40.86 9.88
CA HIS C 43 20.78 41.85 9.39
C HIS C 43 20.14 43.19 9.04
N VAL C 44 18.81 43.26 9.15
CA VAL C 44 18.08 44.48 8.87
C VAL C 44 17.60 45.09 10.18
N THR C 45 17.90 46.37 10.39
CA THR C 45 17.56 47.05 11.62
C THR C 45 16.63 48.24 11.37
N CYS C 46 15.57 48.33 12.17
CA CYS C 46 14.60 49.40 12.06
C CYS C 46 14.59 50.28 13.31
N ASN C 47 14.17 51.53 13.16
CA ASN C 47 14.07 52.45 14.29
C ASN C 47 12.80 52.24 15.10
N ASN C 48 12.54 53.18 16.03
CA ASN C 48 11.32 53.15 16.81
C ASN C 48 10.09 53.48 15.96
N GLU C 49 10.34 54.03 14.78
CA GLU C 49 9.26 54.42 13.87
C GLU C 49 8.93 53.28 12.91
N ASN C 50 9.58 52.14 13.12
CA ASN C 50 9.36 50.93 12.33
C ASN C 50 9.69 51.15 10.85
N SER C 51 10.74 51.91 10.59
CA SER C 51 11.30 52.07 9.26
C SER C 51 12.75 51.63 9.28
N VAL C 52 13.27 51.15 8.16
CA VAL C 52 14.61 50.56 8.17
C VAL C 52 15.69 51.63 8.19
N ILE C 53 16.44 51.65 9.28
CA ILE C 53 17.60 52.53 9.38
C ILE C 53 18.90 51.84 9.01
N ARG C 54 18.89 50.52 8.91
CA ARG C 54 20.14 49.79 8.68
C ARG C 54 20.00 48.50 7.89
N VAL C 55 20.96 48.26 6.99
CA VAL C 55 21.12 46.93 6.40
C VAL C 55 22.61 46.56 6.31
N ASP C 56 22.97 45.48 7.01
CA ASP C 56 24.33 44.96 6.93
C ASP C 56 24.36 43.57 6.33
N LEU C 57 24.75 43.49 5.07
CA LEU C 57 24.90 42.21 4.36
C LEU C 57 26.36 41.78 4.26
N GLY C 58 27.26 42.55 4.88
CA GLY C 58 28.69 42.40 4.67
C GLY C 58 29.26 40.99 4.77
N ASN C 59 30.08 40.63 3.78
CA ASN C 59 30.71 39.33 3.68
C ASN C 59 29.72 38.17 3.73
N ALA C 60 28.65 38.28 2.95
CA ALA C 60 27.66 37.21 2.85
C ALA C 60 27.96 36.31 1.65
N GLU C 61 29.05 36.61 0.96
CA GLU C 61 29.47 35.86 -0.23
C GLU C 61 28.37 35.87 -1.28
N LEU C 62 28.03 37.06 -1.75
CA LEU C 62 26.91 37.26 -2.67
C LEU C 62 27.38 37.68 -4.05
N SER C 63 26.57 37.38 -5.06
CA SER C 63 26.89 37.78 -6.42
C SER C 63 25.73 38.56 -7.03
N GLY C 64 25.85 38.90 -8.31
CA GLY C 64 24.81 39.68 -8.98
C GLY C 64 25.06 41.17 -8.87
N HIS C 65 24.00 41.96 -8.95
CA HIS C 65 24.10 43.40 -8.83
C HIS C 65 22.95 43.96 -7.99
N LEU C 66 22.98 45.26 -7.72
CA LEU C 66 22.02 45.89 -6.82
C LEU C 66 20.78 46.43 -7.53
N VAL C 67 19.92 47.09 -6.77
CA VAL C 67 18.68 47.65 -7.29
C VAL C 67 18.52 49.13 -6.90
N PRO C 68 17.88 49.93 -7.77
CA PRO C 68 17.65 51.34 -7.49
C PRO C 68 16.67 51.58 -6.34
N GLU C 69 15.83 50.61 -6.04
CA GLU C 69 14.80 50.75 -5.02
C GLU C 69 15.36 51.03 -3.63
N LEU C 70 16.65 50.79 -3.44
CA LEU C 70 17.30 51.12 -2.18
C LEU C 70 17.09 52.60 -1.86
N GLY C 71 17.03 53.41 -2.92
CA GLY C 71 16.88 54.84 -2.78
C GLY C 71 15.56 55.27 -2.17
N VAL C 72 14.66 54.32 -1.99
CA VAL C 72 13.35 54.65 -1.45
C VAL C 72 13.38 54.56 0.07
N LEU C 73 14.53 54.26 0.66
CA LEU C 73 14.59 54.25 2.12
C LEU C 73 15.04 55.61 2.65
N LYS C 74 14.10 56.34 3.26
CA LYS C 74 14.36 57.71 3.68
C LYS C 74 15.17 57.80 4.96
N ASN C 75 14.83 56.95 5.93
CA ASN C 75 15.45 57.01 7.24
C ASN C 75 16.65 56.07 7.35
N LEU C 76 16.99 55.44 6.23
CA LEU C 76 18.12 54.53 6.16
C LEU C 76 19.41 55.24 6.57
N GLN C 77 20.22 54.56 7.39
CA GLN C 77 21.42 55.16 7.95
C GLN C 77 22.68 54.42 7.52
N TYR C 78 22.78 53.15 7.92
CA TYR C 78 23.99 52.37 7.65
C TYR C 78 23.78 51.31 6.57
N LEU C 79 24.63 51.34 5.55
CA LEU C 79 24.62 50.28 4.55
C LEU C 79 26.01 49.67 4.40
N GLU C 80 26.14 48.42 4.85
CA GLU C 80 27.42 47.74 4.71
C GLU C 80 27.31 46.51 3.80
N LEU C 81 27.81 46.65 2.58
CA LEU C 81 27.82 45.57 1.59
C LEU C 81 29.17 44.87 1.43
N TYR C 82 30.15 45.26 2.24
CA TYR C 82 31.56 44.97 1.96
C TYR C 82 31.95 43.50 1.93
N SER C 83 33.10 43.24 1.31
CA SER C 83 33.68 41.90 1.15
C SER C 83 32.78 40.89 0.41
N ASN C 84 32.46 41.16 -0.86
CA ASN C 84 31.68 40.24 -1.70
C ASN C 84 32.18 40.22 -3.17
N ASN C 85 31.56 39.39 -4.02
CA ASN C 85 31.90 39.32 -5.45
C ASN C 85 31.02 40.24 -6.28
N ILE C 86 30.17 40.98 -5.59
CA ILE C 86 29.08 41.68 -6.28
C ILE C 86 29.52 42.58 -7.46
N THR C 87 28.78 42.47 -8.56
CA THR C 87 29.11 43.21 -9.79
C THR C 87 28.09 44.31 -10.11
N GLY C 88 28.29 44.99 -11.22
CA GLY C 88 27.35 46.00 -11.69
C GLY C 88 27.67 47.43 -11.27
N PRO C 89 26.94 48.40 -11.83
CA PRO C 89 27.09 49.84 -11.54
C PRO C 89 26.43 50.29 -10.22
N ILE C 90 26.92 51.39 -9.66
CA ILE C 90 26.29 52.02 -8.51
C ILE C 90 25.12 52.92 -8.93
N PRO C 91 23.92 52.66 -8.41
CA PRO C 91 22.68 53.35 -8.79
C PRO C 91 22.72 54.88 -8.70
N SER C 92 22.30 55.54 -9.78
CA SER C 92 22.42 56.98 -9.91
C SER C 92 21.40 57.69 -9.04
N ASN C 93 20.39 56.94 -8.61
CA ASN C 93 19.34 57.53 -7.79
C ASN C 93 19.62 57.33 -6.31
N LEU C 94 20.80 56.78 -5.98
CA LEU C 94 21.16 56.60 -4.58
C LEU C 94 21.16 57.93 -3.81
N GLY C 95 21.24 59.04 -4.55
CA GLY C 95 21.19 60.36 -3.96
C GLY C 95 19.88 60.64 -3.25
N ASN C 96 18.88 59.80 -3.50
CA ASN C 96 17.59 59.93 -2.84
C ASN C 96 17.67 59.50 -1.37
N LEU C 97 18.83 59.02 -0.95
CA LEU C 97 19.03 58.67 0.46
C LEU C 97 19.60 59.85 1.21
N THR C 98 18.78 60.47 2.06
CA THR C 98 19.21 61.66 2.79
C THR C 98 20.04 61.31 4.01
N ASN C 99 19.57 60.31 4.76
CA ASN C 99 20.08 60.04 6.09
C ASN C 99 21.20 59.01 6.15
N LEU C 100 21.69 58.56 5.00
CA LEU C 100 22.71 57.51 5.01
C LEU C 100 23.99 58.11 5.56
N VAL C 101 24.45 57.58 6.69
CA VAL C 101 25.69 58.07 7.30
C VAL C 101 26.90 57.20 6.98
N SER C 102 26.66 55.99 6.49
CA SER C 102 27.78 55.11 6.17
C SER C 102 27.47 54.25 4.96
N LEU C 103 28.40 54.25 4.01
CA LEU C 103 28.33 53.39 2.86
C LEU C 103 29.66 52.67 2.68
N ASP C 104 29.66 51.36 2.92
CA ASP C 104 30.89 50.62 2.63
C ASP C 104 30.66 49.51 1.62
N LEU C 105 31.13 49.73 0.40
CA LEU C 105 31.03 48.75 -0.67
C LEU C 105 32.31 47.96 -0.90
N TYR C 106 33.32 48.22 -0.08
CA TYR C 106 34.69 47.83 -0.42
C TYR C 106 34.90 46.31 -0.54
N LEU C 107 35.95 45.95 -1.27
CA LEU C 107 36.25 44.56 -1.65
C LEU C 107 35.14 43.91 -2.47
N ASN C 108 34.95 44.41 -3.69
CA ASN C 108 33.93 43.88 -4.60
C ASN C 108 34.27 44.02 -6.08
N SER C 109 33.36 43.53 -6.92
CA SER C 109 33.49 43.59 -8.38
C SER C 109 32.74 44.79 -8.97
N PHE C 110 32.23 45.66 -8.11
CA PHE C 110 31.40 46.80 -8.53
C PHE C 110 32.07 47.61 -9.64
N SER C 111 31.27 48.03 -10.62
CA SER C 111 31.77 48.77 -11.76
C SER C 111 31.02 50.07 -11.98
N GLY C 112 31.33 50.76 -13.07
CA GLY C 112 30.64 51.99 -13.43
C GLY C 112 31.27 53.22 -12.82
N PRO C 113 30.82 54.41 -13.26
CA PRO C 113 31.32 55.68 -12.73
C PRO C 113 30.72 56.00 -11.36
N ILE C 114 31.39 56.85 -10.59
CA ILE C 114 30.86 57.26 -9.30
C ILE C 114 29.70 58.24 -9.52
N PRO C 115 28.49 57.83 -9.10
CA PRO C 115 27.24 58.56 -9.34
C PRO C 115 27.29 60.02 -8.92
N GLU C 116 26.63 60.87 -9.71
CA GLU C 116 26.59 62.30 -9.47
C GLU C 116 25.71 62.64 -8.26
N SER C 117 24.58 61.95 -8.17
CA SER C 117 23.58 62.24 -7.14
C SER C 117 24.08 61.97 -5.73
N LEU C 118 25.24 61.35 -5.62
CA LEU C 118 25.83 61.13 -4.31
C LEU C 118 26.13 62.48 -3.66
N GLY C 119 26.22 63.52 -4.47
CA GLY C 119 26.47 64.85 -3.94
C GLY C 119 25.27 65.37 -3.15
N LYS C 120 24.16 64.67 -3.27
CA LYS C 120 22.94 65.05 -2.59
C LYS C 120 22.87 64.42 -1.21
N LEU C 121 23.92 63.72 -0.80
CA LEU C 121 23.91 63.17 0.56
C LEU C 121 24.59 64.16 1.50
N SER C 122 23.78 64.79 2.35
CA SER C 122 24.29 65.82 3.24
C SER C 122 24.94 65.23 4.49
N LYS C 123 24.36 64.15 5.00
CA LYS C 123 24.80 63.58 6.28
C LYS C 123 25.87 62.51 6.14
N LEU C 124 26.35 62.28 4.92
CA LEU C 124 27.32 61.21 4.67
C LEU C 124 28.62 61.38 5.46
N ARG C 125 28.98 60.33 6.20
CA ARG C 125 30.20 60.32 7.00
C ARG C 125 31.22 59.36 6.41
N PHE C 126 30.86 58.08 6.39
CA PHE C 126 31.73 57.04 5.85
C PHE C 126 31.42 56.73 4.40
N LEU C 127 32.42 56.88 3.54
CA LEU C 127 32.31 56.27 2.22
C LEU C 127 33.58 55.49 1.93
N ARG C 128 33.50 54.17 1.90
CA ARG C 128 34.70 53.42 1.53
C ARG C 128 34.47 52.49 0.34
N LEU C 129 35.04 52.87 -0.79
CA LEU C 129 34.93 52.10 -2.03
C LEU C 129 36.16 51.25 -2.36
N ASN C 130 37.13 51.23 -1.46
CA ASN C 130 38.46 50.67 -1.77
C ASN C 130 38.43 49.24 -2.28
N ASN C 131 39.40 48.93 -3.14
CA ASN C 131 39.49 47.63 -3.81
C ASN C 131 38.27 47.30 -4.67
N ASN C 132 37.89 48.24 -5.53
CA ASN C 132 36.81 48.01 -6.50
C ASN C 132 37.23 48.35 -7.92
N SER C 133 36.31 48.13 -8.87
CA SER C 133 36.59 48.34 -10.29
C SER C 133 36.10 49.69 -10.82
N LEU C 134 35.58 50.55 -9.94
CA LEU C 134 34.99 51.82 -10.37
C LEU C 134 35.93 52.67 -11.22
N THR C 135 35.36 53.36 -12.20
CA THR C 135 36.12 54.22 -13.08
C THR C 135 35.48 55.60 -13.17
N GLY C 136 36.02 56.45 -14.03
CA GLY C 136 35.47 57.79 -14.20
C GLY C 136 36.04 58.78 -13.23
N SER C 137 35.65 60.04 -13.38
CA SER C 137 36.14 61.12 -12.52
C SER C 137 35.48 61.04 -11.14
N ILE C 138 36.08 61.75 -10.18
CA ILE C 138 35.50 61.84 -8.85
C ILE C 138 34.64 63.10 -8.76
N PRO C 139 33.32 62.91 -8.57
CA PRO C 139 32.33 63.99 -8.60
C PRO C 139 32.69 65.18 -7.72
N MET C 140 32.49 66.38 -8.23
CA MET C 140 32.82 67.61 -7.52
C MET C 140 31.72 68.00 -6.54
N SER C 141 30.55 67.39 -6.70
CA SER C 141 29.42 67.65 -5.81
C SER C 141 29.68 67.10 -4.42
N LEU C 142 30.58 66.13 -4.33
CA LEU C 142 30.94 65.51 -3.06
C LEU C 142 31.58 66.51 -2.11
N THR C 143 32.15 67.57 -2.67
CA THR C 143 32.77 68.62 -1.87
C THR C 143 31.70 69.38 -1.11
N ASN C 144 30.48 69.39 -1.66
CA ASN C 144 29.37 70.05 -0.99
C ASN C 144 28.91 69.22 0.21
N ILE C 145 29.48 68.04 0.37
CA ILE C 145 29.23 67.26 1.57
C ILE C 145 30.29 67.61 2.60
N THR C 146 29.87 68.29 3.66
CA THR C 146 30.79 68.80 4.66
C THR C 146 31.03 67.79 5.77
N THR C 147 30.20 66.74 5.78
CA THR C 147 30.22 65.77 6.86
C THR C 147 31.16 64.59 6.57
N LEU C 148 31.87 64.66 5.46
CA LEU C 148 32.73 63.56 5.05
C LEU C 148 33.92 63.40 6.00
N GLN C 149 34.07 62.20 6.54
CA GLN C 149 35.12 61.92 7.53
C GLN C 149 36.14 60.91 6.99
N VAL C 150 35.69 59.70 6.70
CA VAL C 150 36.60 58.67 6.24
C VAL C 150 36.22 58.18 4.85
N LEU C 151 37.21 58.21 3.96
CA LEU C 151 37.05 57.76 2.58
C LEU C 151 38.29 57.01 2.12
N ASP C 152 38.09 55.78 1.62
CA ASP C 152 39.19 55.02 1.05
C ASP C 152 38.83 54.58 -0.38
N LEU C 153 39.47 55.20 -1.36
CA LEU C 153 39.26 54.85 -2.77
C LEU C 153 40.39 53.97 -3.33
N SER C 154 41.33 53.62 -2.46
CA SER C 154 42.59 53.00 -2.89
C SER C 154 42.42 51.72 -3.69
N ASN C 155 43.39 51.48 -4.58
CA ASN C 155 43.42 50.29 -5.42
C ASN C 155 42.21 50.17 -6.33
N ASN C 156 41.93 51.25 -7.07
CA ASN C 156 40.83 51.28 -8.03
C ASN C 156 41.30 51.75 -9.40
N ARG C 157 40.37 51.82 -10.36
CA ARG C 157 40.69 52.26 -11.71
C ARG C 157 40.37 53.73 -11.95
N LEU C 158 39.95 54.43 -10.89
CA LEU C 158 39.53 55.82 -11.02
C LEU C 158 40.57 56.71 -11.68
N SER C 159 40.11 57.67 -12.47
CA SER C 159 40.98 58.52 -13.26
C SER C 159 40.63 60.00 -13.11
N GLY C 160 41.53 60.87 -13.55
CA GLY C 160 41.25 62.29 -13.55
C GLY C 160 41.90 63.07 -12.43
N SER C 161 41.44 64.30 -12.24
CA SER C 161 41.94 65.17 -11.17
C SER C 161 41.17 64.96 -9.87
N VAL C 162 41.89 65.06 -8.76
CA VAL C 162 41.28 64.93 -7.44
C VAL C 162 41.16 66.29 -6.76
N PRO C 163 39.92 66.69 -6.44
CA PRO C 163 39.67 68.01 -5.83
C PRO C 163 40.28 68.11 -4.43
N ASP C 164 40.98 69.22 -4.17
CA ASP C 164 41.57 69.44 -2.85
C ASP C 164 40.65 70.29 -1.99
N ASN C 165 39.53 70.72 -2.55
CA ASN C 165 38.59 71.57 -1.84
C ASN C 165 37.52 70.79 -1.09
N GLY C 166 36.64 71.54 -0.43
CA GLY C 166 35.54 70.96 0.31
C GLY C 166 36.08 70.03 1.38
N SER C 167 35.37 68.93 1.57
CA SER C 167 35.76 67.95 2.56
C SER C 167 36.96 67.15 2.10
N PHE C 168 37.26 67.16 0.80
CA PHE C 168 38.33 66.32 0.31
C PHE C 168 39.69 66.74 0.86
N SER C 169 39.77 67.96 1.39
CA SER C 169 40.99 68.47 1.99
C SER C 169 41.37 67.67 3.23
N LEU C 170 40.41 66.89 3.71
CA LEU C 170 40.61 66.08 4.90
C LEU C 170 41.43 64.82 4.63
N PHE C 171 41.72 64.52 3.37
CA PHE C 171 42.19 63.17 3.05
C PHE C 171 43.61 63.09 2.51
N THR C 172 44.21 61.91 2.66
CA THR C 172 45.61 61.67 2.36
C THR C 172 45.78 60.68 1.22
N PRO C 173 46.91 60.75 0.49
CA PRO C 173 47.12 59.95 -0.73
C PRO C 173 46.91 58.44 -0.58
N ILE C 174 47.10 57.88 0.61
CA ILE C 174 46.95 56.44 0.79
C ILE C 174 45.53 55.98 0.45
N SER C 175 44.58 56.90 0.55
CA SER C 175 43.19 56.61 0.23
C SER C 175 42.99 56.58 -1.28
N PHE C 176 43.77 57.41 -1.99
CA PHE C 176 43.67 57.51 -3.45
C PHE C 176 44.73 56.67 -4.14
N ALA C 177 45.52 55.95 -3.34
CA ALA C 177 46.68 55.21 -3.82
C ALA C 177 46.35 54.04 -4.72
N ASN C 178 47.33 53.63 -5.51
CA ASN C 178 47.22 52.47 -6.38
C ASN C 178 46.04 52.57 -7.35
N ASN C 179 45.87 53.74 -7.94
CA ASN C 179 44.84 53.94 -8.96
C ASN C 179 45.44 53.95 -10.35
N LEU C 180 44.60 54.19 -11.36
CA LEU C 180 45.07 54.19 -12.73
C LEU C 180 45.85 55.46 -13.03
N ASP C 181 45.13 56.57 -13.15
CA ASP C 181 45.76 57.88 -13.23
C ASP C 181 45.00 58.90 -12.40
N LEU C 182 45.65 59.48 -11.41
CA LEU C 182 45.02 60.51 -10.60
C LEU C 182 45.98 61.65 -10.36
N CYS C 183 45.50 62.87 -10.52
CA CYS C 183 46.36 64.05 -10.41
C CYS C 183 45.76 65.12 -9.52
N GLY C 184 46.65 65.84 -8.84
CA GLY C 184 46.24 66.96 -8.01
C GLY C 184 47.22 67.11 -6.86
N PRO C 185 46.98 68.09 -5.99
CA PRO C 185 47.81 68.21 -4.78
C PRO C 185 47.62 67.00 -3.89
N VAL C 186 46.42 66.41 -3.91
CA VAL C 186 46.14 65.27 -3.06
C VAL C 186 46.95 64.04 -3.46
N THR C 187 47.08 63.80 -4.76
CA THR C 187 47.89 62.68 -5.24
C THR C 187 49.37 63.06 -5.27
N SER C 188 50.22 62.06 -5.39
CA SER C 188 51.66 62.30 -5.48
C SER C 188 52.05 62.48 -6.95
N HIS C 189 51.06 62.43 -7.83
CA HIS C 189 51.27 62.63 -9.25
C HIS C 189 50.62 63.94 -9.69
N PRO C 190 51.40 64.81 -10.35
CA PRO C 190 50.95 66.15 -10.74
C PRO C 190 50.04 66.19 -11.97
N CYS C 191 49.17 67.19 -12.01
CA CYS C 191 48.34 67.45 -13.19
C CYS C 191 49.08 68.26 -14.24
N PRO C 192 48.90 67.91 -15.53
CA PRO C 192 49.51 68.64 -16.63
C PRO C 192 49.01 70.08 -16.73
N ASN D 8 -25.76 -40.20 2.42
CA ASN D 8 -24.66 -40.77 1.64
C ASN D 8 -23.83 -41.75 2.45
N LEU D 9 -24.44 -42.87 2.82
CA LEU D 9 -23.77 -43.91 3.60
C LEU D 9 -22.52 -44.41 2.89
N GLU D 10 -22.70 -44.76 1.62
CA GLU D 10 -21.59 -45.21 0.78
C GLU D 10 -20.53 -44.12 0.67
N GLY D 11 -20.99 -42.88 0.58
CA GLY D 11 -20.09 -41.73 0.49
C GLY D 11 -19.30 -41.54 1.77
N ASP D 12 -19.95 -41.75 2.90
CA ASP D 12 -19.28 -41.65 4.19
C ASP D 12 -18.21 -42.74 4.30
N ALA D 13 -18.56 -43.95 3.89
CA ALA D 13 -17.63 -45.07 3.91
C ALA D 13 -16.41 -44.79 3.04
N LEU D 14 -16.64 -44.45 1.78
CA LEU D 14 -15.56 -44.15 0.84
C LEU D 14 -14.71 -42.96 1.28
N HIS D 15 -15.33 -41.99 1.96
CA HIS D 15 -14.60 -40.84 2.46
C HIS D 15 -13.70 -41.26 3.60
N THR D 16 -14.21 -42.14 4.46
CA THR D 16 -13.40 -42.73 5.52
C THR D 16 -12.20 -43.42 4.90
N LEU D 17 -12.46 -44.13 3.81
CA LEU D 17 -11.40 -44.77 3.03
C LEU D 17 -10.35 -43.76 2.59
N ARG D 18 -10.79 -42.62 2.08
CA ARG D 18 -9.84 -41.57 1.67
C ARG D 18 -9.01 -41.10 2.86
N VAL D 19 -9.67 -40.88 4.00
CA VAL D 19 -8.99 -40.41 5.20
C VAL D 19 -7.90 -41.37 5.65
N THR D 20 -8.22 -42.65 5.67
CA THR D 20 -7.27 -43.67 6.11
C THR D 20 -6.16 -43.91 5.10
N LEU D 21 -6.43 -43.65 3.82
CA LEU D 21 -5.47 -43.90 2.75
C LEU D 21 -4.37 -42.86 2.66
N VAL D 22 -3.23 -43.28 2.13
CA VAL D 22 -2.13 -42.39 1.81
C VAL D 22 -2.06 -42.21 0.30
N ASP D 23 -2.19 -40.97 -0.16
CA ASP D 23 -2.33 -40.68 -1.58
C ASP D 23 -1.36 -39.59 -2.02
N PRO D 24 -0.16 -39.98 -2.44
CA PRO D 24 0.90 -39.06 -2.88
C PRO D 24 0.54 -38.28 -4.13
N ASN D 25 -0.09 -38.93 -5.10
CA ASN D 25 -0.43 -38.28 -6.36
C ASN D 25 -1.75 -37.52 -6.30
N ASN D 26 -2.40 -37.59 -5.13
CA ASN D 26 -3.68 -36.93 -4.88
C ASN D 26 -4.72 -37.27 -5.94
N VAL D 27 -4.88 -38.58 -6.20
CA VAL D 27 -5.87 -39.06 -7.16
C VAL D 27 -7.26 -39.07 -6.53
N LEU D 28 -7.30 -38.96 -5.21
CA LEU D 28 -8.56 -38.95 -4.45
C LEU D 28 -9.06 -37.53 -4.26
N GLN D 29 -8.34 -36.58 -4.85
CA GLN D 29 -8.66 -35.16 -4.73
C GLN D 29 -10.08 -34.82 -5.18
N SER D 30 -10.58 -35.58 -6.14
CA SER D 30 -11.89 -35.32 -6.75
C SER D 30 -13.08 -35.62 -5.83
N TRP D 31 -12.84 -36.29 -4.71
CA TRP D 31 -13.93 -36.73 -3.86
C TRP D 31 -14.39 -35.63 -2.90
N ASP D 32 -15.66 -35.25 -3.03
CA ASP D 32 -16.24 -34.21 -2.17
C ASP D 32 -17.28 -34.84 -1.23
N PRO D 33 -17.06 -34.73 0.08
CA PRO D 33 -17.93 -35.33 1.10
C PRO D 33 -19.29 -34.65 1.20
N THR D 34 -19.37 -33.38 0.81
CA THR D 34 -20.59 -32.61 0.92
C THR D 34 -21.60 -33.02 -0.16
N LEU D 35 -21.11 -33.74 -1.17
CA LEU D 35 -21.94 -34.16 -2.29
C LEU D 35 -23.02 -35.13 -1.85
N VAL D 36 -24.10 -35.20 -2.62
CA VAL D 36 -25.23 -36.07 -2.31
C VAL D 36 -24.83 -37.54 -2.24
N ASN D 37 -23.95 -37.95 -3.14
CA ASN D 37 -23.42 -39.31 -3.10
C ASN D 37 -22.02 -39.41 -3.71
N PRO D 38 -21.36 -40.58 -3.57
CA PRO D 38 -20.06 -40.83 -4.20
C PRO D 38 -20.11 -41.01 -5.71
N CYS D 39 -21.29 -41.24 -6.27
CA CYS D 39 -21.42 -41.63 -7.67
C CYS D 39 -20.75 -40.68 -8.68
N THR D 40 -20.57 -39.43 -8.29
CA THR D 40 -19.95 -38.43 -9.17
C THR D 40 -18.45 -38.29 -8.96
N TRP D 41 -17.91 -39.07 -8.03
CA TRP D 41 -16.47 -39.06 -7.75
C TRP D 41 -15.71 -39.77 -8.86
N PHE D 42 -14.44 -39.43 -9.03
CA PHE D 42 -13.60 -40.09 -10.03
C PHE D 42 -13.36 -41.53 -9.60
N HIS D 43 -13.17 -42.39 -10.60
CA HIS D 43 -12.81 -43.80 -10.39
C HIS D 43 -13.96 -44.56 -9.74
N VAL D 44 -15.02 -43.84 -9.40
CA VAL D 44 -16.22 -44.42 -8.80
C VAL D 44 -17.35 -44.41 -9.82
N THR D 45 -17.97 -45.56 -10.04
CA THR D 45 -19.04 -45.65 -11.03
C THR D 45 -20.35 -46.09 -10.39
N CYS D 46 -21.42 -45.36 -10.69
CA CYS D 46 -22.74 -45.69 -10.19
C CYS D 46 -23.70 -46.00 -11.32
N ASN D 47 -24.72 -46.80 -11.02
CA ASN D 47 -25.75 -47.12 -11.99
C ASN D 47 -26.80 -46.02 -12.06
N ASN D 48 -27.91 -46.30 -12.73
CA ASN D 48 -29.02 -45.36 -12.78
C ASN D 48 -29.69 -45.25 -11.41
N GLU D 49 -29.40 -46.20 -10.53
CA GLU D 49 -29.98 -46.23 -9.20
C GLU D 49 -29.13 -45.48 -8.18
N ASN D 50 -28.05 -44.87 -8.67
CA ASN D 50 -27.15 -44.06 -7.83
C ASN D 50 -26.51 -44.80 -6.65
N SER D 51 -26.13 -46.05 -6.88
CA SER D 51 -25.32 -46.78 -5.91
C SER D 51 -24.02 -47.21 -6.57
N VAL D 52 -22.95 -47.33 -5.79
CA VAL D 52 -21.64 -47.59 -6.38
C VAL D 52 -21.45 -49.05 -6.75
N ILE D 53 -21.32 -49.32 -8.05
CA ILE D 53 -21.01 -50.67 -8.49
C ILE D 53 -19.52 -50.90 -8.77
N ARG D 54 -18.74 -49.82 -8.82
CA ARG D 54 -17.34 -49.94 -9.24
C ARG D 54 -16.39 -48.93 -8.60
N VAL D 55 -15.20 -49.41 -8.25
CA VAL D 55 -14.06 -48.57 -7.90
C VAL D 55 -12.80 -49.13 -8.54
N ASP D 56 -12.15 -48.38 -9.42
CA ASP D 56 -10.89 -48.84 -9.98
C ASP D 56 -9.73 -47.96 -9.54
N LEU D 57 -8.95 -48.46 -8.58
CA LEU D 57 -7.79 -47.77 -8.06
C LEU D 57 -6.45 -48.26 -8.61
N GLY D 58 -6.48 -49.21 -9.55
CA GLY D 58 -5.27 -49.89 -9.99
C GLY D 58 -4.11 -48.97 -10.33
N ASN D 59 -2.94 -49.31 -9.78
CA ASN D 59 -1.71 -48.54 -9.97
C ASN D 59 -1.87 -47.07 -9.59
N ALA D 60 -2.49 -46.81 -8.45
CA ALA D 60 -2.64 -45.43 -7.98
C ALA D 60 -1.53 -45.08 -6.99
N GLU D 61 -0.64 -46.04 -6.74
CA GLU D 61 0.49 -45.83 -5.84
C GLU D 61 0.04 -45.38 -4.46
N LEU D 62 -0.81 -46.19 -3.81
CA LEU D 62 -1.40 -45.77 -2.54
C LEU D 62 -0.84 -46.58 -1.38
N SER D 63 -0.85 -45.96 -0.20
CA SER D 63 -0.38 -46.60 1.01
C SER D 63 -1.43 -46.50 2.12
N GLY D 64 -1.05 -46.92 3.32
CA GLY D 64 -1.96 -46.92 4.45
C GLY D 64 -2.68 -48.26 4.54
N HIS D 65 -3.86 -48.25 5.15
CA HIS D 65 -4.65 -49.48 5.27
C HIS D 65 -6.12 -49.20 4.99
N LEU D 66 -6.92 -50.27 4.90
CA LEU D 66 -8.33 -50.15 4.51
C LEU D 66 -9.26 -49.96 5.70
N VAL D 67 -10.57 -49.92 5.44
CA VAL D 67 -11.54 -49.73 6.50
C VAL D 67 -12.70 -50.73 6.49
N PRO D 68 -13.15 -51.15 7.69
CA PRO D 68 -14.23 -52.13 7.79
C PRO D 68 -15.53 -51.56 7.23
N GLU D 69 -15.60 -50.24 7.18
CA GLU D 69 -16.79 -49.57 6.70
C GLU D 69 -17.10 -49.93 5.25
N LEU D 70 -16.14 -50.52 4.54
CA LEU D 70 -16.42 -50.99 3.19
C LEU D 70 -17.63 -51.94 3.19
N GLY D 71 -17.83 -52.63 4.31
CA GLY D 71 -18.91 -53.59 4.42
C GLY D 71 -20.30 -52.97 4.39
N VAL D 72 -20.38 -51.64 4.41
CA VAL D 72 -21.68 -51.00 4.40
C VAL D 72 -22.12 -50.75 2.95
N LEU D 73 -21.33 -51.21 2.00
CA LEU D 73 -21.72 -51.03 0.59
C LEU D 73 -22.54 -52.22 0.13
N LYS D 74 -23.83 -52.00 -0.09
CA LYS D 74 -24.75 -53.08 -0.39
C LYS D 74 -24.65 -53.53 -1.84
N ASN D 75 -24.54 -52.55 -2.75
CA ASN D 75 -24.54 -52.84 -4.17
C ASN D 75 -23.15 -53.00 -4.75
N LEU D 76 -22.13 -52.95 -3.88
CA LEU D 76 -20.75 -53.09 -4.33
C LEU D 76 -20.51 -54.43 -5.03
N GLN D 77 -19.87 -54.35 -6.20
CA GLN D 77 -19.62 -55.52 -7.03
C GLN D 77 -18.13 -55.70 -7.32
N TYR D 78 -17.53 -54.72 -7.98
CA TYR D 78 -16.13 -54.80 -8.35
C TYR D 78 -15.27 -53.91 -7.45
N LEU D 79 -14.26 -54.50 -6.82
CA LEU D 79 -13.29 -53.73 -6.06
C LEU D 79 -11.86 -54.05 -6.52
N GLU D 80 -11.21 -53.10 -7.16
CA GLU D 80 -9.84 -53.30 -7.61
C GLU D 80 -8.86 -52.34 -6.94
N LEU D 81 -8.08 -52.85 -5.98
CA LEU D 81 -7.07 -52.05 -5.29
C LEU D 81 -5.64 -52.30 -5.76
N TYR D 82 -5.47 -53.17 -6.76
CA TYR D 82 -4.19 -53.79 -7.06
C TYR D 82 -3.08 -52.85 -7.54
N SER D 83 -1.85 -53.36 -7.48
CA SER D 83 -0.64 -52.64 -7.86
C SER D 83 -0.45 -51.38 -7.02
N ASN D 84 -0.45 -51.58 -5.70
CA ASN D 84 -0.19 -50.50 -4.76
C ASN D 84 0.67 -50.99 -3.60
N ASN D 85 1.02 -50.08 -2.70
CA ASN D 85 1.83 -50.40 -1.54
C ASN D 85 1.02 -50.65 -0.28
N ILE D 86 -0.30 -50.68 -0.41
CA ILE D 86 -1.21 -50.76 0.73
C ILE D 86 -0.87 -51.87 1.71
N THR D 87 -0.87 -51.52 2.99
CA THR D 87 -0.51 -52.44 4.06
C THR D 87 -1.73 -52.76 4.91
N GLY D 88 -1.52 -53.55 5.96
CA GLY D 88 -2.60 -53.86 6.89
C GLY D 88 -3.32 -55.15 6.54
N PRO D 89 -4.20 -55.60 7.45
CA PRO D 89 -5.00 -56.80 7.25
C PRO D 89 -6.18 -56.58 6.31
N ILE D 90 -6.67 -57.66 5.70
CA ILE D 90 -7.89 -57.59 4.91
C ILE D 90 -9.07 -57.64 5.86
N PRO D 91 -9.96 -56.63 5.80
CA PRO D 91 -11.09 -56.47 6.72
C PRO D 91 -11.94 -57.74 6.85
N SER D 92 -12.27 -58.11 8.08
CA SER D 92 -13.00 -59.34 8.34
C SER D 92 -14.49 -59.19 8.05
N ASN D 93 -14.97 -57.96 7.97
CA ASN D 93 -16.39 -57.71 7.75
C ASN D 93 -16.72 -57.49 6.27
N LEU D 94 -15.72 -57.64 5.40
CA LEU D 94 -15.94 -57.54 3.97
C LEU D 94 -16.94 -58.59 3.50
N GLY D 95 -17.12 -59.64 4.30
CA GLY D 95 -18.08 -60.67 4.00
C GLY D 95 -19.50 -60.16 4.01
N ASN D 96 -19.69 -58.97 4.57
CA ASN D 96 -20.99 -58.31 4.57
C ASN D 96 -21.35 -57.79 3.18
N LEU D 97 -20.44 -57.92 2.23
CA LEU D 97 -20.71 -57.50 0.86
C LEU D 97 -21.30 -58.66 0.07
N THR D 98 -22.58 -58.55 -0.28
CA THR D 98 -23.28 -59.64 -0.95
C THR D 98 -22.99 -59.70 -2.44
N ASN D 99 -22.95 -58.55 -3.09
CA ASN D 99 -22.95 -58.49 -4.54
C ASN D 99 -21.55 -58.44 -5.15
N LEU D 100 -20.52 -58.59 -4.32
CA LEU D 100 -19.15 -58.47 -4.81
C LEU D 100 -18.79 -59.65 -5.70
N VAL D 101 -18.51 -59.37 -6.97
CA VAL D 101 -18.08 -60.42 -7.90
C VAL D 101 -16.57 -60.46 -8.11
N SER D 102 -15.88 -59.39 -7.69
CA SER D 102 -14.43 -59.33 -7.89
C SER D 102 -13.69 -58.62 -6.76
N LEU D 103 -12.65 -59.26 -6.26
CA LEU D 103 -11.72 -58.67 -5.31
C LEU D 103 -10.28 -58.91 -5.76
N ASP D 104 -9.60 -57.85 -6.17
CA ASP D 104 -8.19 -57.96 -6.51
C ASP D 104 -7.35 -57.00 -5.66
N LEU D 105 -6.63 -57.56 -4.70
CA LEU D 105 -5.72 -56.80 -3.86
C LEU D 105 -4.26 -56.98 -4.28
N TYR D 106 -4.05 -57.72 -5.36
CA TYR D 106 -2.73 -58.28 -5.68
C TYR D 106 -1.68 -57.21 -5.96
N LEU D 107 -0.41 -57.61 -5.81
CA LEU D 107 0.73 -56.70 -5.91
C LEU D 107 0.60 -55.62 -4.85
N ASN D 108 0.69 -56.03 -3.59
CA ASN D 108 0.56 -55.12 -2.47
C ASN D 108 1.35 -55.56 -1.24
N SER D 109 1.26 -54.76 -0.19
CA SER D 109 1.92 -55.04 1.08
C SER D 109 0.99 -55.73 2.08
N PHE D 110 -0.21 -56.08 1.63
CA PHE D 110 -1.25 -56.65 2.50
C PHE D 110 -0.77 -57.82 3.36
N SER D 111 -1.22 -57.82 4.61
CA SER D 111 -0.85 -58.85 5.57
C SER D 111 -2.08 -59.43 6.27
N GLY D 112 -1.84 -60.30 7.24
CA GLY D 112 -2.92 -60.89 8.01
C GLY D 112 -3.47 -62.18 7.40
N PRO D 113 -4.31 -62.89 8.16
CA PRO D 113 -4.93 -64.13 7.69
C PRO D 113 -6.10 -63.85 6.74
N ILE D 114 -6.43 -64.82 5.89
CA ILE D 114 -7.59 -64.67 5.01
C ILE D 114 -8.88 -64.83 5.79
N PRO D 115 -9.68 -63.76 5.87
CA PRO D 115 -10.92 -63.70 6.65
C PRO D 115 -11.89 -64.82 6.30
N GLU D 116 -12.59 -65.32 7.31
CA GLU D 116 -13.55 -66.40 7.12
C GLU D 116 -14.79 -65.90 6.37
N SER D 117 -15.20 -64.68 6.69
CA SER D 117 -16.44 -64.12 6.16
C SER D 117 -16.43 -63.92 4.65
N LEU D 118 -15.26 -64.05 4.02
CA LEU D 118 -15.21 -63.98 2.57
C LEU D 118 -16.00 -65.14 1.95
N GLY D 119 -16.22 -66.18 2.75
CA GLY D 119 -16.99 -67.32 2.30
C GLY D 119 -18.46 -66.96 2.11
N LYS D 120 -18.81 -65.76 2.55
CA LYS D 120 -20.17 -65.28 2.46
C LYS D 120 -20.42 -64.63 1.12
N LEU D 121 -19.41 -64.61 0.24
CA LEU D 121 -19.65 -64.06 -1.09
C LEU D 121 -20.02 -65.19 -2.05
N SER D 122 -21.28 -65.23 -2.46
CA SER D 122 -21.77 -66.30 -3.32
C SER D 122 -21.44 -66.02 -4.78
N LYS D 123 -21.56 -64.77 -5.18
CA LYS D 123 -21.39 -64.38 -6.58
C LYS D 123 -19.95 -64.01 -6.90
N LEU D 124 -19.06 -64.15 -5.92
CA LEU D 124 -17.66 -63.79 -6.10
C LEU D 124 -17.04 -64.60 -7.22
N ARG D 125 -16.42 -63.91 -8.18
CA ARG D 125 -15.80 -64.57 -9.32
C ARG D 125 -14.27 -64.47 -9.26
N PHE D 126 -13.77 -63.24 -9.34
CA PHE D 126 -12.34 -62.99 -9.36
C PHE D 126 -11.80 -62.72 -7.98
N LEU D 127 -10.81 -63.51 -7.54
CA LEU D 127 -10.04 -63.14 -6.37
C LEU D 127 -8.55 -63.26 -6.65
N ARG D 128 -7.84 -62.13 -6.69
CA ARG D 128 -6.39 -62.22 -6.86
C ARG D 128 -5.60 -61.57 -5.74
N LEU D 129 -4.98 -62.40 -4.91
CA LEU D 129 -4.17 -61.93 -3.80
C LEU D 129 -2.65 -61.97 -4.06
N ASN D 130 -2.26 -62.37 -5.27
CA ASN D 130 -0.85 -62.70 -5.56
C ASN D 130 0.13 -61.58 -5.21
N ASN D 131 1.33 -61.99 -4.83
CA ASN D 131 2.39 -61.07 -4.38
C ASN D 131 2.03 -60.28 -3.13
N ASN D 132 1.57 -60.99 -2.11
CA ASN D 132 1.29 -60.37 -0.82
C ASN D 132 1.99 -61.07 0.34
N SER D 133 1.80 -60.53 1.53
CA SER D 133 2.42 -61.04 2.74
C SER D 133 1.49 -61.95 3.55
N LEU D 134 0.31 -62.21 3.01
CA LEU D 134 -0.74 -62.95 3.71
C LEU D 134 -0.30 -64.31 4.24
N THR D 135 -0.77 -64.66 5.44
CA THR D 135 -0.47 -65.95 6.04
C THR D 135 -1.75 -66.66 6.48
N GLY D 136 -1.60 -67.78 7.18
CA GLY D 136 -2.72 -68.54 7.67
C GLY D 136 -3.21 -69.52 6.62
N SER D 137 -4.18 -70.35 6.99
CA SER D 137 -4.69 -71.35 6.07
C SER D 137 -5.61 -70.77 5.01
N ILE D 138 -5.98 -71.59 4.05
CA ILE D 138 -6.94 -71.21 3.02
C ILE D 138 -8.32 -71.73 3.42
N PRO D 139 -9.26 -70.81 3.70
CA PRO D 139 -10.60 -71.13 4.20
C PRO D 139 -11.30 -72.19 3.38
N MET D 140 -11.98 -73.13 4.04
CA MET D 140 -12.65 -74.21 3.33
C MET D 140 -14.00 -73.76 2.79
N SER D 141 -14.50 -72.64 3.33
CA SER D 141 -15.77 -72.08 2.91
C SER D 141 -15.69 -71.59 1.48
N LEU D 142 -14.46 -71.34 1.02
CA LEU D 142 -14.26 -70.88 -0.35
C LEU D 142 -14.73 -71.95 -1.33
N THR D 143 -14.73 -73.21 -0.90
CA THR D 143 -15.16 -74.29 -1.79
C THR D 143 -16.65 -74.18 -2.04
N ASN D 144 -17.31 -73.61 -1.05
CA ASN D 144 -18.73 -73.41 -1.06
C ASN D 144 -19.14 -72.23 -1.97
N ILE D 145 -18.14 -71.53 -2.53
CA ILE D 145 -18.39 -70.49 -3.55
C ILE D 145 -18.39 -71.10 -4.96
N THR D 146 -19.57 -71.09 -5.59
CA THR D 146 -19.77 -71.78 -6.86
C THR D 146 -19.44 -70.97 -8.10
N THR D 147 -19.26 -69.67 -7.93
CA THR D 147 -19.03 -68.77 -9.05
C THR D 147 -17.55 -68.56 -9.33
N LEU D 148 -16.71 -69.28 -8.61
CA LEU D 148 -15.27 -69.09 -8.70
C LEU D 148 -14.72 -69.56 -10.05
N GLN D 149 -14.01 -68.65 -10.73
CA GLN D 149 -13.47 -68.92 -12.05
C GLN D 149 -11.95 -68.91 -12.08
N VAL D 150 -11.36 -67.74 -11.79
CA VAL D 150 -9.92 -67.55 -11.85
C VAL D 150 -9.31 -67.07 -10.53
N LEU D 151 -8.28 -67.75 -10.07
CA LEU D 151 -7.57 -67.37 -8.84
C LEU D 151 -6.05 -67.55 -8.96
N ASP D 152 -5.29 -66.51 -8.63
CA ASP D 152 -3.82 -66.63 -8.57
C ASP D 152 -3.29 -66.20 -7.20
N LEU D 153 -2.79 -67.16 -6.44
CA LEU D 153 -2.25 -66.91 -5.11
C LEU D 153 -0.73 -66.80 -5.07
N SER D 154 -0.09 -66.86 -6.23
CA SER D 154 1.35 -67.04 -6.33
C SER D 154 2.17 -65.98 -5.60
N ASN D 155 3.35 -66.39 -5.13
CA ASN D 155 4.28 -65.53 -4.41
C ASN D 155 3.69 -64.93 -3.13
N ASN D 156 3.12 -65.78 -2.29
CA ASN D 156 2.60 -65.33 -1.00
C ASN D 156 3.15 -66.20 0.13
N ARG D 157 2.81 -65.84 1.36
CA ARG D 157 3.28 -66.57 2.53
C ARG D 157 2.26 -67.56 3.12
N LEU D 158 1.12 -67.71 2.44
CA LEU D 158 0.03 -68.55 2.92
C LEU D 158 0.48 -69.97 3.23
N SER D 159 -0.13 -70.58 4.25
CA SER D 159 0.31 -71.88 4.74
C SER D 159 -0.83 -72.88 4.92
N GLY D 160 -0.47 -74.15 5.08
CA GLY D 160 -1.44 -75.19 5.38
C GLY D 160 -1.84 -76.06 4.20
N SER D 161 -2.92 -76.83 4.39
CA SER D 161 -3.46 -77.68 3.35
C SER D 161 -4.50 -76.94 2.51
N VAL D 162 -4.52 -77.22 1.22
CA VAL D 162 -5.49 -76.60 0.32
C VAL D 162 -6.57 -77.59 -0.07
N PRO D 163 -7.84 -77.28 0.24
CA PRO D 163 -8.94 -78.19 -0.05
C PRO D 163 -9.13 -78.41 -1.54
N ASP D 164 -9.30 -79.67 -1.94
CA ASP D 164 -9.46 -80.00 -3.35
C ASP D 164 -10.93 -80.09 -3.75
N ASN D 165 -11.82 -79.87 -2.78
CA ASN D 165 -13.24 -79.93 -3.07
C ASN D 165 -13.82 -78.58 -3.50
N GLY D 166 -15.13 -78.61 -3.74
CA GLY D 166 -15.85 -77.41 -4.13
C GLY D 166 -15.28 -76.86 -5.40
N SER D 167 -15.18 -75.54 -5.46
CA SER D 167 -14.69 -74.87 -6.64
C SER D 167 -13.18 -75.01 -6.80
N PHE D 168 -12.46 -75.37 -5.73
CA PHE D 168 -11.00 -75.36 -5.88
C PHE D 168 -10.49 -76.38 -6.91
N SER D 169 -11.34 -77.34 -7.26
CA SER D 169 -10.99 -78.34 -8.26
C SER D 169 -10.77 -77.72 -9.63
N LEU D 170 -11.21 -76.47 -9.78
CA LEU D 170 -11.11 -75.78 -11.05
C LEU D 170 -9.68 -75.28 -11.29
N PHE D 171 -8.81 -75.38 -10.28
CA PHE D 171 -7.56 -74.62 -10.34
C PHE D 171 -6.27 -75.44 -10.39
N THR D 172 -5.21 -74.81 -10.90
CA THR D 172 -3.94 -75.49 -11.15
C THR D 172 -2.79 -74.90 -10.31
N PRO D 173 -1.78 -75.74 -10.01
CA PRO D 173 -0.68 -75.42 -9.10
C PRO D 173 0.04 -74.10 -9.38
N ILE D 174 -0.03 -73.61 -10.62
CA ILE D 174 0.66 -72.37 -10.97
C ILE D 174 0.15 -71.21 -10.10
N SER D 175 -1.07 -71.33 -9.59
CA SER D 175 -1.60 -70.29 -8.72
C SER D 175 -1.02 -70.34 -7.31
N PHE D 176 -0.70 -71.54 -6.85
CA PHE D 176 -0.25 -71.74 -5.47
C PHE D 176 1.27 -71.77 -5.30
N ALA D 177 2.00 -71.55 -6.39
CA ALA D 177 3.46 -71.62 -6.37
C ALA D 177 4.09 -70.53 -5.52
N ASN D 178 5.33 -70.75 -5.11
CA ASN D 178 6.12 -69.79 -4.34
C ASN D 178 5.44 -69.38 -3.04
N ASN D 179 4.91 -70.36 -2.30
CA ASN D 179 4.34 -70.09 -0.99
C ASN D 179 5.25 -70.56 0.14
N LEU D 180 4.79 -70.41 1.38
CA LEU D 180 5.58 -70.80 2.54
C LEU D 180 5.54 -72.32 2.70
N ASP D 181 4.40 -72.83 3.13
CA ASP D 181 4.16 -74.27 3.14
C ASP D 181 2.74 -74.58 2.70
N LEU D 182 2.58 -75.35 1.64
CA LEU D 182 1.26 -75.74 1.18
C LEU D 182 1.26 -77.21 0.77
N CYS D 183 0.24 -77.95 1.21
CA CYS D 183 0.19 -79.38 0.93
C CYS D 183 -1.17 -79.81 0.39
N GLY D 184 -1.16 -80.79 -0.50
CA GLY D 184 -2.37 -81.38 -1.03
C GLY D 184 -2.15 -81.91 -2.43
N PRO D 185 -3.21 -82.49 -3.03
CA PRO D 185 -3.15 -82.94 -4.42
C PRO D 185 -3.02 -81.75 -5.38
N VAL D 186 -3.65 -80.64 -5.01
CA VAL D 186 -3.62 -79.41 -5.78
C VAL D 186 -2.24 -78.76 -5.75
N THR D 187 -1.52 -78.92 -4.63
CA THR D 187 -0.17 -78.37 -4.49
C THR D 187 0.88 -79.30 -5.09
N SER D 188 2.12 -78.82 -5.15
CA SER D 188 3.23 -79.63 -5.65
C SER D 188 3.96 -80.35 -4.50
N HIS D 189 3.48 -80.13 -3.29
CA HIS D 189 4.04 -80.78 -2.11
C HIS D 189 2.97 -81.60 -1.39
N PRO D 190 3.33 -82.84 -0.99
CA PRO D 190 2.38 -83.76 -0.36
C PRO D 190 2.10 -83.44 1.10
N CYS D 191 0.90 -83.79 1.57
CA CYS D 191 0.57 -83.70 2.99
C CYS D 191 1.06 -84.94 3.73
N PRO D 192 1.60 -84.76 4.93
CA PRO D 192 2.09 -85.88 5.76
C PRO D 192 0.97 -86.84 6.15
C1 NAG E . 3.86 9.38 -9.16
C2 NAG E . 2.65 8.89 -8.38
C3 NAG E . 2.58 9.60 -7.03
C4 NAG E . 3.90 9.45 -6.28
C5 NAG E . 5.08 9.83 -7.15
C6 NAG E . 6.42 9.50 -6.52
C7 NAG E . 0.43 8.20 -9.16
C8 NAG E . -0.75 8.56 -9.98
N2 NAG E . 1.43 9.09 -9.14
O3 NAG E . 1.51 9.07 -6.27
O4 NAG E . 3.88 10.27 -5.12
O5 NAG E . 5.05 9.13 -8.40
O6 NAG E . 6.38 8.23 -5.87
O7 NAG E . 0.50 7.14 -8.54
C1 NAG E . 3.96 9.46 -3.93
C2 NAG E . 3.93 10.36 -2.68
C3 NAG E . 4.12 9.52 -1.41
C4 NAG E . 3.17 8.32 -1.39
C5 NAG E . 3.20 7.56 -2.72
C6 NAG E . 2.15 6.49 -2.80
C7 NAG E . 6.21 11.48 -2.83
C8 NAG E . 6.90 10.14 -2.87
N2 NAG E . 4.86 11.48 -2.74
O3 NAG E . 3.88 10.34 -0.26
O4 NAG E . 3.56 7.43 -0.36
O5 NAG E . 2.96 8.47 -3.82
O6 NAG E . 2.52 5.47 -3.73
O7 NAG E . 6.84 12.52 -2.87
C1 BMA E . 2.64 7.50 0.75
C2 BMA E . 2.63 6.12 1.43
C3 BMA E . 1.93 6.16 2.81
C4 BMA E . 2.28 7.42 3.61
C5 BMA E . 2.03 8.65 2.74
C6 BMA E . 2.28 9.96 3.47
O2 BMA E . 3.96 5.67 1.67
O3 BMA E . 2.22 4.99 3.57
O4 BMA E . 1.48 7.49 4.77
O5 BMA E . 2.93 8.57 1.62
O6 BMA E . 1.41 10.93 2.91
C1 MAN E . 1.23 3.99 3.27
C2 MAN E . 1.00 3.16 4.54
C3 MAN E . 2.25 2.34 4.84
C4 MAN E . 2.65 1.50 3.61
C5 MAN E . 2.83 2.42 2.39
C6 MAN E . 3.11 1.66 1.11
O2 MAN E . -0.06 2.21 4.35
O3 MAN E . 2.07 1.50 5.97
O4 MAN E . 3.85 0.80 3.86
O5 MAN E . 1.62 3.18 2.19
O6 MAN E . 3.25 2.61 0.05
C1 NAG F . -5.32 21.36 0.80
C2 NAG F . -4.63 20.03 1.04
C3 NAG F . -3.32 20.22 1.80
C4 NAG F . -2.45 21.29 1.13
C5 NAG F . -3.27 22.55 0.84
C6 NAG F . -2.50 23.57 0.03
C7 NAG F . -5.60 17.81 1.45
C8 NAG F . -6.53 17.01 2.30
N2 NAG F . -5.50 19.11 1.76
O3 NAG F . -2.63 18.98 1.81
O4 NAG F . -1.33 21.68 1.92
O5 NAG F . -4.45 22.23 0.09
O6 NAG F . -1.26 23.05 -0.44
O7 NAG F . -4.97 17.31 0.52
C1 NAG F . -1.33 21.22 3.30
C2 NAG F . -0.15 20.29 3.57
C3 NAG F . 1.04 21.08 4.14
C4 NAG F . 0.97 22.54 3.71
C5 NAG F . -0.28 23.20 4.29
C6 NAG F . -0.74 24.39 3.50
C7 NAG F . -0.27 17.93 4.25
C8 NAG F . -0.73 16.97 5.30
N2 NAG F . -0.52 19.22 4.48
O3 NAG F . 2.26 20.50 3.68
O4 NAG F . 2.12 23.23 4.19
O5 NAG F . -1.38 22.26 4.31
O6 NAG F . -0.78 25.56 4.32
O7 NAG F . 0.31 17.56 3.23
C1 NAG G . 12.79 36.36 36.96
C2 NAG G . 12.90 37.83 36.55
C3 NAG G . 12.26 38.72 37.60
C4 NAG G . 10.84 38.26 37.93
C5 NAG G . 10.83 36.77 38.25
C6 NAG G . 9.44 36.21 38.43
C7 NAG G . 14.83 38.40 35.14
C8 NAG G . 16.27 38.79 35.13
N2 NAG G . 14.29 38.21 36.35
O3 NAG G . 12.23 40.06 37.14
O4 NAG G . 10.35 38.99 39.04
O5 NAG G . 11.43 36.03 37.17
O6 NAG G . 8.88 35.80 37.19
O7 NAG G . 14.18 38.28 34.11
C1 NAG G . 9.18 39.75 38.69
C2 NAG G . 8.53 40.27 39.96
C3 NAG G . 7.22 40.97 39.62
C4 NAG G . 7.45 42.06 38.58
C5 NAG G . 8.20 41.48 37.38
C6 NAG G . 8.59 42.55 36.37
C7 NAG G . 9.15 38.89 41.89
C8 NAG G . 8.77 37.74 42.77
N2 NAG G . 8.30 39.18 40.90
O3 NAG G . 6.69 41.52 40.82
O4 NAG G . 6.20 42.58 38.12
O5 NAG G . 9.42 40.85 37.80
O6 NAG G . 9.40 43.55 36.96
O7 NAG G . 10.20 39.52 42.06
C1 BMA G . 5.81 43.70 38.94
C2 BMA G . 5.06 44.74 38.09
C3 BMA G . 4.41 45.83 38.98
C4 BMA G . 3.79 45.27 40.29
C5 BMA G . 4.77 44.31 40.98
C6 BMA G . 4.24 43.65 42.23
O2 BMA G . 4.01 44.12 37.36
O3 BMA G . 3.46 46.59 38.25
O4 BMA G . 3.49 46.37 41.16
O5 BMA G . 5.05 43.27 40.05
O6 BMA G . 5.33 43.09 42.94
C1 MAN G . 4.18 47.37 37.26
C2 MAN G . 3.77 48.85 37.39
C3 MAN G . 2.35 49.02 36.86
C4 MAN G . 2.22 48.42 35.44
C5 MAN G . 2.67 46.94 35.46
C6 MAN G . 2.66 46.30 34.09
O2 MAN G . 4.60 49.69 36.58
O3 MAN G . 1.95 50.39 36.85
O4 MAN G . 0.88 48.51 34.99
O5 MAN G . 4.01 46.87 35.98
O6 MAN G . 3.93 45.67 33.90
C1 MAN G . 2.09 46.37 41.53
C2 MAN G . 2.02 46.27 43.08
C3 MAN G . 0.61 46.04 43.61
C4 MAN G . -0.36 45.56 42.52
C5 MAN G . 0.38 44.61 41.58
C6 MAN G . -0.54 43.95 40.58
O2 MAN G . 2.46 47.50 43.68
O3 MAN G . 0.09 47.19 44.27
O4 MAN G . -1.46 44.87 43.12
O5 MAN G . 1.35 45.38 40.82
O6 MAN G . -0.90 44.92 39.59
C1 NAG H . 1.27 -10.67 7.47
C2 NAG H . 0.45 -9.44 7.15
C3 NAG H . -0.58 -9.76 6.08
C4 NAG H . 0.10 -10.38 4.86
C5 NAG H . 1.02 -11.54 5.27
C6 NAG H . 1.87 -12.03 4.12
C7 NAG H . -0.19 -7.63 8.69
C8 NAG H . -0.92 -7.28 9.96
N2 NAG H . -0.21 -8.92 8.35
O3 NAG H . -1.26 -8.57 5.70
O4 NAG H . -0.90 -10.89 3.97
O5 NAG H . 1.93 -11.11 6.29
O6 NAG H . 2.39 -10.95 3.35
O7 NAG H . 0.38 -6.78 8.02
C1 NAG H . -0.88 -10.17 2.73
C2 NAG H . -1.89 -10.82 1.76
C3 NAG H . -1.86 -10.12 0.40
C4 NAG H . -1.96 -8.61 0.54
C5 NAG H . -0.97 -8.10 1.60
C6 NAG H . -1.15 -6.63 1.89
C7 NAG H . -0.72 -13.00 1.19
C8 NAG H . 0.51 -12.25 0.72
N2 NAG H . -1.76 -12.27 1.65
O3 NAG H . -2.94 -10.61 -0.40
O4 NAG H . -1.65 -8.01 -0.70
O5 NAG H . -1.15 -8.79 2.84
O6 NAG H . -1.20 -6.39 3.30
O7 NAG H . -0.77 -14.22 1.17
C1 BMA H . -2.82 -7.50 -1.36
C2 BMA H . -2.35 -6.31 -2.21
C3 BMA H . -3.45 -5.81 -3.15
C4 BMA H . -4.19 -6.96 -3.85
C5 BMA H . -4.64 -8.00 -2.82
C6 BMA H . -5.36 -9.17 -3.45
O2 BMA H . -1.27 -6.69 -3.04
O3 BMA H . -2.93 -4.90 -4.12
O4 BMA H . -5.31 -6.46 -4.55
O5 BMA H . -3.48 -8.48 -2.13
O6 BMA H . -5.85 -10.01 -2.40
C1 MAN H . -2.76 -3.57 -3.58
C2 MAN H . -2.86 -2.58 -4.74
C3 MAN H . -1.70 -2.82 -5.69
C4 MAN H . -0.36 -2.71 -4.93
C5 MAN H . -0.36 -3.64 -3.70
C6 MAN H . 0.84 -3.44 -2.79
O2 MAN H . -2.71 -1.23 -4.28
O3 MAN H . -1.72 -1.93 -6.79
O4 MAN H . 0.71 -3.07 -5.79
O5 MAN H . -1.54 -3.41 -2.91
O6 MAN H . 0.62 -4.16 -1.59
C1 NAG I . -16.09 -13.07 4.70
C2 NAG I . -15.09 -12.35 3.82
C3 NAG I . -15.04 -13.01 2.44
C4 NAG I . -14.82 -14.51 2.56
C5 NAG I . -15.73 -15.14 3.61
C6 NAG I . -15.34 -16.56 3.96
C7 NAG I . -14.51 -9.99 3.50
C8 NAG I . -15.01 -8.58 3.40
N2 NAG I . -15.42 -10.94 3.70
O3 NAG I . -13.98 -12.41 1.69
O4 NAG I . -15.16 -15.10 1.30
O5 NAG I . -15.70 -14.40 4.84
O6 NAG I . -14.15 -16.59 4.72
O7 NAG I . -13.30 -10.25 3.41
C1 NAG I . -14.15 -15.90 0.63
C2 NAG I . -12.83 -15.24 0.27
C3 NAG I . -12.04 -16.14 -0.69
C4 NAG I . -11.97 -17.57 -0.18
C5 NAG I . -13.32 -18.07 0.37
C6 NAG I . -13.20 -19.37 1.13
C7 NAG I . -12.12 -12.99 -0.45
C8 NAG I . -12.54 -11.71 -1.10
N2 NAG I . -13.06 -13.93 -0.34
O3 NAG I . -10.73 -15.62 -0.85
O4 NAG I . -11.65 -18.43 -1.25
O5 NAG I . -13.90 -17.12 1.27
O6 NAG I . -14.04 -19.38 2.28
O7 NAG I . -10.98 -13.16 -0.02
C1 BMA I . -10.33 -19.03 -1.29
C2 BMA I . -9.30 -18.52 -0.27
C3 BMA I . -7.95 -19.09 -0.69
C4 BMA I . -8.02 -20.62 -0.76
C5 BMA I . -9.16 -21.08 -1.69
C6 BMA I . -9.38 -22.58 -1.69
O2 BMA I . -9.54 -19.05 1.02
O3 BMA I . -6.91 -18.67 0.18
O4 BMA I . -6.79 -21.16 -1.22
O5 BMA I . -10.39 -20.45 -1.28
O6 BMA I . -8.37 -23.19 -2.49
C1 NAG J . -26.97 -32.02 -33.21
C2 NAG J . -27.66 -33.09 -32.37
C3 NAG J . -28.98 -33.48 -33.01
C4 NAG J . -29.84 -32.24 -33.22
C5 NAG J . -29.06 -31.17 -33.98
C6 NAG J . -29.81 -29.85 -34.05
C7 NAG J . -26.45 -34.75 -31.02
C8 NAG J . -25.57 -35.96 -31.03
N2 NAG J . -26.81 -34.27 -32.22
O3 NAG J . -29.66 -34.41 -32.16
O4 NAG J . -31.02 -32.58 -33.94
O5 NAG J . -27.82 -30.90 -33.32
O6 NAG J . -30.21 -29.41 -32.75
O7 NAG J . -26.83 -34.24 -29.97
C1 NAG J . -32.12 -32.50 -33.02
C2 NAG J . -33.39 -32.07 -33.73
C3 NAG J . -34.49 -31.83 -32.71
C4 NAG J . -34.63 -33.00 -31.74
C5 NAG J . -33.28 -33.46 -31.21
C6 NAG J . -33.34 -34.76 -30.44
C7 NAG J . -33.28 -30.91 -35.89
C8 NAG J . -33.02 -29.61 -36.57
N2 NAG J . -33.17 -30.90 -34.55
O3 NAG J . -35.72 -31.60 -33.39
O4 NAG J . -35.40 -32.59 -30.61
O5 NAG J . -32.35 -33.67 -32.29
O6 NAG J . -33.91 -35.80 -31.22
O7 NAG J . -33.57 -31.93 -36.50
C1 BMA J . -36.80 -32.82 -30.84
C2 BMA J . -37.32 -33.74 -29.75
C3 BMA J . -38.87 -33.76 -29.71
C4 BMA J . -39.65 -32.67 -30.52
C5 BMA J . -38.77 -31.79 -31.44
C6 BMA J . -39.39 -30.41 -31.66
O2 BMA J . -36.88 -33.29 -28.48
O3 BMA J . -39.31 -33.73 -28.35
O4 BMA J . -40.65 -33.29 -31.31
O5 BMA J . -37.51 -31.63 -30.86
O6 BMA J . -38.76 -29.82 -32.78
C1 MAN J . -39.37 -35.07 -27.84
C2 MAN J . -40.77 -35.26 -27.28
C3 MAN J . -40.95 -34.27 -26.14
C4 MAN J . -39.86 -34.47 -25.07
C5 MAN J . -38.46 -34.39 -25.72
C6 MAN J . -37.35 -34.80 -24.78
O2 MAN J . -40.92 -36.55 -26.68
O3 MAN J . -42.24 -34.36 -25.55
O4 MAN J . -39.98 -33.49 -24.06
O5 MAN J . -38.40 -35.28 -26.86
O6 MAN J . -36.11 -34.59 -25.43
C1 NAG K . -10.77 -34.94 -47.89
C2 NAG K . -9.89 -35.38 -49.03
C3 NAG K . -9.66 -34.22 -50.00
C4 NAG K . -11.00 -33.61 -50.42
C5 NAG K . -11.88 -33.31 -49.20
C6 NAG K . -13.27 -32.89 -49.57
C7 NAG K . -8.15 -37.11 -48.84
C8 NAG K . -6.82 -37.46 -48.25
N2 NAG K . -8.61 -35.89 -48.54
O3 NAG K . -8.97 -34.70 -51.14
O4 NAG K . -10.76 -32.38 -51.11
O5 NAG K . -12.00 -34.48 -48.39
O6 NAG K . -14.19 -33.08 -48.49
O7 NAG K . -8.78 -37.89 -49.55
C1 NAG K . -10.73 -32.57 -52.54
C2 NAG K . -11.17 -31.28 -53.23
C3 NAG K . -11.13 -31.46 -54.75
C4 NAG K . -9.76 -31.97 -55.18
C5 NAG K . -9.39 -33.23 -54.40
C6 NAG K . -8.01 -33.74 -54.71
C7 NAG K . -12.72 -30.22 -51.66
C8 NAG K . -14.15 -29.87 -51.37
N2 NAG K . -12.49 -30.88 -52.80
O3 NAG K . -11.40 -30.21 -55.37
O4 NAG K . -9.77 -32.28 -56.57
O5 NAG K . -9.44 -32.96 -52.99
O6 NAG K . -7.88 -35.13 -54.44
O7 NAG K . -11.82 -29.93 -50.88
C01 BLD L . 20.48 38.16 13.31
C02 BLD L . 20.86 39.59 12.97
O02 BLD L . 21.00 39.66 11.56
C03 BLD L . 19.81 40.62 13.42
O03 BLD L . 18.62 40.39 12.70
C04 BLD L . 19.51 40.46 14.89
C05 BLD L . 18.97 39.08 15.19
C06 BLD L . 18.70 38.98 16.70
O06 BLD L . 18.40 40.33 17.18
C07 BLD L . 17.28 37.34 16.20
O07 BLD L . 17.72 38.19 17.08
C08 BLD L . 18.26 36.25 15.84
C09 BLD L . 19.10 36.58 14.62
C10 BLD L . 19.88 37.95 14.70
C11 BLD L . 20.10 35.33 14.37
C12 BLD L . 19.36 34.01 14.19
C13 BLD L . 18.29 33.75 15.26
C14 BLD L . 17.43 34.97 15.47
C15 BLD L . 16.57 34.59 16.56
C16 BLD L . 16.19 33.10 16.11
C17 BLD L . 17.19 32.73 15.03
C18 BLD L . 19.02 33.41 16.56
C19 BLD L . 21.08 37.78 15.74
C20 BLD L . 17.52 31.29 15.15
C21 BLD L . 18.46 30.78 14.05
C22 BLD L . 16.19 30.54 14.99
O22 BLD L . 15.58 30.96 13.86
C23 BLD L . 16.36 29.01 14.89
O23 BLD L . 15.27 28.49 14.23
C24 BLD L . 16.45 28.41 16.30
C25 BLD L . 16.45 26.85 16.21
C26 BLD L . 17.44 26.34 15.11
C27 BLD L . 16.77 26.23 17.59
C28 BLD L . 15.30 28.84 17.10
C1 NAG M . 24.97 11.79 -16.03
C2 NAG M . 25.38 13.25 -16.18
C3 NAG M . 26.80 13.32 -16.70
C4 NAG M . 27.74 12.53 -15.78
C5 NAG M . 27.18 11.13 -15.47
C6 NAG M . 27.95 10.44 -14.36
C7 NAG M . 23.76 15.04 -16.56
C8 NAG M . 22.85 15.70 -17.55
N2 NAG M . 24.46 13.99 -17.01
O3 NAG M . 27.23 14.68 -16.77
O4 NAG M . 29.01 12.38 -16.40
O5 NAG M . 25.80 11.17 -15.07
O6 NAG M . 29.20 11.06 -14.14
O7 NAG M . 23.87 15.45 -15.41
C1 NAG N . 32.06 27.23 44.30
C2 NAG N . 33.31 26.36 44.46
C3 NAG N . 33.15 25.48 45.68
C4 NAG N . 33.03 26.37 46.91
C5 NAG N . 31.88 27.37 46.75
C6 NAG N . 31.93 28.44 47.82
C7 NAG N . 34.82 25.47 42.73
C8 NAG N . 34.98 24.60 41.55
N2 NAG N . 33.58 25.55 43.27
O3 NAG N . 34.26 24.59 45.81
O4 NAG N . 32.87 25.59 48.08
O5 NAG N . 31.91 28.05 45.48
O6 NAG N . 31.04 29.52 47.59
O7 NAG N . 35.77 26.11 43.15
C01 BLD O . -12.89 -40.55 -14.62
C02 BLD O . -13.24 -42.01 -14.41
O02 BLD O . -12.47 -42.51 -13.34
C03 BLD O . -14.72 -42.17 -14.08
O03 BLD O . -15.02 -41.44 -12.92
C04 BLD O . -15.58 -41.66 -15.23
C05 BLD O . -15.32 -40.17 -15.43
C06 BLD O . -16.12 -39.69 -16.67
O06 BLD O . -17.23 -40.61 -16.89
C07 BLD O . -16.04 -37.67 -15.73
O07 BLD O . -16.59 -38.46 -16.61
C08 BLD O . -14.61 -37.33 -15.99
C09 BLD O . -13.61 -38.26 -15.28
C10 BLD O . -13.83 -39.80 -15.57
C11 BLD O . -12.14 -37.78 -15.68
C12 BLD O . -11.89 -36.33 -15.32
C13 BLD O . -12.97 -35.37 -15.83
C14 BLD O . -14.33 -35.88 -15.44
C15 BLD O . -15.22 -34.93 -16.03
C16 BLD O . -14.47 -33.56 -15.67
C17 BLD O . -13.06 -33.95 -15.29
C18 BLD O . -12.87 -35.33 -17.35
C19 BLD O . -13.37 -40.07 -17.08
C20 BLD O . -12.09 -32.95 -15.84
C21 BLD O . -10.64 -33.22 -15.45
C22 BLD O . -12.47 -31.57 -15.24
O22 BLD O . -12.64 -31.71 -13.90
C23 BLD O . -11.38 -30.53 -15.47
O23 BLD O . -11.46 -29.57 -14.47
C24 BLD O . -11.57 -29.84 -16.83
C25 BLD O . -10.54 -28.69 -17.01
C26 BLD O . -9.10 -29.15 -16.61
C27 BLD O . -10.58 -28.15 -18.45
C28 BLD O . -12.93 -29.28 -16.92
C1 NAG P . 16.91 -25.93 6.23
C2 NAG P . 16.51 -27.37 6.58
C3 NAG P . 17.75 -28.26 6.63
C4 NAG P . 18.54 -28.14 5.33
C5 NAG P . 18.85 -26.68 5.02
C6 NAG P . 19.53 -26.49 3.69
C7 NAG P . 14.52 -27.82 7.94
C8 NAG P . 13.93 -27.82 9.32
N2 NAG P . 15.79 -27.42 7.84
O3 NAG P . 17.37 -29.61 6.85
O4 NAG P . 19.75 -28.87 5.42
O5 NAG P . 17.63 -25.92 4.99
O6 NAG P . 19.76 -27.72 3.04
O7 NAG P . 13.86 -28.15 6.96
C1 NAG Q . 34.61 35.66 -5.38
C2 NAG Q . 35.00 34.60 -6.40
C3 NAG Q . 35.09 33.21 -5.73
C4 NAG Q . 35.97 33.24 -4.48
C5 NAG Q . 35.43 34.31 -3.53
C6 NAG Q . 36.17 34.39 -2.21
C7 NAG Q . 34.28 34.11 -8.70
C8 NAG Q . 33.17 34.21 -9.66
N2 NAG Q . 34.02 34.59 -7.47
O3 NAG Q . 35.51 32.20 -6.66
O4 NAG Q . 35.94 31.98 -3.82
O5 NAG Q . 35.50 35.59 -4.19
O6 NAG Q . 36.14 35.69 -1.64
O7 NAG Q . 35.37 33.61 -8.98
C1 NAG R . 43.29 45.95 -2.75
C2 NAG R . 43.59 44.64 -2.02
C3 NAG R . 45.10 44.37 -2.03
C4 NAG R . 45.63 44.41 -3.46
C5 NAG R . 45.24 45.73 -4.12
C6 NAG R . 45.64 45.79 -5.57
C7 NAG R . 42.59 43.58 -0.05
C8 NAG R . 42.12 43.78 1.36
N2 NAG R . 43.09 44.67 -0.65
O3 NAG R . 45.35 43.10 -1.44
O4 NAG R . 47.05 44.29 -3.45
O5 NAG R . 43.81 45.90 -4.08
O6 NAG R . 44.69 46.51 -6.35
O7 NAG R . 42.52 42.49 -0.60
C1 NAG S . 5.45 -59.98 -7.70
C2 NAG S . 6.90 -59.56 -7.51
C3 NAG S . 7.53 -59.17 -8.85
C4 NAG S . 7.31 -60.27 -9.88
C5 NAG S . 5.83 -60.59 -9.98
C6 NAG S . 5.50 -61.71 -10.94
C7 NAG S . 8.08 -58.30 -5.76
C8 NAG S . 8.04 -57.11 -4.85
N2 NAG S . 7.02 -58.46 -6.56
O3 NAG S . 8.92 -58.93 -8.69
O4 NAG S . 7.79 -59.86 -11.16
O5 NAG S . 5.36 -61.00 -8.69
O6 NAG S . 4.10 -61.92 -11.05
O7 NAG S . 9.02 -59.08 -5.76
C1 NAG T . -20.74 -75.82 2.04
C2 NAG T . -21.64 -76.92 2.79
C3 NAG T . -23.07 -77.01 2.22
C4 NAG T . -23.62 -75.69 1.69
C5 NAG T . -22.60 -75.13 0.75
C6 NAG T . -23.10 -73.93 -0.04
C7 NAG T . -19.78 -78.60 2.97
C8 NAG T . -19.48 -80.08 2.81
N2 NAG T . -21.05 -78.24 2.72
O3 NAG T . -23.88 -77.44 3.31
O4 NAG T . -24.89 -75.89 1.09
O5 NAG T . -21.57 -74.71 1.63
O6 NAG T . -24.21 -74.28 -0.85
O7 NAG T . -18.96 -77.80 3.32
#